data_7W54
#
_entry.id   7W54
#
_cell.length_a   73.650
_cell.length_b   126.090
_cell.length_c   207.090
_cell.angle_alpha   90.000
_cell.angle_beta   90.000
_cell.angle_gamma   90.000
#
_symmetry.space_group_name_H-M   'P 21 21 21'
#
loop_
_entity.id
_entity.type
_entity.pdbx_description
1 polymer Lpg2248
2 polymer Polyubiquitin-B
3 non-polymer prop-2-en-1-amine
4 water water
#
loop_
_entity_poly.entity_id
_entity_poly.type
_entity_poly.pdbx_seq_one_letter_code
_entity_poly.pdbx_strand_id
1 'polypeptide(L)'
;(MSE)AKTIKATGDGACLFNAVSIGLSVEILSGRLDSQLDTPGYQALLDEFAKHHPQFNPKSWKTLKEWLAYYNDTRDIE
LILAPVLFNLNQKYQDHLDEEILNELTNLVWKNKANIENGQAWFQLQNTGDLGEALFPKLENLDLKKDRAPLLDKLREIL
KDYKLELTRENVKQFLTEKAKELLSALKKKISSDPHAFQRGYSCDELKG(MSE)TDALAISLVENREEDITDNRIKIRLE
NQEEHWNVLCNEEDSERFLDSTPSRLK(MSE)TSLEAYRGDKQVSAPTSEQLDLIEEPGVFLRERTIDNPGLGNCAFYAF
AIGLVNIIQEEAKYNRRT(MSE)FDRWVGLDRSISGQYDEILKLNLEDPDKELLDRLQSSLRIVTYQYQIRELRNVCVFR
NGNYNRLTGNSNFVNFAALYYGDPLDTDSRFNPFADSVPILIK(MSE)ANIDRDSVHPGHENDVLVPLFLDLLYGDTTNP
ADITLETEPKSDSPIITA(MSE)NNITQDFFWGTHLDLNYLAEAFEVNLHVLRNNSPIQEFVDIP
;
A,B
2 'polypeptide(L)' MQIFVKTLTGKTITLEVEPSDTIENVKAKIQDKEGIPPDQQRLIFAGKQLEDGRTLSDYNIQKESTLHLVLRLRG C,D,E,F
#
loop_
_chem_comp.id
_chem_comp.type
_chem_comp.name
_chem_comp.formula
AYE non-polymer prop-2-en-1-amine 'C3 H7 N'
#
# COMPACT_ATOMS: atom_id res chain seq x y z
N ALA A 2 1.65 34.45 24.97
CA ALA A 2 1.66 33.00 24.99
C ALA A 2 0.86 32.43 23.82
N LYS A 3 1.54 31.74 22.91
CA LYS A 3 0.93 31.21 21.70
C LYS A 3 0.79 29.70 21.79
N THR A 4 -0.27 29.19 21.16
CA THR A 4 -0.50 27.75 21.09
C THR A 4 0.11 27.20 19.81
N ILE A 5 1.10 26.33 19.96
CA ILE A 5 1.67 25.59 18.84
C ILE A 5 0.87 24.30 18.66
N LYS A 6 0.46 24.06 17.40
CA LYS A 6 -0.47 23.01 17.04
C LYS A 6 0.27 21.73 16.73
N ALA A 7 -0.14 20.64 17.38
CA ALA A 7 0.43 19.33 17.15
C ALA A 7 -0.48 18.52 16.25
N THR A 8 0.14 17.69 15.40
CA THR A 8 -0.61 16.82 14.50
C THR A 8 -1.58 15.96 15.28
N GLY A 9 -2.84 15.93 14.83
CA GLY A 9 -3.85 15.12 15.47
C GLY A 9 -3.95 13.72 14.88
N ASP A 10 -2.91 12.91 15.09
CA ASP A 10 -2.90 11.53 14.62
C ASP A 10 -3.18 10.53 15.73
N GLY A 11 -3.59 10.99 16.91
CA GLY A 11 -3.78 10.15 18.06
C GLY A 11 -2.64 10.18 19.05
N ALA A 12 -1.43 10.51 18.59
CA ALA A 12 -0.28 10.71 19.44
C ALA A 12 -0.01 12.19 19.70
N CYS A 13 -1.07 13.00 19.76
CA CYS A 13 -0.90 14.44 19.94
C CYS A 13 -0.18 14.77 21.24
N LEU A 14 -0.29 13.91 22.25
CA LEU A 14 0.47 14.13 23.47
C LEU A 14 1.97 13.99 23.21
N PHE A 15 2.36 12.93 22.49
CA PHE A 15 3.77 12.75 22.15
C PHE A 15 4.25 13.82 21.17
N ASN A 16 3.38 14.29 20.27
CA ASN A 16 3.77 15.35 19.35
C ASN A 16 4.01 16.65 20.11
N ALA A 17 3.05 17.06 20.93
CA ALA A 17 3.19 18.30 21.70
C ALA A 17 4.41 18.25 22.59
N VAL A 18 4.59 17.14 23.32
CA VAL A 18 5.75 17.03 24.20
C VAL A 18 7.04 17.03 23.38
N SER A 19 7.00 16.44 22.18
CA SER A 19 8.17 16.48 21.30
C SER A 19 8.54 17.92 20.95
N ILE A 20 7.53 18.75 20.67
CA ILE A 20 7.80 20.14 20.30
C ILE A 20 8.36 20.92 21.48
N GLY A 21 7.65 20.89 22.62
CA GLY A 21 8.12 21.63 23.79
C GLY A 21 9.49 21.18 24.25
N LEU A 22 9.68 19.87 24.38
CA LEU A 22 11.00 19.36 24.74
C LEU A 22 12.04 19.77 23.71
N SER A 23 11.66 19.88 22.44
CA SER A 23 12.60 20.33 21.43
C SER A 23 13.08 21.75 21.71
N VAL A 24 12.15 22.68 21.97
CA VAL A 24 12.60 24.04 22.30
C VAL A 24 13.47 24.01 23.54
N GLU A 25 13.18 23.12 24.50
CA GLU A 25 14.00 23.11 25.71
C GLU A 25 15.41 22.60 25.42
N ILE A 26 15.53 21.60 24.55
CA ILE A 26 16.85 21.04 24.23
C ILE A 26 17.71 22.07 23.52
N LEU A 27 17.17 22.69 22.47
CA LEU A 27 17.98 23.70 21.76
C LEU A 27 18.23 24.92 22.65
N SER A 28 17.22 25.31 23.43
CA SER A 28 17.25 26.45 24.33
C SER A 28 18.32 26.33 25.41
N GLY A 29 18.94 25.16 25.56
CA GLY A 29 20.04 24.98 26.48
C GLY A 29 19.66 24.71 27.91
N ARG A 30 18.40 24.89 28.29
CA ARG A 30 18.01 24.77 29.69
C ARG A 30 18.13 23.36 30.23
N LEU A 31 18.23 22.35 29.35
CA LEU A 31 18.40 20.97 29.75
C LEU A 31 19.84 20.47 29.56
N ASP A 32 20.80 21.38 29.46
CA ASP A 32 22.19 20.95 29.35
C ASP A 32 22.72 20.41 30.68
N SER A 33 22.08 20.77 31.79
CA SER A 33 22.47 20.20 33.08
C SER A 33 22.01 18.75 33.20
N GLN A 34 20.75 18.48 32.87
CA GLN A 34 20.18 17.14 32.97
C GLN A 34 20.64 16.20 31.87
N LEU A 35 21.50 16.68 30.95
CA LEU A 35 21.72 15.94 29.71
C LEU A 35 22.50 14.65 29.92
N ASP A 36 23.39 14.60 30.91
CA ASP A 36 24.19 13.39 31.13
C ASP A 36 23.53 12.41 32.10
N THR A 37 22.37 12.76 32.65
CA THR A 37 21.64 11.93 33.61
C THR A 37 21.17 10.62 32.96
N PRO A 38 20.65 9.65 33.73
CA PRO A 38 20.17 8.41 33.10
C PRO A 38 19.04 8.62 32.11
N GLY A 39 18.14 9.56 32.39
CA GLY A 39 16.97 9.73 31.53
C GLY A 39 17.35 10.21 30.15
N TYR A 40 18.21 11.22 30.06
CA TYR A 40 18.61 11.75 28.76
C TYR A 40 19.64 10.88 28.06
N GLN A 41 20.36 10.04 28.81
CA GLN A 41 21.15 8.99 28.17
C GLN A 41 20.25 7.95 27.54
N ALA A 42 19.13 7.62 28.19
CA ALA A 42 18.15 6.74 27.58
C ALA A 42 17.50 7.39 26.37
N LEU A 43 17.18 8.68 26.46
CA LEU A 43 16.64 9.41 25.32
C LEU A 43 17.60 9.33 24.13
N LEU A 44 18.87 9.66 24.36
CA LEU A 44 19.86 9.55 23.30
C LEU A 44 19.89 8.14 22.72
N ASP A 45 19.94 7.14 23.59
CA ASP A 45 20.06 5.76 23.14
C ASP A 45 18.88 5.35 22.27
N GLU A 46 17.67 5.78 22.65
CA GLU A 46 16.50 5.47 21.84
C GLU A 46 16.52 6.24 20.52
N PHE A 47 17.03 7.47 20.53
CA PHE A 47 17.14 8.23 19.29
C PHE A 47 18.07 7.53 18.30
N ALA A 48 19.24 7.09 18.78
CA ALA A 48 20.15 6.36 17.90
C ALA A 48 19.59 5.00 17.52
N LYS A 49 18.79 4.39 18.40
CA LYS A 49 18.14 3.12 18.08
C LYS A 49 17.11 3.28 16.97
N HIS A 50 16.46 4.44 16.90
CA HIS A 50 15.41 4.66 15.91
C HIS A 50 15.95 5.13 14.57
N HIS A 51 17.04 5.90 14.56
CA HIS A 51 17.54 6.50 13.33
C HIS A 51 18.90 5.90 12.95
N PRO A 52 18.94 4.96 12.01
CA PRO A 52 20.21 4.32 11.65
C PRO A 52 21.26 5.28 11.11
N GLN A 53 20.87 6.49 10.69
CA GLN A 53 21.81 7.47 10.17
C GLN A 53 22.16 8.55 11.18
N PHE A 54 21.73 8.39 12.43
CA PHE A 54 22.22 9.20 13.55
C PHE A 54 23.65 8.73 13.84
N ASN A 55 24.58 9.20 13.00
CA ASN A 55 25.87 8.53 12.88
C ASN A 55 26.76 8.73 14.12
N PRO A 56 27.10 10.00 14.50
CA PRO A 56 27.82 10.06 15.77
C PRO A 56 26.81 10.03 16.89
N LYS A 57 26.94 9.09 17.80
CA LYS A 57 26.01 9.01 18.92
C LYS A 57 26.35 10.00 20.00
N SER A 58 25.83 11.20 19.90
CA SER A 58 26.13 12.22 20.87
C SER A 58 25.00 13.20 20.85
N TRP A 59 24.98 14.11 21.80
CA TRP A 59 23.96 15.11 21.78
C TRP A 59 24.32 16.19 20.83
N LYS A 60 25.60 16.47 20.63
CA LYS A 60 25.96 17.36 19.52
C LYS A 60 25.12 17.03 18.30
N THR A 61 25.12 15.76 17.89
CA THR A 61 24.36 15.34 16.72
C THR A 61 22.86 15.54 16.91
N LEU A 62 22.34 15.22 18.10
CA LEU A 62 20.91 15.32 18.32
C LEU A 62 20.44 16.77 18.20
N LYS A 63 21.17 17.70 18.81
CA LYS A 63 20.82 19.11 18.67
C LYS A 63 20.95 19.56 17.22
N GLU A 64 21.95 19.05 16.50
CA GLU A 64 22.00 19.26 15.05
C GLU A 64 20.67 18.87 14.41
N TRP A 65 20.22 17.65 14.69
CA TRP A 65 19.01 17.14 14.05
C TRP A 65 17.79 18.00 14.37
N LEU A 66 17.64 18.39 15.64
CA LEU A 66 16.50 19.22 16.00
C LEU A 66 16.60 20.60 15.35
N ALA A 67 17.82 21.05 15.02
CA ALA A 67 17.98 22.35 14.38
C ALA A 67 17.70 22.26 12.87
N TYR A 68 18.17 21.20 12.22
CA TYR A 68 17.98 21.03 10.79
C TYR A 68 16.51 20.73 10.47
N TYR A 69 15.95 19.73 11.13
CA TYR A 69 14.55 19.34 10.93
C TYR A 69 13.67 20.12 11.91
N ASN A 70 13.63 21.42 11.73
CA ASN A 70 13.01 22.31 12.69
C ASN A 70 11.54 22.61 12.41
N ASP A 71 10.99 22.09 11.31
CA ASP A 71 9.55 22.14 11.12
C ASP A 71 8.88 21.33 12.23
N THR A 72 7.79 21.87 12.79
CA THR A 72 7.13 21.19 13.90
C THR A 72 6.68 19.79 13.51
N ARG A 73 6.22 19.62 12.26
CA ARG A 73 5.90 18.28 11.78
C ARG A 73 7.16 17.44 11.61
N ASP A 74 8.25 18.05 11.15
CA ASP A 74 9.52 17.34 11.11
C ASP A 74 9.94 16.90 12.51
N ILE A 75 9.76 17.77 13.50
CA ILE A 75 10.10 17.43 14.87
C ILE A 75 9.27 16.24 15.33
N GLU A 76 7.94 16.32 15.19
CA GLU A 76 7.09 15.18 15.54
C GLU A 76 7.56 13.91 14.86
N LEU A 77 7.86 14.01 13.56
CA LEU A 77 8.23 12.83 12.78
C LEU A 77 9.53 12.20 13.27
N ILE A 78 10.48 13.00 13.75
CA ILE A 78 11.77 12.44 14.16
C ILE A 78 11.91 12.18 15.66
N LEU A 79 11.06 12.78 16.48
CA LEU A 79 11.20 12.71 17.94
C LEU A 79 10.02 12.03 18.63
N ALA A 80 8.80 12.23 18.13
CA ALA A 80 7.64 11.58 18.75
C ALA A 80 7.76 10.06 18.78
N PRO A 81 8.20 9.37 17.71
CA PRO A 81 8.43 7.92 17.85
C PRO A 81 9.51 7.59 18.86
N VAL A 82 10.53 8.45 19.00
CA VAL A 82 11.58 8.21 19.97
C VAL A 82 11.03 8.34 21.39
N LEU A 83 10.24 9.39 21.64
CA LEU A 83 9.61 9.53 22.95
C LEU A 83 8.66 8.39 23.23
N PHE A 84 7.94 7.92 22.20
CA PHE A 84 7.04 6.78 22.37
C PHE A 84 7.81 5.55 22.81
N ASN A 85 8.84 5.19 22.04
CA ASN A 85 9.71 4.07 22.41
C ASN A 85 10.22 4.21 23.84
N LEU A 86 10.78 5.39 24.18
CA LEU A 86 11.33 5.57 25.52
C LEU A 86 10.25 5.45 26.58
N ASN A 87 9.03 5.88 26.27
CA ASN A 87 7.93 5.76 27.22
C ASN A 87 7.63 4.30 27.53
N GLN A 88 7.75 3.43 26.52
CA GLN A 88 7.48 2.01 26.78
C GLN A 88 8.41 1.45 27.85
N LYS A 89 9.63 1.98 27.95
CA LYS A 89 10.58 1.52 28.95
C LYS A 89 10.17 1.86 30.39
N TYR A 90 9.05 2.56 30.59
CA TYR A 90 8.61 2.93 31.93
C TYR A 90 7.24 2.39 32.29
N GLN A 91 6.58 1.65 31.41
CA GLN A 91 5.35 0.97 31.78
C GLN A 91 5.68 -0.25 32.64
N ASP A 92 4.81 -0.53 33.62
CA ASP A 92 5.15 -1.51 34.65
C ASP A 92 4.24 -2.72 34.68
N HIS A 93 2.91 -2.53 34.73
CA HIS A 93 1.98 -3.62 34.99
C HIS A 93 0.86 -3.62 33.95
N LEU A 94 1.21 -4.03 32.72
CA LEU A 94 0.22 -4.11 31.67
C LEU A 94 -0.77 -5.23 31.93
N ASP A 95 -0.34 -6.29 32.62
CA ASP A 95 -1.25 -7.38 32.97
C ASP A 95 -2.45 -6.85 33.75
N GLU A 96 -2.18 -6.13 34.83
CA GLU A 96 -3.25 -5.55 35.64
C GLU A 96 -4.07 -4.55 34.82
N GLU A 97 -3.41 -3.81 33.94
CA GLU A 97 -4.13 -2.82 33.12
C GLU A 97 -5.15 -3.49 32.21
N ILE A 98 -4.73 -4.55 31.50
CA ILE A 98 -5.65 -5.24 30.61
C ILE A 98 -6.75 -5.93 31.39
N LEU A 99 -6.41 -6.48 32.56
CA LEU A 99 -7.46 -7.04 33.41
C LEU A 99 -8.52 -5.99 33.72
N ASN A 100 -8.07 -4.80 34.17
CA ASN A 100 -9.02 -3.74 34.50
C ASN A 100 -9.85 -3.32 33.28
N GLU A 101 -9.22 -3.27 32.10
CA GLU A 101 -9.94 -2.87 30.91
C GLU A 101 -11.02 -3.89 30.55
N LEU A 102 -10.67 -5.18 30.58
CA LEU A 102 -11.64 -6.21 30.26
C LEU A 102 -12.80 -6.23 31.25
N THR A 103 -12.49 -6.13 32.56
CA THR A 103 -13.57 -6.10 33.55
C THR A 103 -14.45 -4.87 33.36
N ASN A 104 -13.87 -3.74 32.98
CA ASN A 104 -14.71 -2.57 32.69
C ASN A 104 -15.65 -2.86 31.53
N LEU A 105 -15.11 -3.44 30.45
CA LEU A 105 -15.91 -3.78 29.28
C LEU A 105 -17.14 -4.61 29.67
N VAL A 106 -16.93 -5.73 30.37
CA VAL A 106 -18.04 -6.63 30.65
C VAL A 106 -18.92 -6.09 31.78
N TRP A 107 -18.31 -5.44 32.75
CA TRP A 107 -19.06 -4.81 33.83
C TRP A 107 -20.13 -3.87 33.29
N LYS A 108 -19.73 -2.97 32.39
CA LYS A 108 -20.71 -2.02 31.88
C LYS A 108 -21.46 -2.52 30.64
N ASN A 109 -21.09 -3.67 30.09
CA ASN A 109 -21.78 -4.14 28.88
C ASN A 109 -22.12 -5.63 28.96
N LYS A 110 -22.53 -6.12 30.13
CA LYS A 110 -22.90 -7.53 30.25
C LYS A 110 -24.06 -7.87 29.33
N ALA A 111 -25.23 -7.27 29.58
CA ALA A 111 -26.40 -7.49 28.74
C ALA A 111 -26.12 -7.10 27.30
N ASN A 112 -25.50 -5.94 27.09
CA ASN A 112 -25.14 -5.50 25.75
C ASN A 112 -24.40 -6.59 24.99
N ILE A 113 -23.42 -7.21 25.63
CA ILE A 113 -22.61 -8.23 24.95
C ILE A 113 -23.46 -9.45 24.65
N GLU A 114 -24.10 -10.03 25.67
CA GLU A 114 -24.84 -11.26 25.38
C GLU A 114 -26.07 -11.01 24.51
N ASN A 115 -26.52 -9.76 24.40
CA ASN A 115 -27.57 -9.41 23.45
C ASN A 115 -27.05 -9.25 22.03
N GLY A 116 -25.75 -9.44 21.80
CA GLY A 116 -25.21 -9.35 20.46
C GLY A 116 -25.07 -7.95 19.92
N GLN A 117 -24.81 -6.98 20.79
CA GLN A 117 -24.61 -5.60 20.34
C GLN A 117 -23.27 -5.45 19.65
N ALA A 118 -23.14 -4.35 18.90
CA ALA A 118 -21.90 -4.04 18.22
C ALA A 118 -20.98 -3.21 19.12
N TRP A 119 -19.70 -3.17 18.76
CA TRP A 119 -18.72 -2.47 19.60
C TRP A 119 -19.06 -0.99 19.71
N PHE A 120 -19.45 -0.36 18.60
CA PHE A 120 -19.77 1.06 18.64
C PHE A 120 -20.99 1.36 19.51
N GLN A 121 -21.85 0.38 19.74
CA GLN A 121 -23.02 0.56 20.58
C GLN A 121 -22.72 0.44 22.08
N LEU A 122 -21.54 -0.03 22.44
CA LEU A 122 -21.22 -0.32 23.83
C LEU A 122 -20.95 0.96 24.61
N GLN A 123 -20.92 0.82 25.93
CA GLN A 123 -20.53 1.91 26.82
C GLN A 123 -19.02 1.85 27.04
N ASN A 124 -18.31 2.84 26.52
CA ASN A 124 -16.86 2.90 26.64
C ASN A 124 -16.39 4.07 27.49
N THR A 125 -17.30 4.73 28.20
CA THR A 125 -16.96 5.89 29.01
C THR A 125 -17.66 5.80 30.35
N GLY A 126 -16.97 6.22 31.41
CA GLY A 126 -17.50 6.15 32.75
C GLY A 126 -18.22 7.42 33.17
N ASP A 127 -18.72 7.40 34.41
CA ASP A 127 -19.54 8.49 34.93
C ASP A 127 -18.78 9.80 35.05
N LEU A 128 -17.45 9.75 35.10
CA LEU A 128 -16.62 10.95 35.19
C LEU A 128 -16.02 11.37 33.87
N GLY A 129 -16.32 10.66 32.79
CA GLY A 129 -15.72 10.95 31.50
C GLY A 129 -14.45 10.19 31.20
N GLU A 130 -14.07 9.26 32.06
CA GLU A 130 -12.88 8.46 31.81
C GLU A 130 -13.13 7.45 30.69
N ALA A 131 -12.06 7.11 29.98
CA ALA A 131 -12.14 6.08 28.96
C ALA A 131 -12.04 4.72 29.64
N LEU A 132 -13.00 3.84 29.35
CA LEU A 132 -13.11 2.58 30.09
C LEU A 132 -12.11 1.54 29.62
N PHE A 133 -11.83 1.47 28.31
CA PHE A 133 -10.92 0.47 27.77
C PHE A 133 -10.26 0.97 26.48
N PRO A 134 -9.37 1.97 26.60
CA PRO A 134 -8.84 2.58 25.37
C PRO A 134 -7.89 1.68 24.57
N LYS A 135 -7.05 0.88 25.23
CA LYS A 135 -6.11 -0.01 24.54
C LYS A 135 -6.82 -1.15 23.82
N LEU A 136 -7.76 -1.79 24.51
CA LEU A 136 -8.66 -2.72 23.84
C LEU A 136 -9.37 -2.05 22.68
N GLU A 137 -9.93 -0.86 22.92
CA GLU A 137 -10.66 -0.13 21.89
C GLU A 137 -9.79 0.16 20.68
N ASN A 138 -8.47 0.25 20.86
CA ASN A 138 -7.61 0.59 19.74
C ASN A 138 -7.44 -0.57 18.77
N LEU A 139 -7.57 -1.81 19.25
CA LEU A 139 -7.36 -2.98 18.40
C LEU A 139 -8.32 -2.95 17.22
N ASP A 140 -7.91 -3.57 16.12
CA ASP A 140 -8.71 -3.57 14.90
C ASP A 140 -10.03 -4.29 15.14
N LEU A 141 -11.11 -3.76 14.55
CA LEU A 141 -12.43 -4.29 14.80
C LEU A 141 -12.60 -5.70 14.22
N LYS A 142 -12.33 -5.85 12.91
CA LYS A 142 -12.51 -7.14 12.26
C LYS A 142 -11.61 -8.21 12.88
N LYS A 143 -10.35 -7.87 13.14
CA LYS A 143 -9.38 -8.86 13.59
C LYS A 143 -9.64 -9.30 15.02
N ASP A 144 -9.86 -8.35 15.92
CA ASP A 144 -9.77 -8.63 17.36
C ASP A 144 -11.01 -8.27 18.15
N ARG A 145 -11.58 -7.08 17.95
CA ARG A 145 -12.64 -6.60 18.84
C ARG A 145 -13.91 -7.44 18.71
N ALA A 146 -14.45 -7.55 17.49
CA ALA A 146 -15.65 -8.37 17.29
C ALA A 146 -15.45 -9.82 17.72
N PRO A 147 -14.36 -10.51 17.35
CA PRO A 147 -14.14 -11.85 17.89
C PRO A 147 -14.12 -11.88 19.41
N LEU A 148 -13.54 -10.86 20.05
CA LEU A 148 -13.53 -10.82 21.51
C LEU A 148 -14.95 -10.72 22.07
N LEU A 149 -15.81 -9.91 21.43
CA LEU A 149 -17.19 -9.86 21.86
C LEU A 149 -17.88 -11.21 21.70
N ASP A 150 -17.52 -11.96 20.66
CA ASP A 150 -18.08 -13.31 20.51
C ASP A 150 -17.61 -14.24 21.64
N LYS A 151 -16.31 -14.23 21.91
CA LYS A 151 -15.78 -15.10 22.97
C LYS A 151 -16.39 -14.75 24.32
N LEU A 152 -16.48 -13.46 24.64
CA LEU A 152 -17.12 -13.04 25.88
C LEU A 152 -18.59 -13.46 25.92
N ARG A 153 -19.27 -13.38 24.78
CA ARG A 153 -20.63 -13.91 24.72
C ARG A 153 -20.66 -15.39 25.11
N GLU A 154 -19.66 -16.15 24.67
CA GLU A 154 -19.64 -17.58 24.99
C GLU A 154 -19.38 -17.82 26.47
N ILE A 155 -18.29 -17.26 27.01
CA ILE A 155 -17.92 -17.57 28.38
C ILE A 155 -18.86 -16.91 29.39
N LEU A 156 -19.63 -15.91 28.97
CA LEU A 156 -20.58 -15.29 29.88
C LEU A 156 -21.78 -16.19 30.19
N LYS A 157 -21.96 -17.28 29.44
CA LYS A 157 -22.99 -18.24 29.79
C LYS A 157 -22.72 -18.92 31.13
N ASP A 158 -21.47 -18.92 31.58
CA ASP A 158 -21.09 -19.48 32.87
C ASP A 158 -21.17 -18.48 34.02
N TYR A 159 -21.39 -17.20 33.72
CA TYR A 159 -21.44 -16.17 34.76
C TYR A 159 -22.72 -16.33 35.57
N LYS A 160 -22.60 -16.92 36.77
CA LYS A 160 -23.75 -17.13 37.62
C LYS A 160 -23.59 -16.37 38.94
N LEU A 161 -23.41 -15.06 38.84
CA LEU A 161 -23.16 -14.22 40.01
C LEU A 161 -23.93 -12.92 39.89
N GLU A 162 -23.86 -12.11 40.95
CA GLU A 162 -24.36 -10.75 40.90
C GLU A 162 -23.43 -9.90 40.04
N LEU A 163 -24.02 -8.96 39.30
CA LEU A 163 -23.26 -8.14 38.34
C LEU A 163 -22.65 -6.95 39.08
N THR A 164 -21.43 -7.15 39.57
CA THR A 164 -20.63 -6.08 40.17
C THR A 164 -19.22 -6.13 39.60
N ARG A 165 -18.52 -5.00 39.70
CA ARG A 165 -17.18 -4.93 39.10
C ARG A 165 -16.23 -5.95 39.73
N GLU A 166 -16.29 -6.11 41.05
CA GLU A 166 -15.43 -7.08 41.72
C GLU A 166 -15.75 -8.50 41.26
N ASN A 167 -17.05 -8.84 41.21
CA ASN A 167 -17.45 -10.16 40.73
C ASN A 167 -16.96 -10.40 39.30
N VAL A 168 -17.01 -9.37 38.46
CA VAL A 168 -16.56 -9.51 37.08
C VAL A 168 -15.05 -9.72 37.03
N LYS A 169 -14.31 -8.99 37.86
CA LYS A 169 -12.86 -9.18 37.94
C LYS A 169 -12.52 -10.62 38.30
N GLN A 170 -13.11 -11.12 39.39
CA GLN A 170 -12.84 -12.49 39.80
C GLN A 170 -13.26 -13.48 38.72
N PHE A 171 -14.37 -13.21 38.04
CA PHE A 171 -14.83 -14.09 36.98
C PHE A 171 -13.82 -14.16 35.84
N LEU A 172 -13.30 -13.01 35.40
CA LEU A 172 -12.34 -13.00 34.31
C LEU A 172 -11.02 -13.62 34.73
N THR A 173 -10.63 -13.49 36.00
CA THR A 173 -9.45 -14.20 36.46
C THR A 173 -9.65 -15.71 36.40
N GLU A 174 -10.84 -16.19 36.73
CA GLU A 174 -11.04 -17.64 36.74
C GLU A 174 -11.21 -18.21 35.34
N LYS A 175 -11.90 -17.49 34.44
CA LYS A 175 -12.38 -18.07 33.19
C LYS A 175 -11.79 -17.47 31.93
N ALA A 176 -10.93 -16.45 32.03
CA ALA A 176 -10.43 -15.78 30.84
C ALA A 176 -8.91 -15.61 30.84
N LYS A 177 -8.18 -16.45 31.57
CA LYS A 177 -6.72 -16.36 31.58
C LYS A 177 -6.15 -16.44 30.16
N GLU A 178 -6.64 -17.39 29.37
CA GLU A 178 -6.27 -17.47 27.96
C GLU A 178 -6.52 -16.16 27.24
N LEU A 179 -7.78 -15.71 27.28
CA LEU A 179 -8.18 -14.46 26.62
C LEU A 179 -7.31 -13.29 27.08
N LEU A 180 -7.03 -13.20 28.38
CA LEU A 180 -6.22 -12.10 28.89
C LEU A 180 -4.80 -12.17 28.34
N SER A 181 -4.21 -13.36 28.28
CA SER A 181 -2.87 -13.52 27.73
C SER A 181 -2.82 -13.09 26.26
N ALA A 182 -3.76 -13.59 25.46
CA ALA A 182 -3.80 -13.25 24.04
C ALA A 182 -3.97 -11.74 23.85
N LEU A 183 -4.92 -11.15 24.58
CA LEU A 183 -5.11 -9.70 24.51
C LEU A 183 -3.85 -8.96 24.89
N LYS A 184 -3.09 -9.50 25.85
CA LYS A 184 -1.83 -8.86 26.22
C LYS A 184 -0.86 -8.85 25.06
N LYS A 185 -0.70 -10.00 24.39
CA LYS A 185 0.16 -10.04 23.22
C LYS A 185 -0.27 -9.01 22.18
N LYS A 186 -1.57 -9.01 21.84
CA LYS A 186 -2.08 -8.12 20.80
C LYS A 186 -1.81 -6.66 21.15
N ILE A 187 -2.16 -6.25 22.38
CA ILE A 187 -2.04 -4.84 22.75
C ILE A 187 -0.58 -4.43 22.83
N SER A 188 0.29 -5.32 23.33
CA SER A 188 1.71 -4.97 23.43
C SER A 188 2.35 -4.88 22.06
N SER A 189 1.83 -5.57 21.06
CA SER A 189 2.38 -5.48 19.70
C SER A 189 1.53 -4.66 18.75
N ASP A 190 0.43 -4.05 19.22
CA ASP A 190 -0.42 -3.17 18.43
C ASP A 190 0.44 -2.16 17.67
N PRO A 191 0.51 -2.25 16.34
CA PRO A 191 1.35 -1.31 15.59
C PRO A 191 0.76 0.08 15.49
N HIS A 192 -0.54 0.23 15.74
CA HIS A 192 -1.17 1.53 15.79
C HIS A 192 -1.39 2.01 17.22
N ALA A 193 -0.59 1.50 18.16
CA ALA A 193 -0.73 1.88 19.57
C ALA A 193 -0.64 3.38 19.76
N PHE A 194 0.23 4.04 18.99
CA PHE A 194 0.45 5.47 19.16
C PHE A 194 -0.79 6.31 18.86
N GLN A 195 -1.84 5.71 18.32
CA GLN A 195 -3.02 6.45 17.90
C GLN A 195 -4.18 6.35 18.89
N ARG A 196 -4.00 5.63 20.01
CA ARG A 196 -5.13 5.31 20.88
C ARG A 196 -5.49 6.43 21.85
N GLY A 197 -4.85 7.59 21.78
CA GLY A 197 -5.13 8.67 22.71
C GLY A 197 -4.46 8.45 24.05
N TYR A 198 -3.96 9.52 24.66
CA TYR A 198 -3.15 9.38 25.87
C TYR A 198 -3.48 10.47 26.88
N SER A 199 -3.36 10.10 28.16
CA SER A 199 -3.40 11.04 29.26
C SER A 199 -1.97 11.32 29.73
N CYS A 200 -1.82 12.43 30.45
CA CYS A 200 -0.48 12.88 30.85
C CYS A 200 0.24 11.86 31.71
N ASP A 201 -0.47 11.28 32.69
CA ASP A 201 0.18 10.42 33.67
C ASP A 201 0.69 9.12 33.07
N GLU A 202 0.13 8.66 31.95
CA GLU A 202 0.71 7.51 31.26
C GLU A 202 2.15 7.75 30.84
N LEU A 203 2.62 9.00 30.86
CA LEU A 203 3.99 9.33 30.53
C LEU A 203 4.81 9.75 31.74
N LYS A 204 4.18 9.77 32.92
CA LYS A 204 4.79 10.35 34.12
C LYS A 204 6.19 9.80 34.35
N GLY A 205 6.31 8.47 34.43
CA GLY A 205 7.61 7.83 34.60
C GLY A 205 8.67 8.48 33.75
N MSE A 206 8.46 8.48 32.44
CA MSE A 206 9.40 9.04 31.48
C MSE A 206 9.76 10.48 31.82
O MSE A 206 10.95 10.84 31.87
CB MSE A 206 8.82 9.00 30.08
CG MSE A 206 9.62 9.79 29.06
SE MSE A 206 9.28 9.19 27.25
CE MSE A 206 7.92 10.37 26.70
N THR A 207 8.71 11.27 32.01
CA THR A 207 8.92 12.69 32.25
C THR A 207 9.73 12.90 33.52
N ASP A 208 9.52 12.05 34.54
CA ASP A 208 10.29 12.19 35.76
C ASP A 208 11.75 11.88 35.51
N ALA A 209 12.02 10.89 34.64
CA ALA A 209 13.38 10.58 34.27
C ALA A 209 14.00 11.68 33.41
N LEU A 210 13.18 12.58 32.90
CA LEU A 210 13.66 13.64 32.04
C LEU A 210 13.46 14.98 32.71
N ALA A 211 13.17 14.96 33.99
CA ALA A 211 13.03 16.19 34.76
C ALA A 211 12.13 17.25 34.20
N ILE A 212 10.91 16.88 33.85
CA ILE A 212 9.98 17.83 33.33
C ILE A 212 8.60 17.64 33.89
N SER A 213 7.96 18.71 34.34
CA SER A 213 6.56 18.55 34.69
C SER A 213 5.70 18.90 33.49
N LEU A 214 4.50 18.31 33.42
CA LEU A 214 3.56 18.58 32.36
C LEU A 214 2.34 19.28 32.95
N VAL A 215 2.02 20.46 32.42
CA VAL A 215 0.98 21.31 32.98
C VAL A 215 -0.27 21.16 32.12
N GLU A 216 -1.33 20.60 32.67
CA GLU A 216 -2.54 20.40 31.91
C GLU A 216 -3.47 21.56 32.09
N ASN A 217 -3.77 22.26 31.01
CA ASN A 217 -4.70 23.36 31.05
C ASN A 217 -4.44 24.30 32.19
N ARG A 218 -3.21 24.77 32.30
CA ARG A 218 -2.80 25.72 33.34
C ARG A 218 -2.97 25.33 34.82
N GLU A 219 -3.49 24.15 35.10
CA GLU A 219 -3.61 23.69 36.47
C GLU A 219 -2.26 23.27 36.96
N GLU A 220 -1.49 24.21 37.46
CA GLU A 220 -0.13 23.93 37.88
C GLU A 220 -0.06 23.50 39.30
N ASP A 221 0.96 22.73 39.62
CA ASP A 221 1.15 22.34 40.99
C ASP A 221 2.14 23.34 41.50
N ILE A 222 1.71 24.09 42.49
CA ILE A 222 2.58 25.10 43.04
C ILE A 222 3.76 24.42 43.69
N THR A 223 3.51 23.23 44.25
CA THR A 223 4.58 22.50 44.92
C THR A 223 5.65 22.03 43.94
N ASP A 224 5.26 21.76 42.70
CA ASP A 224 6.21 21.32 41.69
C ASP A 224 7.01 22.50 41.15
N ASN A 225 8.33 22.30 41.01
CA ASN A 225 9.23 23.40 40.65
C ASN A 225 10.31 22.98 39.65
N ARG A 226 10.07 21.94 38.86
CA ARG A 226 10.97 21.63 37.76
C ARG A 226 10.51 22.36 36.50
N ILE A 227 11.37 22.36 35.47
CA ILE A 227 10.98 23.01 34.23
C ILE A 227 9.72 22.36 33.71
N LYS A 228 8.85 23.17 33.11
CA LYS A 228 7.51 22.73 32.77
C LYS A 228 7.31 22.70 31.28
N ILE A 229 6.30 21.95 30.85
CA ILE A 229 5.82 21.97 29.48
C ILE A 229 4.30 22.09 29.57
N ARG A 230 3.78 23.24 29.14
CA ARG A 230 2.37 23.55 29.31
C ARG A 230 1.59 23.08 28.08
N LEU A 231 0.53 22.34 28.34
CA LEU A 231 -0.28 21.69 27.31
C LEU A 231 -1.73 22.14 27.45
N GLU A 232 -2.31 22.56 26.32
CA GLU A 232 -3.74 22.87 26.25
C GLU A 232 -4.48 21.68 25.65
N ASN A 233 -5.57 21.29 26.30
CA ASN A 233 -6.43 20.20 25.84
C ASN A 233 -7.87 20.71 25.82
N GLN A 234 -8.39 21.01 24.62
CA GLN A 234 -9.75 21.51 24.48
C GLN A 234 -10.72 20.43 24.04
N GLU A 235 -10.53 19.88 22.85
CA GLU A 235 -11.43 18.88 22.28
C GLU A 235 -10.68 17.58 22.10
N GLU A 236 -10.26 17.01 23.23
CA GLU A 236 -9.58 15.71 23.26
C GLU A 236 -8.35 15.71 22.35
N HIS A 237 -7.63 16.83 22.35
CA HIS A 237 -6.43 17.02 21.55
C HIS A 237 -5.42 17.83 22.35
N TRP A 238 -4.15 17.54 22.13
CA TRP A 238 -3.06 18.14 22.91
C TRP A 238 -2.29 19.12 22.04
N ASN A 239 -2.20 20.37 22.49
CA ASN A 239 -1.32 21.35 21.88
C ASN A 239 -0.38 21.89 22.96
N VAL A 240 0.70 22.56 22.53
CA VAL A 240 1.71 23.00 23.48
C VAL A 240 1.78 24.53 23.47
N LEU A 241 1.71 25.13 24.64
CA LEU A 241 1.87 26.57 24.74
C LEU A 241 3.32 26.96 24.86
N CYS A 242 3.66 28.12 24.32
CA CYS A 242 5.02 28.59 24.40
C CYS A 242 5.01 30.11 24.39
N ASN A 243 6.13 30.69 24.80
CA ASN A 243 6.32 32.13 24.76
C ASN A 243 6.66 32.52 23.33
N GLU A 244 6.20 33.70 22.88
CA GLU A 244 6.41 34.06 21.48
C GLU A 244 7.90 34.09 21.15
N GLU A 245 8.69 34.65 22.07
CA GLU A 245 10.12 34.84 21.87
C GLU A 245 10.84 33.56 21.44
N ASP A 246 10.73 32.50 22.24
CA ASP A 246 11.41 31.26 21.87
C ASP A 246 10.68 30.51 20.75
N SER A 247 9.36 30.71 20.63
CA SER A 247 8.59 30.17 19.51
C SER A 247 9.27 30.47 18.20
N GLU A 248 9.66 31.73 18.00
CA GLU A 248 10.22 32.08 16.70
C GLU A 248 11.69 31.69 16.56
N ARG A 249 12.41 31.49 17.66
CA ARG A 249 13.83 31.18 17.50
C ARG A 249 14.07 29.69 17.30
N PHE A 250 13.29 28.81 17.93
CA PHE A 250 13.66 27.41 17.86
C PHE A 250 12.61 26.49 17.23
N LEU A 251 11.50 27.03 16.75
CA LEU A 251 10.51 26.26 15.99
C LEU A 251 10.33 26.89 14.63
N ASP A 252 10.17 26.05 13.60
CA ASP A 252 9.86 26.49 12.24
C ASP A 252 10.87 27.53 11.74
N SER A 253 12.15 27.23 11.91
CA SER A 253 13.22 28.07 11.36
C SER A 253 13.92 27.40 10.19
N THR A 254 13.33 26.35 9.63
CA THR A 254 13.76 25.71 8.41
C THR A 254 12.49 25.32 7.65
N PRO A 255 12.59 25.05 6.35
CA PRO A 255 11.42 24.55 5.62
C PRO A 255 11.09 23.13 6.03
N SER A 256 9.84 22.75 5.83
CA SER A 256 9.43 21.36 5.99
C SER A 256 10.21 20.50 5.01
N ARG A 257 10.87 19.44 5.52
CA ARG A 257 11.70 18.60 4.69
C ARG A 257 11.24 17.15 4.57
N LEU A 258 10.43 16.67 5.49
CA LEU A 258 10.12 15.24 5.57
C LEU A 258 8.77 14.94 4.94
N LYS A 259 8.74 13.97 4.03
CA LYS A 259 7.56 13.53 3.31
C LYS A 259 7.30 12.09 3.72
N MSE A 260 6.55 11.91 4.80
CA MSE A 260 6.35 10.57 5.36
C MSE A 260 5.22 10.55 6.39
O MSE A 260 5.05 11.47 7.20
CB MSE A 260 7.65 10.06 5.95
CG MSE A 260 7.90 10.43 7.41
SE MSE A 260 9.78 10.27 7.86
CE MSE A 260 9.76 8.41 8.38
N THR A 261 4.43 9.48 6.35
CA THR A 261 3.27 9.35 7.21
C THR A 261 3.69 9.08 8.65
N SER A 262 2.78 9.37 9.57
CA SER A 262 3.00 9.07 10.98
C SER A 262 3.39 7.60 11.16
N LEU A 263 2.60 6.69 10.59
CA LEU A 263 2.86 5.27 10.72
C LEU A 263 4.24 4.91 10.18
N GLU A 264 4.62 5.49 9.03
CA GLU A 264 5.95 5.23 8.49
C GLU A 264 7.04 5.69 9.43
N ALA A 265 6.81 6.80 10.14
CA ALA A 265 7.79 7.30 11.09
C ALA A 265 7.92 6.38 12.29
N TYR A 266 6.79 6.04 12.93
CA TYR A 266 6.85 5.18 14.11
C TYR A 266 7.39 3.79 13.77
N ARG A 267 7.08 3.29 12.57
CA ARG A 267 7.49 1.95 12.20
C ARG A 267 8.95 1.88 11.76
N GLY A 268 9.53 3.00 11.35
CA GLY A 268 10.89 3.00 10.85
C GLY A 268 11.04 2.57 9.41
N ASP A 269 9.94 2.51 8.65
CA ASP A 269 10.01 2.06 7.27
C ASP A 269 10.94 2.95 6.44
N LYS A 270 10.72 4.26 6.50
CA LYS A 270 11.53 5.22 5.77
C LYS A 270 12.51 5.87 6.75
N GLN A 271 13.80 5.67 6.53
CA GLN A 271 14.78 6.35 7.36
C GLN A 271 14.84 7.83 6.98
N VAL A 272 15.17 8.64 7.96
CA VAL A 272 15.43 10.05 7.72
C VAL A 272 16.92 10.18 7.36
N SER A 273 17.22 11.08 6.43
CA SER A 273 18.60 11.33 6.08
C SER A 273 19.23 12.25 7.12
N ALA A 274 20.54 12.13 7.27
CA ALA A 274 21.24 12.94 8.22
C ALA A 274 21.35 14.35 7.73
N PRO A 275 21.33 15.29 8.66
CA PRO A 275 21.54 16.67 8.28
C PRO A 275 22.67 16.93 7.33
N THR A 276 22.47 17.86 6.41
CA THR A 276 23.50 18.18 5.46
C THR A 276 23.91 19.62 5.68
N SER A 277 25.15 19.96 5.36
CA SER A 277 25.58 21.36 5.44
C SER A 277 26.13 21.86 4.11
N GLU A 284 18.00 18.02 -5.13
CA GLU A 284 18.53 19.19 -4.43
C GLU A 284 20.06 19.15 -4.42
N GLU A 285 20.63 17.95 -4.24
CA GLU A 285 22.06 17.73 -4.16
C GLU A 285 22.62 17.56 -5.56
N PRO A 286 23.90 17.25 -5.72
CA PRO A 286 24.36 16.65 -6.98
C PRO A 286 23.72 15.29 -7.19
N GLY A 287 23.63 14.91 -8.45
CA GLY A 287 22.99 13.66 -8.85
C GLY A 287 23.95 12.72 -9.54
N VAL A 288 23.78 11.43 -9.28
CA VAL A 288 24.41 10.36 -10.04
C VAL A 288 23.30 9.66 -10.83
N PHE A 289 23.52 9.47 -12.12
CA PHE A 289 22.51 8.87 -13.00
C PHE A 289 23.08 7.60 -13.62
N LEU A 290 22.47 6.47 -13.29
CA LEU A 290 22.83 5.16 -13.82
C LEU A 290 21.64 4.58 -14.56
N ARG A 291 21.91 3.61 -15.42
CA ARG A 291 20.87 2.87 -16.13
C ARG A 291 21.16 1.38 -16.03
N GLU A 292 20.15 0.59 -15.64
CA GLU A 292 20.32 -0.83 -15.42
C GLU A 292 20.55 -1.58 -16.73
N ARG A 293 21.31 -2.67 -16.64
CA ARG A 293 21.34 -3.71 -17.65
C ARG A 293 21.09 -5.04 -16.96
N THR A 294 20.68 -6.03 -17.74
CA THR A 294 20.41 -7.37 -17.23
C THR A 294 21.62 -8.27 -17.44
N ILE A 295 21.65 -9.39 -16.73
CA ILE A 295 22.64 -10.41 -17.02
C ILE A 295 22.32 -11.08 -18.36
N ASP A 296 21.03 -11.30 -18.62
CA ASP A 296 20.59 -11.80 -19.93
C ASP A 296 21.06 -10.89 -21.06
N ASN A 297 21.26 -9.60 -20.76
CA ASN A 297 21.51 -8.59 -21.80
C ASN A 297 22.30 -7.45 -21.16
N PRO A 298 23.60 -7.63 -21.01
CA PRO A 298 24.43 -6.56 -20.45
C PRO A 298 24.84 -5.56 -21.52
N GLY A 299 25.18 -4.37 -21.06
CA GLY A 299 25.71 -3.37 -21.97
C GLY A 299 27.14 -3.72 -22.33
N LEU A 300 28.09 -2.99 -21.76
CA LEU A 300 29.49 -3.39 -21.80
C LEU A 300 29.90 -4.10 -20.52
N GLY A 301 28.92 -4.55 -19.74
CA GLY A 301 29.17 -5.41 -18.60
C GLY A 301 29.73 -4.74 -17.37
N ASN A 302 29.53 -3.43 -17.21
CA ASN A 302 30.11 -2.73 -16.08
C ASN A 302 29.47 -3.16 -14.76
N CYS A 303 30.30 -3.26 -13.71
CA CYS A 303 29.78 -3.51 -12.38
C CYS A 303 29.31 -2.22 -11.73
N ALA A 304 28.57 -2.36 -10.63
CA ALA A 304 27.92 -1.19 -10.02
C ALA A 304 28.93 -0.18 -9.51
N PHE A 305 29.99 -0.65 -8.85
CA PHE A 305 30.96 0.27 -8.25
C PHE A 305 31.70 1.08 -9.30
N TYR A 306 32.00 0.48 -10.45
CA TYR A 306 32.59 1.22 -11.56
C TYR A 306 31.70 2.38 -11.98
N ALA A 307 30.43 2.08 -12.27
CA ALA A 307 29.50 3.11 -12.72
C ALA A 307 29.38 4.23 -11.69
N PHE A 308 29.20 3.87 -10.42
CA PHE A 308 29.09 4.90 -9.38
C PHE A 308 30.35 5.76 -9.31
N ALA A 309 31.53 5.13 -9.38
CA ALA A 309 32.78 5.89 -9.32
C ALA A 309 32.89 6.87 -10.47
N ILE A 310 32.48 6.45 -11.68
CA ILE A 310 32.49 7.36 -12.82
C ILE A 310 31.58 8.56 -12.53
N GLY A 311 30.37 8.30 -12.03
CA GLY A 311 29.49 9.40 -11.65
C GLY A 311 30.15 10.38 -10.70
N LEU A 312 30.73 9.86 -9.62
CA LEU A 312 31.44 10.72 -8.67
C LEU A 312 32.50 11.56 -9.36
N VAL A 313 33.31 10.94 -10.23
CA VAL A 313 34.38 11.69 -10.90
C VAL A 313 33.79 12.82 -11.73
N ASN A 314 32.66 12.58 -12.41
CA ASN A 314 32.02 13.67 -13.14
C ASN A 314 31.65 14.81 -12.22
N ILE A 315 31.06 14.48 -11.05
CA ILE A 315 30.72 15.53 -10.10
C ILE A 315 31.97 16.31 -9.68
N ILE A 316 33.09 15.61 -9.47
CA ILE A 316 34.33 16.26 -9.03
C ILE A 316 34.82 17.22 -10.10
N GLN A 317 34.88 16.76 -11.35
CA GLN A 317 35.42 17.60 -12.42
C GLN A 317 34.53 18.83 -12.65
N GLU A 318 33.21 18.62 -12.62
CA GLU A 318 32.29 19.76 -12.70
C GLU A 318 32.58 20.78 -11.61
N GLU A 319 32.63 20.32 -10.36
CA GLU A 319 32.96 21.24 -9.27
C GLU A 319 34.34 21.86 -9.44
N ALA A 320 35.25 21.21 -10.16
CA ALA A 320 36.55 21.82 -10.42
C ALA A 320 36.43 23.01 -11.35
N LYS A 321 35.56 22.90 -12.38
CA LYS A 321 35.37 24.03 -13.29
C LYS A 321 34.90 25.28 -12.55
N TYR A 322 34.04 25.11 -11.56
CA TYR A 322 33.58 26.23 -10.73
C TYR A 322 34.49 26.47 -9.53
N ASN A 323 35.65 25.80 -9.50
CA ASN A 323 36.71 26.03 -8.51
C ASN A 323 36.26 25.62 -7.11
N ARG A 324 35.69 24.42 -7.00
CA ARG A 324 35.32 23.85 -5.71
C ARG A 324 35.66 22.37 -5.70
N ARG A 325 35.99 21.86 -4.52
CA ARG A 325 36.36 20.47 -4.33
C ARG A 325 35.47 19.81 -3.28
N THR A 326 34.24 20.29 -3.16
CA THR A 326 33.34 19.82 -2.10
C THR A 326 33.28 18.29 -2.07
N MSE A 327 32.80 17.70 -3.16
CA MSE A 327 32.65 16.26 -3.25
C MSE A 327 33.94 15.52 -2.91
O MSE A 327 33.93 14.63 -2.05
CB MSE A 327 32.20 15.87 -4.66
CG MSE A 327 31.93 14.39 -4.77
SE MSE A 327 30.46 13.88 -3.62
CE MSE A 327 29.37 13.21 -5.05
N PHE A 328 35.03 15.90 -3.57
CA PHE A 328 36.31 15.25 -3.28
C PHE A 328 36.66 15.36 -1.81
N ASP A 329 36.42 16.52 -1.20
CA ASP A 329 36.65 16.64 0.23
C ASP A 329 35.84 15.59 1.00
N ARG A 330 34.54 15.50 0.69
CA ARG A 330 33.70 14.50 1.32
C ARG A 330 34.23 13.09 1.09
N TRP A 331 34.92 12.86 -0.04
CA TRP A 331 35.48 11.54 -0.26
C TRP A 331 36.64 11.26 0.69
N VAL A 332 37.53 12.24 0.88
CA VAL A 332 38.71 11.95 1.70
C VAL A 332 38.32 11.80 3.16
N GLY A 333 37.27 12.48 3.60
CA GLY A 333 36.75 12.26 4.95
C GLY A 333 36.17 10.88 5.13
N LEU A 334 35.77 10.22 4.05
CA LEU A 334 35.32 8.84 4.10
C LEU A 334 36.46 7.86 3.95
N ASP A 335 37.51 8.23 3.21
CA ASP A 335 38.64 7.34 2.96
C ASP A 335 39.87 8.21 2.71
N ARG A 336 40.79 8.23 3.68
CA ARG A 336 42.00 9.03 3.53
C ARG A 336 42.95 8.49 2.47
N SER A 337 42.85 7.19 2.14
CA SER A 337 43.67 6.60 1.09
C SER A 337 43.55 7.36 -0.23
N ILE A 338 42.53 8.21 -0.37
CA ILE A 338 42.27 8.92 -1.61
C ILE A 338 42.73 10.37 -1.57
N SER A 339 43.05 10.91 -0.39
CA SER A 339 43.56 12.27 -0.31
C SER A 339 44.84 12.40 -1.11
N GLY A 340 45.05 13.57 -1.69
CA GLY A 340 46.18 13.73 -2.60
C GLY A 340 46.05 12.93 -3.87
N GLN A 341 44.84 12.72 -4.37
CA GLN A 341 44.60 12.15 -5.69
C GLN A 341 43.80 13.10 -6.57
N TYR A 342 43.54 14.31 -6.07
CA TYR A 342 42.68 15.27 -6.75
C TYR A 342 43.09 15.46 -8.21
N ASP A 343 44.37 15.76 -8.44
CA ASP A 343 44.82 16.09 -9.79
C ASP A 343 44.71 14.90 -10.73
N GLU A 344 45.17 13.73 -10.28
CA GLU A 344 45.06 12.53 -11.11
C GLU A 344 43.62 12.23 -11.49
N ILE A 345 42.68 12.52 -10.59
CA ILE A 345 41.26 12.32 -10.91
C ILE A 345 40.81 13.37 -11.93
N LEU A 346 41.16 14.63 -11.70
CA LEU A 346 40.76 15.70 -12.61
C LEU A 346 41.25 15.44 -14.03
N LYS A 347 42.41 14.81 -14.17
CA LYS A 347 42.99 14.50 -15.47
C LYS A 347 42.44 13.20 -16.06
N LEU A 348 41.27 12.74 -15.61
CA LEU A 348 40.74 11.47 -16.10
C LEU A 348 40.04 11.69 -17.44
N ASN A 349 40.49 10.95 -18.45
CA ASN A 349 39.84 10.89 -19.75
C ASN A 349 38.66 9.92 -19.61
N LEU A 350 37.46 10.47 -19.43
CA LEU A 350 36.28 9.63 -19.17
C LEU A 350 35.83 8.84 -20.38
N GLU A 351 36.35 9.16 -21.57
CA GLU A 351 36.14 8.28 -22.72
C GLU A 351 36.87 6.96 -22.53
N ASP A 352 38.16 7.01 -22.20
CA ASP A 352 38.95 5.84 -21.85
C ASP A 352 39.58 6.11 -20.48
N PRO A 353 38.90 5.78 -19.40
CA PRO A 353 39.41 6.11 -18.07
C PRO A 353 40.48 5.13 -17.60
N ASP A 354 41.49 5.67 -16.92
CA ASP A 354 42.63 4.88 -16.46
C ASP A 354 42.17 3.76 -15.55
N LYS A 355 42.52 2.53 -15.93
CA LYS A 355 42.05 1.36 -15.19
C LYS A 355 42.66 1.28 -13.79
N GLU A 356 43.95 1.62 -13.67
CA GLU A 356 44.62 1.63 -12.37
C GLU A 356 43.84 2.49 -11.36
N LEU A 357 43.71 3.77 -11.68
CA LEU A 357 43.04 4.69 -10.78
C LEU A 357 41.61 4.27 -10.51
N LEU A 358 40.89 3.84 -11.54
CA LEU A 358 39.50 3.46 -11.37
C LEU A 358 39.35 2.28 -10.42
N ASP A 359 40.24 1.28 -10.54
CA ASP A 359 40.20 0.16 -9.61
C ASP A 359 40.51 0.62 -8.19
N ARG A 360 41.41 1.59 -8.03
CA ARG A 360 41.61 2.17 -6.70
C ARG A 360 40.32 2.80 -6.17
N LEU A 361 39.64 3.58 -7.00
CA LEU A 361 38.41 4.25 -6.56
C LEU A 361 37.32 3.25 -6.23
N GLN A 362 37.16 2.21 -7.06
CA GLN A 362 36.17 1.18 -6.79
C GLN A 362 36.46 0.48 -5.47
N SER A 363 37.73 0.13 -5.22
CA SER A 363 38.10 -0.46 -3.93
C SER A 363 37.66 0.44 -2.78
N SER A 364 38.01 1.73 -2.85
CA SER A 364 37.57 2.67 -1.84
C SER A 364 36.06 2.59 -1.63
N LEU A 365 35.29 2.60 -2.74
CA LEU A 365 33.84 2.57 -2.64
C LEU A 365 33.36 1.30 -1.95
N ARG A 366 33.94 0.15 -2.30
CA ARG A 366 33.52 -1.11 -1.69
C ARG A 366 33.73 -1.09 -0.19
N ILE A 367 34.88 -0.57 0.27
CA ILE A 367 35.10 -0.54 1.71
C ILE A 367 34.12 0.43 2.38
N VAL A 368 33.84 1.57 1.75
CA VAL A 368 32.89 2.52 2.32
C VAL A 368 31.51 1.87 2.48
N THR A 369 31.04 1.22 1.41
CA THR A 369 29.72 0.59 1.48
C THR A 369 29.69 -0.55 2.50
N TYR A 370 30.83 -1.21 2.73
CA TYR A 370 30.89 -2.21 3.80
C TYR A 370 30.70 -1.56 5.16
N GLN A 371 31.47 -0.51 5.43
CA GLN A 371 31.34 0.18 6.71
C GLN A 371 29.89 0.55 6.98
N TYR A 372 29.23 1.14 5.97
CA TYR A 372 27.84 1.55 6.17
C TYR A 372 26.91 0.35 6.37
N GLN A 373 27.03 -0.68 5.53
CA GLN A 373 26.12 -1.81 5.63
C GLN A 373 26.27 -2.53 6.96
N ILE A 374 27.50 -2.61 7.48
CA ILE A 374 27.71 -3.28 8.76
C ILE A 374 27.19 -2.44 9.91
N ARG A 375 27.40 -1.12 9.85
CA ARG A 375 26.80 -0.25 10.87
C ARG A 375 25.28 -0.42 10.90
N GLU A 376 24.64 -0.39 9.73
CA GLU A 376 23.19 -0.50 9.68
C GLU A 376 22.71 -1.87 10.17
N LEU A 377 23.37 -2.94 9.72
CA LEU A 377 22.99 -4.28 10.17
C LEU A 377 23.08 -4.38 11.69
N ARG A 378 24.13 -3.79 12.28
CA ARG A 378 24.23 -3.81 13.73
C ARG A 378 23.11 -3.01 14.37
N ASN A 379 22.73 -1.87 13.80
CA ASN A 379 21.57 -1.14 14.33
C ASN A 379 20.32 -1.98 14.26
N VAL A 380 20.20 -2.82 13.23
CA VAL A 380 18.96 -3.52 12.94
C VAL A 380 18.84 -4.84 13.69
N CYS A 381 19.93 -5.37 14.22
CA CYS A 381 19.86 -6.52 15.10
C CYS A 381 19.61 -6.15 16.56
N VAL A 382 19.58 -4.85 16.88
CA VAL A 382 19.33 -4.43 18.25
C VAL A 382 17.96 -4.91 18.71
N PHE A 383 17.90 -5.41 19.93
CA PHE A 383 16.67 -5.98 20.46
C PHE A 383 15.60 -4.89 20.61
N ARG A 384 14.44 -5.11 20.00
CA ARG A 384 13.33 -4.19 20.12
C ARG A 384 12.08 -4.90 20.60
N ASN A 385 12.16 -5.50 21.79
CA ASN A 385 11.02 -6.10 22.48
C ASN A 385 10.35 -7.20 21.67
N GLY A 386 11.12 -7.85 20.78
CA GLY A 386 10.64 -8.97 20.00
C GLY A 386 10.41 -8.66 18.53
N ASN A 387 10.37 -7.38 18.16
CA ASN A 387 10.11 -6.97 16.79
C ASN A 387 11.41 -6.96 16.00
N TYR A 388 11.44 -7.71 14.89
CA TYR A 388 12.59 -7.76 14.00
C TYR A 388 12.21 -7.42 12.57
N ASN A 389 11.20 -6.56 12.41
CA ASN A 389 10.74 -6.21 11.06
C ASN A 389 11.78 -5.40 10.32
N ARG A 390 12.42 -4.46 11.00
CA ARG A 390 13.52 -3.72 10.38
C ARG A 390 14.63 -4.69 9.96
N LEU A 391 14.88 -5.74 10.75
CA LEU A 391 15.92 -6.70 10.41
C LEU A 391 15.52 -7.56 9.21
N THR A 392 14.26 -8.01 9.16
CA THR A 392 13.82 -8.81 8.03
C THR A 392 13.69 -8.00 6.75
N GLY A 393 13.69 -6.67 6.83
CA GLY A 393 13.73 -5.83 5.65
C GLY A 393 15.11 -5.49 5.16
N ASN A 394 16.14 -5.82 5.94
CA ASN A 394 17.51 -5.48 5.60
C ASN A 394 17.94 -6.22 4.33
N SER A 395 18.60 -5.48 3.42
CA SER A 395 19.01 -6.08 2.16
C SER A 395 19.95 -7.26 2.39
N ASN A 396 20.81 -7.17 3.40
CA ASN A 396 21.75 -8.25 3.67
C ASN A 396 21.05 -9.46 4.28
N PHE A 397 20.10 -9.24 5.19
CA PHE A 397 19.33 -10.37 5.70
C PHE A 397 18.49 -11.01 4.62
N VAL A 398 17.99 -10.20 3.67
CA VAL A 398 17.24 -10.77 2.55
C VAL A 398 18.16 -11.63 1.69
N ASN A 399 19.38 -11.16 1.44
CA ASN A 399 20.34 -11.96 0.69
C ASN A 399 20.70 -13.23 1.45
N PHE A 400 20.79 -13.16 2.78
CA PHE A 400 21.12 -14.32 3.59
C PHE A 400 19.98 -15.34 3.56
N ALA A 401 18.75 -14.87 3.77
CA ALA A 401 17.59 -15.75 3.81
C ALA A 401 17.24 -16.30 2.43
N ALA A 402 17.72 -15.67 1.36
CA ALA A 402 17.50 -16.21 0.01
C ALA A 402 18.08 -17.61 -0.15
N LEU A 403 18.98 -18.03 0.74
CA LEU A 403 19.63 -19.33 0.62
C LEU A 403 18.75 -20.47 1.11
N TYR A 404 17.73 -20.18 1.93
CA TYR A 404 16.86 -21.22 2.47
C TYR A 404 16.15 -21.96 1.34
N TYR A 405 15.23 -21.28 0.66
CA TYR A 405 14.72 -21.75 -0.63
C TYR A 405 15.70 -21.29 -1.70
N GLY A 406 16.63 -22.15 -2.08
CA GLY A 406 17.78 -21.71 -2.84
C GLY A 406 17.60 -21.53 -4.33
N ASP A 407 16.76 -20.56 -4.74
CA ASP A 407 16.65 -20.23 -6.15
C ASP A 407 17.98 -19.68 -6.64
N PRO A 408 18.57 -20.27 -7.69
CA PRO A 408 19.87 -19.77 -8.17
C PRO A 408 19.92 -18.28 -8.49
N LEU A 409 18.83 -17.68 -8.98
CA LEU A 409 18.88 -16.27 -9.36
C LEU A 409 19.18 -15.37 -8.17
N ASP A 410 18.82 -15.79 -6.96
CA ASP A 410 19.11 -15.03 -5.75
C ASP A 410 20.44 -15.42 -5.11
N THR A 411 21.13 -16.43 -5.65
CA THR A 411 22.39 -16.89 -5.10
C THR A 411 23.55 -16.72 -6.07
N ASP A 412 23.44 -15.78 -7.01
CA ASP A 412 24.54 -15.48 -7.91
C ASP A 412 25.70 -14.87 -7.13
N SER A 413 26.89 -15.43 -7.30
CA SER A 413 28.04 -15.06 -6.47
C SER A 413 28.47 -13.62 -6.66
N ARG A 414 28.13 -13.01 -7.80
CA ARG A 414 28.53 -11.63 -8.07
C ARG A 414 27.65 -10.62 -7.37
N PHE A 415 26.50 -11.02 -6.83
CA PHE A 415 25.56 -10.05 -6.27
C PHE A 415 25.17 -10.30 -4.82
N ASN A 416 25.19 -11.56 -4.35
CA ASN A 416 24.87 -11.90 -2.96
C ASN A 416 26.16 -12.28 -2.25
N PRO A 417 26.63 -11.50 -1.26
CA PRO A 417 27.84 -11.87 -0.52
C PRO A 417 27.77 -13.24 0.15
N PHE A 418 26.57 -13.75 0.45
CA PHE A 418 26.42 -15.04 1.14
C PHE A 418 26.29 -16.22 0.19
N ALA A 419 26.45 -16.00 -1.12
CA ALA A 419 26.02 -16.96 -2.13
C ALA A 419 26.54 -18.37 -1.85
N ASP A 420 27.83 -18.51 -1.56
CA ASP A 420 28.46 -19.83 -1.53
C ASP A 420 29.17 -20.10 -0.21
N SER A 421 28.65 -19.58 0.89
CA SER A 421 29.23 -19.83 2.21
C SER A 421 28.82 -21.22 2.66
N VAL A 422 29.78 -22.13 2.77
CA VAL A 422 29.47 -23.50 3.18
C VAL A 422 28.91 -23.58 4.58
N PRO A 423 29.45 -22.89 5.61
CA PRO A 423 28.85 -23.05 6.95
C PRO A 423 27.38 -22.64 6.98
N ILE A 424 27.05 -21.53 6.32
CA ILE A 424 25.67 -21.07 6.26
C ILE A 424 24.80 -22.08 5.52
N LEU A 425 25.29 -22.57 4.37
CA LEU A 425 24.52 -23.56 3.61
C LEU A 425 24.30 -24.83 4.41
N ILE A 426 25.23 -25.16 5.29
CA ILE A 426 25.13 -26.31 6.21
C ILE A 426 24.02 -26.07 7.21
N LYS A 427 24.18 -25.05 8.06
CA LYS A 427 23.17 -24.75 9.06
C LYS A 427 21.79 -24.65 8.41
N MSE A 428 21.74 -23.99 7.25
CA MSE A 428 20.55 -23.85 6.43
C MSE A 428 19.89 -25.18 6.07
O MSE A 428 18.70 -25.39 6.34
CB MSE A 428 20.91 -23.09 5.15
CG MSE A 428 19.81 -22.23 4.57
SE MSE A 428 19.43 -20.67 5.67
CE MSE A 428 20.61 -19.38 4.83
N ALA A 429 20.66 -26.08 5.45
CA ALA A 429 20.10 -27.35 5.01
C ALA A 429 19.80 -28.29 6.17
N ASN A 430 20.37 -28.03 7.34
CA ASN A 430 20.11 -28.88 8.49
C ASN A 430 19.05 -28.31 9.43
N ILE A 431 18.00 -27.71 8.87
CA ILE A 431 16.92 -27.17 9.68
C ILE A 431 15.73 -28.08 9.47
N ASP A 432 15.01 -28.43 10.54
CA ASP A 432 13.81 -29.22 10.38
C ASP A 432 12.79 -28.35 9.73
N ARG A 433 12.55 -28.60 8.47
CA ARG A 433 11.66 -27.74 7.75
C ARG A 433 10.23 -28.02 8.10
N ASP A 434 9.94 -29.17 8.70
CA ASP A 434 8.57 -29.39 9.15
C ASP A 434 8.23 -28.50 10.33
N SER A 435 9.23 -28.17 11.17
CA SER A 435 9.03 -27.23 12.26
C SER A 435 8.83 -25.80 11.75
N VAL A 436 9.17 -25.53 10.49
CA VAL A 436 8.99 -24.21 9.92
C VAL A 436 7.53 -24.01 9.56
N HIS A 437 6.94 -22.93 10.04
CA HIS A 437 5.60 -22.57 9.59
C HIS A 437 5.68 -21.84 8.26
N PRO A 438 4.96 -22.29 7.23
CA PRO A 438 5.05 -21.65 5.92
C PRO A 438 4.67 -20.18 5.99
N GLY A 439 5.37 -19.36 5.19
CA GLY A 439 5.24 -17.93 5.30
C GLY A 439 5.78 -17.33 6.58
N HIS A 440 6.32 -18.16 7.47
CA HIS A 440 6.92 -17.74 8.73
C HIS A 440 8.32 -18.29 8.88
N GLU A 441 9.01 -18.49 7.75
CA GLU A 441 10.40 -18.92 7.78
C GLU A 441 11.26 -17.98 8.61
N ASN A 442 10.90 -16.70 8.64
CA ASN A 442 11.63 -15.72 9.45
C ASN A 442 11.75 -16.18 10.90
N ASP A 443 10.70 -16.81 11.43
CA ASP A 443 10.71 -17.27 12.83
C ASP A 443 11.91 -18.15 13.13
N VAL A 444 12.45 -18.83 12.13
CA VAL A 444 13.61 -19.69 12.33
C VAL A 444 14.85 -18.96 11.81
N LEU A 445 14.69 -18.10 10.82
CA LEU A 445 15.84 -17.52 10.14
C LEU A 445 16.47 -16.37 10.92
N VAL A 446 15.68 -15.56 11.61
CA VAL A 446 16.27 -14.41 12.31
C VAL A 446 17.01 -14.85 13.58
N PRO A 447 16.60 -15.90 14.35
CA PRO A 447 17.48 -16.34 15.43
C PRO A 447 18.78 -16.91 14.90
N LEU A 448 18.66 -17.83 13.92
CA LEU A 448 19.83 -18.37 13.24
C LEU A 448 20.80 -17.25 12.86
N PHE A 449 20.33 -16.31 12.03
CA PHE A 449 21.14 -15.15 11.66
C PHE A 449 21.81 -14.53 12.89
N LEU A 450 21.01 -14.19 13.91
CA LEU A 450 21.56 -13.56 15.10
C LEU A 450 22.67 -14.41 15.69
N ASP A 451 22.41 -15.71 15.83
CA ASP A 451 23.46 -16.62 16.29
C ASP A 451 24.71 -16.44 15.44
N LEU A 452 24.57 -16.66 14.13
CA LEU A 452 25.72 -16.59 13.23
C LEU A 452 26.41 -15.24 13.26
N LEU A 453 25.74 -14.21 13.79
CA LEU A 453 26.36 -12.89 13.88
C LEU A 453 26.95 -12.61 15.25
N TYR A 454 26.35 -13.13 16.32
CA TYR A 454 26.80 -12.82 17.67
C TYR A 454 27.13 -14.04 18.50
N GLY A 455 26.90 -15.24 17.99
CA GLY A 455 27.25 -16.46 18.70
C GLY A 455 26.37 -16.72 19.91
N ASP A 456 26.54 -17.91 20.51
CA ASP A 456 25.84 -18.26 21.73
C ASP A 456 26.29 -17.43 22.92
N THR A 457 27.34 -16.63 22.74
CA THR A 457 27.92 -15.80 23.78
C THR A 457 27.00 -14.70 24.29
N THR A 458 26.09 -14.18 23.46
CA THR A 458 25.26 -13.04 23.80
C THR A 458 23.81 -13.35 23.48
N ASN A 459 22.95 -13.29 24.50
CA ASN A 459 21.53 -13.53 24.29
C ASN A 459 20.96 -12.46 23.38
N PRO A 460 20.14 -12.83 22.37
CA PRO A 460 19.48 -11.85 21.50
C PRO A 460 18.91 -10.64 22.23
N ALA A 461 18.15 -10.86 23.31
CA ALA A 461 17.52 -9.77 24.03
C ALA A 461 18.53 -8.80 24.64
N ASP A 462 19.81 -9.17 24.68
CA ASP A 462 20.85 -8.32 25.24
C ASP A 462 21.63 -7.54 24.19
N ILE A 463 21.29 -7.71 22.91
CA ILE A 463 22.05 -7.04 21.86
C ILE A 463 21.76 -5.55 21.86
N THR A 464 22.81 -4.75 21.73
CA THR A 464 22.72 -3.29 21.76
C THR A 464 23.45 -2.74 20.55
N LEU A 465 23.45 -1.42 20.45
CA LEU A 465 24.08 -0.78 19.33
C LEU A 465 25.54 -1.03 19.46
N GLU A 466 25.96 -1.42 20.64
CA GLU A 466 27.39 -1.59 20.89
C GLU A 466 27.87 -3.01 20.91
N THR A 467 26.94 -3.95 20.96
CA THR A 467 27.33 -5.33 21.04
C THR A 467 28.17 -5.67 19.86
N GLU A 468 29.40 -6.03 20.13
CA GLU A 468 30.31 -6.36 19.07
C GLU A 468 29.96 -7.68 18.38
N PRO A 469 29.84 -7.70 17.03
CA PRO A 469 29.57 -9.03 16.44
C PRO A 469 30.74 -9.96 16.65
N LYS A 470 30.43 -11.25 16.78
CA LYS A 470 31.46 -12.25 17.03
C LYS A 470 32.43 -12.33 15.86
N SER A 471 33.71 -12.49 16.16
CA SER A 471 34.73 -12.61 15.14
C SER A 471 34.84 -14.05 14.67
N ASP A 472 35.27 -14.23 13.42
CA ASP A 472 35.18 -15.46 12.65
C ASP A 472 33.74 -15.82 12.31
N SER A 473 32.81 -14.89 12.47
CA SER A 473 31.42 -15.16 12.15
C SER A 473 31.26 -15.41 10.66
N PRO A 474 30.45 -16.39 10.26
CA PRO A 474 30.22 -16.60 8.82
C PRO A 474 29.49 -15.46 8.15
N ILE A 475 28.71 -14.67 8.91
CA ILE A 475 28.05 -13.50 8.35
C ILE A 475 29.08 -12.48 7.88
N ILE A 476 29.89 -11.99 8.82
CA ILE A 476 30.89 -10.97 8.49
C ILE A 476 31.92 -11.50 7.49
N THR A 477 32.25 -12.79 7.58
CA THR A 477 33.11 -13.39 6.56
C THR A 477 32.48 -13.26 5.18
N ALA A 478 31.18 -13.53 5.07
CA ALA A 478 30.50 -13.46 3.78
C ALA A 478 30.46 -12.03 3.26
N MSE A 479 30.27 -11.07 4.15
CA MSE A 479 30.10 -9.69 3.71
C MSE A 479 31.43 -9.07 3.33
O MSE A 479 31.47 -8.11 2.56
CB MSE A 479 29.42 -8.88 4.79
CG MSE A 479 27.97 -9.28 4.94
SE MSE A 479 26.78 -7.88 4.37
CE MSE A 479 26.53 -7.01 6.07
N ASN A 480 32.53 -9.64 3.83
CA ASN A 480 33.84 -9.24 3.34
C ASN A 480 33.96 -9.46 1.83
N ASN A 481 33.09 -10.30 1.24
CA ASN A 481 33.07 -10.48 -0.20
C ASN A 481 32.74 -9.21 -0.94
N ILE A 482 32.13 -8.23 -0.26
CA ILE A 482 31.83 -7.03 -1.03
C ILE A 482 33.10 -6.19 -1.18
N THR A 483 34.06 -6.34 -0.25
CA THR A 483 35.36 -5.72 -0.44
C THR A 483 36.09 -6.31 -1.64
N GLN A 484 35.94 -7.61 -1.85
CA GLN A 484 36.64 -8.31 -2.92
C GLN A 484 36.06 -7.91 -4.29
N ASP A 485 36.86 -8.18 -5.33
CA ASP A 485 36.67 -7.59 -6.65
C ASP A 485 35.86 -8.48 -7.60
N PHE A 486 35.59 -9.73 -7.25
CA PHE A 486 34.67 -10.54 -8.04
C PHE A 486 33.22 -10.24 -7.70
N PHE A 487 32.97 -9.29 -6.79
CA PHE A 487 31.64 -8.88 -6.40
C PHE A 487 31.27 -7.62 -7.16
N TRP A 488 30.24 -7.73 -8.02
CA TRP A 488 29.84 -6.58 -8.83
C TRP A 488 29.00 -5.59 -8.04
N GLY A 489 28.21 -6.06 -7.09
CA GLY A 489 27.31 -5.20 -6.34
C GLY A 489 26.02 -4.91 -7.10
N THR A 490 25.03 -4.43 -6.36
CA THR A 490 23.73 -4.08 -6.91
C THR A 490 23.35 -2.68 -6.47
N HIS A 491 22.23 -2.19 -7.00
CA HIS A 491 21.70 -0.89 -6.61
C HIS A 491 21.53 -0.80 -5.10
N LEU A 492 21.30 -1.93 -4.43
CA LEU A 492 21.16 -1.94 -2.98
C LEU A 492 22.41 -1.40 -2.29
N ASP A 493 23.60 -1.82 -2.76
CA ASP A 493 24.85 -1.29 -2.20
C ASP A 493 25.03 0.18 -2.57
N LEU A 494 24.71 0.53 -3.82
CA LEU A 494 24.79 1.91 -4.26
C LEU A 494 23.88 2.83 -3.47
N ASN A 495 22.87 2.28 -2.79
CA ASN A 495 22.05 3.11 -1.91
C ASN A 495 22.86 3.62 -0.73
N TYR A 496 23.66 2.74 -0.10
CA TYR A 496 24.53 3.17 0.98
C TYR A 496 25.60 4.13 0.47
N LEU A 497 26.18 3.84 -0.70
CA LEU A 497 27.14 4.79 -1.26
C LEU A 497 26.49 6.15 -1.48
N ALA A 498 25.24 6.17 -1.95
CA ALA A 498 24.52 7.41 -2.14
C ALA A 498 24.28 8.12 -0.82
N GLU A 499 24.05 7.34 0.25
CA GLU A 499 23.97 7.93 1.60
C GLU A 499 25.27 8.66 1.94
N ALA A 500 26.40 7.98 1.79
CA ALA A 500 27.66 8.51 2.31
C ALA A 500 28.08 9.78 1.59
N PHE A 501 27.96 9.81 0.26
CA PHE A 501 28.46 10.93 -0.52
C PHE A 501 27.45 12.05 -0.69
N GLU A 502 26.25 11.92 -0.11
CA GLU A 502 25.20 12.93 -0.16
C GLU A 502 24.85 13.29 -1.62
N VAL A 503 24.46 12.27 -2.38
CA VAL A 503 24.00 12.47 -3.75
C VAL A 503 22.64 11.82 -3.94
N ASN A 504 21.90 12.35 -4.91
CA ASN A 504 20.68 11.70 -5.35
C ASN A 504 21.04 10.65 -6.39
N LEU A 505 20.80 9.39 -6.07
CA LEU A 505 21.03 8.30 -7.01
C LEU A 505 19.75 8.04 -7.79
N HIS A 506 19.85 8.17 -9.12
CA HIS A 506 18.76 7.92 -10.07
C HIS A 506 19.16 6.75 -10.95
N VAL A 507 18.43 5.66 -10.88
CA VAL A 507 18.70 4.52 -11.74
C VAL A 507 17.51 4.36 -12.68
N LEU A 508 17.74 4.57 -13.97
CA LEU A 508 16.83 4.27 -15.07
C LEU A 508 16.79 2.78 -15.27
N ARG A 509 15.72 2.30 -15.87
CA ARG A 509 15.67 0.92 -16.31
C ARG A 509 16.31 0.80 -17.68
N ASN A 510 16.47 -0.43 -18.15
CA ASN A 510 17.03 -0.68 -19.48
C ASN A 510 16.30 0.11 -20.56
N ASN A 511 14.99 0.32 -20.39
CA ASN A 511 14.14 0.88 -21.41
C ASN A 511 13.43 2.16 -20.96
N SER A 512 14.04 2.91 -20.04
CA SER A 512 13.42 4.15 -19.61
C SER A 512 13.63 5.23 -20.65
N PRO A 513 12.57 5.92 -21.08
CA PRO A 513 12.73 7.03 -22.02
C PRO A 513 13.00 8.35 -21.30
N ILE A 514 13.66 9.25 -22.02
CA ILE A 514 14.04 10.55 -21.50
C ILE A 514 13.50 11.63 -22.43
N GLN A 515 12.55 12.43 -21.93
CA GLN A 515 12.00 13.55 -22.67
C GLN A 515 12.62 14.84 -22.18
N GLU A 516 13.00 15.71 -23.10
CA GLU A 516 13.57 16.98 -22.67
C GLU A 516 12.57 18.11 -22.84
N PHE A 517 12.72 19.10 -21.95
CA PHE A 517 11.90 20.29 -21.89
C PHE A 517 12.82 21.46 -21.56
N VAL A 518 12.38 22.65 -21.87
CA VAL A 518 13.17 23.82 -21.49
C VAL A 518 12.72 24.26 -20.11
N ASP A 519 13.70 24.65 -19.29
CA ASP A 519 13.46 24.91 -17.88
C ASP A 519 14.25 26.14 -17.46
N ILE A 520 13.98 26.60 -16.25
CA ILE A 520 14.66 27.76 -15.68
C ILE A 520 16.18 27.56 -15.66
N ALA B 2 -12.51 -34.46 3.02
CA ALA B 2 -12.30 -33.37 2.09
C ALA B 2 -13.28 -32.28 2.30
N LYS B 3 -12.78 -31.10 2.59
CA LYS B 3 -13.65 -29.98 2.80
C LYS B 3 -13.67 -29.18 1.54
N THR B 4 -14.78 -28.55 1.28
CA THR B 4 -14.95 -27.78 0.06
C THR B 4 -14.93 -26.29 0.37
N ILE B 5 -14.05 -25.57 -0.31
CA ILE B 5 -13.91 -24.12 -0.22
C ILE B 5 -14.63 -23.50 -1.41
N LYS B 6 -15.54 -22.57 -1.12
CA LYS B 6 -16.25 -21.83 -2.15
C LYS B 6 -15.38 -20.71 -2.69
N ALA B 7 -15.49 -20.46 -3.98
CA ALA B 7 -14.79 -19.38 -4.66
C ALA B 7 -15.80 -18.37 -5.16
N THR B 8 -15.40 -17.10 -5.18
CA THR B 8 -16.32 -16.04 -5.61
C THR B 8 -16.70 -16.22 -7.07
N GLY B 9 -17.90 -15.77 -7.41
CA GLY B 9 -18.47 -16.05 -8.72
C GLY B 9 -18.49 -14.90 -9.69
N ASP B 10 -17.40 -14.14 -9.75
CA ASP B 10 -17.30 -13.03 -10.70
C ASP B 10 -17.19 -13.48 -12.15
N GLY B 11 -17.10 -14.78 -12.40
CA GLY B 11 -16.92 -15.32 -13.73
C GLY B 11 -15.55 -15.91 -13.98
N ALA B 12 -14.55 -15.52 -13.18
CA ALA B 12 -13.26 -16.17 -13.15
C ALA B 12 -13.17 -17.22 -12.05
N CYS B 13 -14.30 -17.90 -11.77
CA CYS B 13 -14.32 -18.87 -10.69
C CYS B 13 -13.31 -19.99 -10.92
N LEU B 14 -12.96 -20.28 -12.17
CA LEU B 14 -11.88 -21.24 -12.41
C LEU B 14 -10.55 -20.69 -11.91
N PHE B 15 -10.26 -19.42 -12.21
CA PHE B 15 -9.00 -18.84 -11.76
C PHE B 15 -8.99 -18.61 -10.25
N ASN B 16 -10.15 -18.31 -9.66
CA ASN B 16 -10.25 -18.21 -8.21
C ASN B 16 -10.03 -19.55 -7.55
N ALA B 17 -10.66 -20.60 -8.08
CA ALA B 17 -10.53 -21.93 -7.52
C ALA B 17 -9.11 -22.45 -7.64
N VAL B 18 -8.52 -22.36 -8.82
CA VAL B 18 -7.12 -22.75 -8.99
C VAL B 18 -6.22 -21.90 -8.12
N SER B 19 -6.56 -20.62 -7.92
CA SER B 19 -5.79 -19.78 -7.01
C SER B 19 -5.79 -20.35 -5.60
N ILE B 20 -6.97 -20.73 -5.10
CA ILE B 20 -7.07 -21.24 -3.73
C ILE B 20 -6.32 -22.56 -3.59
N GLY B 21 -6.63 -23.53 -4.46
CA GLY B 21 -5.96 -24.82 -4.37
C GLY B 21 -4.46 -24.72 -4.52
N LEU B 22 -4.00 -23.93 -5.50
CA LEU B 22 -2.57 -23.72 -5.68
C LEU B 22 -1.96 -23.08 -4.45
N SER B 23 -2.67 -22.16 -3.79
CA SER B 23 -2.16 -21.56 -2.56
C SER B 23 -1.97 -22.62 -1.48
N VAL B 24 -2.94 -23.52 -1.33
CA VAL B 24 -2.78 -24.62 -0.38
C VAL B 24 -1.55 -25.45 -0.72
N GLU B 25 -1.32 -25.70 -2.01
CA GLU B 25 -0.21 -26.57 -2.40
C GLU B 25 1.15 -25.89 -2.20
N ILE B 26 1.22 -24.57 -2.44
CA ILE B 26 2.47 -23.86 -2.23
C ILE B 26 2.78 -23.74 -0.75
N LEU B 27 1.77 -23.41 0.06
CA LEU B 27 2.00 -23.26 1.50
C LEU B 27 2.31 -24.60 2.15
N SER B 28 1.73 -25.70 1.64
CA SER B 28 1.99 -27.00 2.24
C SER B 28 3.45 -27.43 2.13
N GLY B 29 4.19 -26.87 1.17
CA GLY B 29 5.56 -27.28 0.92
C GLY B 29 5.73 -28.31 -0.17
N ARG B 30 4.64 -28.97 -0.59
CA ARG B 30 4.71 -30.05 -1.57
C ARG B 30 5.13 -29.58 -2.96
N LEU B 31 5.33 -28.28 -3.17
CA LEU B 31 5.76 -27.78 -4.47
C LEU B 31 7.13 -27.12 -4.42
N ASP B 32 7.86 -27.26 -3.31
CA ASP B 32 9.18 -26.64 -3.21
C ASP B 32 10.13 -27.18 -4.26
N SER B 33 10.02 -28.47 -4.58
CA SER B 33 10.89 -29.08 -5.57
C SER B 33 10.77 -28.41 -6.94
N GLN B 34 9.60 -27.87 -7.26
CA GLN B 34 9.37 -27.20 -8.54
C GLN B 34 9.71 -25.72 -8.49
N LEU B 35 10.31 -25.25 -7.40
CA LEU B 35 10.69 -23.84 -7.28
C LEU B 35 11.49 -23.36 -8.49
N ASP B 36 12.40 -24.20 -8.98
CA ASP B 36 13.32 -23.82 -10.03
C ASP B 36 12.75 -24.01 -11.43
N THR B 37 11.66 -24.77 -11.58
CA THR B 37 11.14 -25.06 -12.90
C THR B 37 10.72 -23.77 -13.61
N PRO B 38 10.78 -23.75 -14.95
CA PRO B 38 10.44 -22.52 -15.67
C PRO B 38 9.01 -22.05 -15.44
N GLY B 39 8.08 -22.98 -15.20
CA GLY B 39 6.71 -22.57 -14.94
C GLY B 39 6.58 -21.68 -13.72
N TYR B 40 7.19 -22.09 -12.62
CA TYR B 40 7.07 -21.33 -11.39
C TYR B 40 7.94 -20.07 -11.39
N GLN B 41 9.01 -20.05 -12.18
CA GLN B 41 9.74 -18.80 -12.39
C GLN B 41 8.88 -17.81 -13.16
N ALA B 42 8.18 -18.30 -14.19
CA ALA B 42 7.20 -17.46 -14.87
C ALA B 42 6.14 -16.98 -13.91
N LEU B 43 5.72 -17.83 -12.97
CA LEU B 43 4.70 -17.43 -12.00
C LEU B 43 5.20 -16.32 -11.09
N LEU B 44 6.40 -16.49 -10.53
CA LEU B 44 6.96 -15.43 -9.69
C LEU B 44 7.17 -14.14 -10.48
N ASP B 45 7.51 -14.25 -11.76
CA ASP B 45 7.70 -13.08 -12.60
C ASP B 45 6.38 -12.34 -12.82
N GLU B 46 5.33 -13.08 -13.19
CA GLU B 46 4.03 -12.45 -13.40
C GLU B 46 3.50 -11.84 -12.10
N PHE B 47 3.67 -12.57 -10.99
CA PHE B 47 3.30 -12.04 -9.67
C PHE B 47 4.01 -10.72 -9.40
N ALA B 48 5.31 -10.65 -9.68
CA ALA B 48 6.05 -9.41 -9.48
C ALA B 48 5.52 -8.31 -10.39
N LYS B 49 5.29 -8.64 -11.66
CA LYS B 49 4.76 -7.66 -12.60
C LYS B 49 3.43 -7.09 -12.14
N HIS B 50 2.65 -7.87 -11.39
CA HIS B 50 1.35 -7.37 -10.95
C HIS B 50 1.41 -6.63 -9.62
N HIS B 51 2.32 -6.99 -8.72
CA HIS B 51 2.38 -6.38 -7.38
C HIS B 51 3.71 -5.67 -7.20
N PRO B 52 3.75 -4.34 -7.26
CA PRO B 52 5.04 -3.64 -7.17
C PRO B 52 5.75 -3.79 -5.84
N GLN B 53 5.03 -4.04 -4.74
CA GLN B 53 5.66 -4.20 -3.43
C GLN B 53 6.09 -5.63 -3.15
N PHE B 54 6.11 -6.52 -4.13
CA PHE B 54 6.64 -7.88 -3.94
C PHE B 54 8.14 -7.71 -4.06
N ASN B 55 8.81 -7.23 -3.01
CA ASN B 55 10.23 -6.91 -3.15
C ASN B 55 11.19 -8.03 -3.33
N PRO B 56 11.29 -8.89 -2.32
CA PRO B 56 12.23 -9.94 -2.67
C PRO B 56 11.44 -10.84 -3.59
N LYS B 57 11.70 -10.79 -4.89
CA LYS B 57 10.90 -11.56 -5.82
C LYS B 57 11.26 -13.01 -5.71
N SER B 58 10.65 -13.69 -4.74
CA SER B 58 11.02 -15.05 -4.54
C SER B 58 9.95 -15.89 -3.94
N TRP B 59 10.30 -17.16 -3.76
CA TRP B 59 9.45 -18.17 -3.21
C TRP B 59 9.17 -17.92 -1.77
N LYS B 60 10.15 -17.44 -1.04
CA LYS B 60 9.92 -17.16 0.37
C LYS B 60 8.87 -16.08 0.57
N THR B 61 8.93 -15.00 -0.22
CA THR B 61 7.99 -13.92 -0.05
C THR B 61 6.66 -14.20 -0.74
N LEU B 62 6.63 -15.07 -1.74
CA LEU B 62 5.35 -15.59 -2.22
C LEU B 62 4.64 -16.31 -1.09
N LYS B 63 5.34 -17.21 -0.41
CA LYS B 63 4.77 -17.88 0.75
C LYS B 63 4.38 -16.88 1.83
N GLU B 64 5.17 -15.81 2.00
CA GLU B 64 4.85 -14.81 3.01
C GLU B 64 3.56 -14.08 2.67
N TRP B 65 3.37 -13.69 1.40
CA TRP B 65 2.14 -13.05 1.00
C TRP B 65 0.94 -13.98 1.17
N LEU B 66 1.08 -15.24 0.76
CA LEU B 66 -0.05 -16.16 0.85
C LEU B 66 -0.41 -16.46 2.30
N ALA B 67 0.59 -16.59 3.17
CA ALA B 67 0.32 -16.81 4.59
C ALA B 67 -0.26 -15.55 5.24
N TYR B 68 0.09 -14.38 4.72
CA TYR B 68 -0.40 -13.11 5.25
C TYR B 68 -1.83 -12.83 4.79
N TYR B 69 -2.04 -12.83 3.48
CA TYR B 69 -3.38 -12.66 2.90
C TYR B 69 -4.08 -14.02 2.87
N ASN B 70 -4.37 -14.51 4.07
CA ASN B 70 -4.81 -15.89 4.23
C ASN B 70 -6.25 -16.10 3.75
N ASP B 71 -7.12 -15.10 3.91
CA ASP B 71 -8.50 -15.24 3.52
C ASP B 71 -8.59 -15.53 2.02
N THR B 72 -9.56 -16.39 1.65
CA THR B 72 -9.59 -16.88 0.27
C THR B 72 -9.95 -15.78 -0.72
N ARG B 73 -10.77 -14.81 -0.33
CA ARG B 73 -11.04 -13.69 -1.23
C ARG B 73 -9.78 -12.85 -1.43
N ASP B 74 -9.06 -12.56 -0.34
CA ASP B 74 -7.75 -11.94 -0.45
C ASP B 74 -6.89 -12.70 -1.46
N ILE B 75 -6.83 -14.02 -1.31
CA ILE B 75 -6.01 -14.85 -2.19
C ILE B 75 -6.43 -14.66 -3.64
N GLU B 76 -7.74 -14.71 -3.92
CA GLU B 76 -8.21 -14.53 -5.28
C GLU B 76 -7.79 -13.18 -5.84
N LEU B 77 -7.94 -12.11 -5.04
CA LEU B 77 -7.56 -10.79 -5.52
C LEU B 77 -6.06 -10.71 -5.79
N ILE B 78 -5.25 -11.43 -5.01
CA ILE B 78 -3.80 -11.38 -5.17
C ILE B 78 -3.34 -12.21 -6.37
N LEU B 79 -3.95 -13.37 -6.56
CA LEU B 79 -3.38 -14.45 -7.35
C LEU B 79 -4.18 -14.79 -8.61
N ALA B 80 -5.50 -14.67 -8.58
CA ALA B 80 -6.28 -14.96 -9.78
C ALA B 80 -5.92 -14.06 -10.96
N PRO B 81 -5.63 -12.77 -10.79
CA PRO B 81 -5.12 -12.00 -11.94
C PRO B 81 -3.73 -12.43 -12.35
N VAL B 82 -2.87 -12.84 -11.42
CA VAL B 82 -1.55 -13.34 -11.79
C VAL B 82 -1.68 -14.62 -12.60
N LEU B 83 -2.56 -15.52 -12.16
CA LEU B 83 -2.75 -16.77 -12.90
C LEU B 83 -3.40 -16.51 -14.26
N PHE B 84 -4.40 -15.61 -14.30
CA PHE B 84 -5.02 -15.23 -15.57
C PHE B 84 -3.98 -14.68 -16.53
N ASN B 85 -3.04 -13.87 -16.02
CA ASN B 85 -2.01 -13.28 -16.86
C ASN B 85 -1.05 -14.34 -17.37
N LEU B 86 -0.57 -15.21 -16.47
CA LEU B 86 0.37 -16.24 -16.88
C LEU B 86 -0.25 -17.20 -17.88
N ASN B 87 -1.56 -17.46 -17.77
CA ASN B 87 -2.21 -18.38 -18.71
C ASN B 87 -2.13 -17.85 -20.14
N GLN B 88 -2.25 -16.53 -20.32
CA GLN B 88 -2.18 -15.96 -21.66
C GLN B 88 -0.86 -16.28 -22.36
N LYS B 89 0.20 -16.54 -21.58
CA LYS B 89 1.49 -16.93 -22.13
C LYS B 89 1.49 -18.35 -22.67
N TYR B 90 0.37 -19.07 -22.59
CA TYR B 90 0.31 -20.46 -23.02
C TYR B 90 -0.82 -20.72 -24.01
N GLN B 91 -1.25 -19.69 -24.73
CA GLN B 91 -2.33 -19.82 -25.72
C GLN B 91 -1.71 -20.02 -27.09
N ASP B 92 -1.91 -21.20 -27.68
CA ASP B 92 -1.32 -21.56 -28.96
C ASP B 92 -2.26 -21.37 -30.14
N HIS B 93 -3.54 -21.76 -30.02
CA HIS B 93 -4.46 -21.92 -31.15
C HIS B 93 -5.53 -20.83 -31.26
N LEU B 94 -5.18 -19.56 -31.00
CA LEU B 94 -6.21 -18.51 -30.97
C LEU B 94 -6.88 -18.37 -32.32
N ASP B 95 -6.08 -18.28 -33.38
CA ASP B 95 -6.58 -18.19 -34.74
C ASP B 95 -7.61 -19.29 -35.03
N GLU B 96 -7.22 -20.55 -34.80
CA GLU B 96 -8.13 -21.66 -34.99
C GLU B 96 -9.36 -21.52 -34.09
N GLU B 97 -9.17 -21.00 -32.87
CA GLU B 97 -10.27 -20.89 -31.93
C GLU B 97 -11.34 -19.89 -32.41
N ILE B 98 -10.91 -18.69 -32.82
CA ILE B 98 -11.89 -17.72 -33.32
C ILE B 98 -12.53 -18.22 -34.60
N LEU B 99 -11.74 -18.73 -35.53
CA LEU B 99 -12.32 -19.23 -36.76
C LEU B 99 -13.41 -20.24 -36.45
N ASN B 100 -13.12 -21.19 -35.55
CA ASN B 100 -14.11 -22.21 -35.22
C ASN B 100 -15.34 -21.60 -34.54
N GLU B 101 -15.15 -20.63 -33.65
CA GLU B 101 -16.29 -19.98 -33.03
C GLU B 101 -17.16 -19.28 -34.07
N LEU B 102 -16.54 -18.64 -35.08
CA LEU B 102 -17.32 -18.00 -36.13
C LEU B 102 -18.09 -19.02 -36.96
N THR B 103 -17.43 -20.11 -37.36
CA THR B 103 -18.15 -21.14 -38.12
C THR B 103 -19.29 -21.73 -37.32
N ASN B 104 -19.14 -21.84 -36.00
CA ASN B 104 -20.26 -22.30 -35.18
C ASN B 104 -21.40 -21.29 -35.22
N LEU B 105 -21.08 -20.00 -35.13
CA LEU B 105 -22.12 -18.97 -35.09
C LEU B 105 -22.90 -18.90 -36.39
N VAL B 106 -22.22 -19.03 -37.52
CA VAL B 106 -22.92 -18.99 -38.81
C VAL B 106 -23.65 -20.31 -39.04
N TRP B 107 -22.98 -21.43 -38.77
CA TRP B 107 -23.48 -22.74 -39.18
C TRP B 107 -24.76 -23.13 -38.45
N LYS B 108 -24.97 -22.63 -37.24
CA LYS B 108 -26.17 -22.92 -36.47
C LYS B 108 -27.17 -21.77 -36.48
N ASN B 109 -26.87 -20.66 -37.16
CA ASN B 109 -27.80 -19.52 -37.17
C ASN B 109 -27.78 -18.71 -38.46
N LYS B 110 -27.33 -19.28 -39.59
CA LYS B 110 -27.34 -18.52 -40.85
C LYS B 110 -28.73 -18.00 -41.15
N ALA B 111 -29.74 -18.87 -41.05
CA ALA B 111 -31.13 -18.45 -41.16
C ALA B 111 -31.43 -17.32 -40.18
N ASN B 112 -31.14 -17.55 -38.90
CA ASN B 112 -31.39 -16.52 -37.89
C ASN B 112 -30.64 -15.24 -38.18
N ILE B 113 -29.44 -15.35 -38.78
CA ILE B 113 -28.66 -14.15 -39.09
C ILE B 113 -29.34 -13.34 -40.18
N GLU B 114 -29.88 -14.01 -41.20
CA GLU B 114 -30.52 -13.27 -42.27
C GLU B 114 -31.91 -12.74 -41.91
N ASN B 115 -32.58 -13.35 -40.94
CA ASN B 115 -33.90 -12.90 -40.53
C ASN B 115 -33.86 -11.76 -39.52
N GLY B 116 -32.68 -11.19 -39.26
CA GLY B 116 -32.57 -10.08 -38.33
C GLY B 116 -32.77 -10.45 -36.87
N GLN B 117 -32.45 -11.69 -36.51
CA GLN B 117 -32.58 -12.10 -35.11
C GLN B 117 -31.54 -11.38 -34.25
N ALA B 118 -31.93 -11.09 -33.01
CA ALA B 118 -31.02 -10.47 -32.07
C ALA B 118 -30.04 -11.49 -31.52
N TRP B 119 -29.00 -10.99 -30.85
CA TRP B 119 -27.94 -11.88 -30.39
C TRP B 119 -28.43 -12.85 -29.32
N PHE B 120 -29.30 -12.38 -28.42
CA PHE B 120 -29.82 -13.26 -27.38
C PHE B 120 -30.72 -14.35 -27.93
N GLN B 121 -31.19 -14.21 -29.17
CA GLN B 121 -32.08 -15.21 -29.77
C GLN B 121 -31.33 -16.36 -30.42
N LEU B 122 -30.03 -16.21 -30.67
CA LEU B 122 -29.29 -17.21 -31.43
C LEU B 122 -29.04 -18.46 -30.59
N GLN B 123 -28.73 -19.55 -31.27
CA GLN B 123 -28.36 -20.81 -30.62
C GLN B 123 -26.88 -20.76 -30.29
N ASN B 124 -26.56 -20.68 -29.00
CA ASN B 124 -25.18 -20.66 -28.54
C ASN B 124 -24.75 -21.98 -27.93
N THR B 125 -25.65 -22.96 -27.83
CA THR B 125 -25.39 -24.23 -27.19
C THR B 125 -25.49 -25.36 -28.20
N GLY B 126 -24.53 -26.29 -28.14
CA GLY B 126 -24.53 -27.43 -29.01
C GLY B 126 -25.26 -28.63 -28.41
N ASP B 127 -25.34 -29.70 -29.20
CA ASP B 127 -26.15 -30.86 -28.82
C ASP B 127 -25.60 -31.59 -27.60
N LEU B 128 -24.32 -31.39 -27.26
CA LEU B 128 -23.71 -32.03 -26.10
C LEU B 128 -23.74 -31.15 -24.86
N GLY B 129 -24.42 -30.00 -24.91
CA GLY B 129 -24.37 -29.03 -23.85
C GLY B 129 -23.25 -28.02 -23.96
N GLU B 130 -22.33 -28.20 -24.91
CA GLU B 130 -21.17 -27.34 -25.04
C GLU B 130 -21.58 -25.91 -25.41
N ALA B 131 -20.68 -24.98 -25.10
CA ALA B 131 -20.81 -23.59 -25.53
C ALA B 131 -20.19 -23.43 -26.91
N LEU B 132 -20.94 -22.83 -27.83
CA LEU B 132 -20.51 -22.82 -29.22
C LEU B 132 -19.49 -21.72 -29.51
N PHE B 133 -19.69 -20.53 -28.96
CA PHE B 133 -18.82 -19.38 -29.23
C PHE B 133 -18.74 -18.48 -28.01
N PRO B 134 -18.07 -18.95 -26.95
CA PRO B 134 -18.05 -18.15 -25.71
C PRO B 134 -17.20 -16.90 -25.81
N LYS B 135 -16.04 -16.98 -26.47
CA LYS B 135 -15.16 -15.82 -26.58
C LYS B 135 -15.85 -14.67 -27.30
N LEU B 136 -16.55 -14.97 -28.40
CA LEU B 136 -17.37 -13.96 -29.06
C LEU B 136 -18.51 -13.52 -28.15
N GLU B 137 -19.17 -14.49 -27.49
CA GLU B 137 -20.29 -14.21 -26.60
C GLU B 137 -19.95 -13.14 -25.58
N ASN B 138 -18.69 -13.08 -25.13
CA ASN B 138 -18.34 -12.18 -24.05
C ASN B 138 -18.20 -10.73 -24.48
N LEU B 139 -17.96 -10.46 -25.77
CA LEU B 139 -17.76 -9.09 -26.22
C LEU B 139 -19.00 -8.24 -25.98
N ASP B 140 -18.82 -6.92 -25.99
CA ASP B 140 -19.93 -6.01 -25.77
C ASP B 140 -20.96 -6.14 -26.88
N LEU B 141 -22.23 -6.22 -26.49
CA LEU B 141 -23.31 -6.39 -27.46
C LEU B 141 -23.35 -5.22 -28.45
N LYS B 142 -23.52 -4.01 -27.91
CA LYS B 142 -23.76 -2.85 -28.77
C LYS B 142 -22.55 -2.56 -29.65
N LYS B 143 -21.35 -2.55 -29.06
CA LYS B 143 -20.16 -2.17 -29.80
C LYS B 143 -19.63 -3.26 -30.72
N ASP B 144 -19.95 -4.52 -30.47
CA ASP B 144 -19.29 -5.58 -31.21
C ASP B 144 -20.22 -6.67 -31.72
N ARG B 145 -21.17 -7.14 -30.91
CA ARG B 145 -21.93 -8.34 -31.27
C ARG B 145 -23.00 -8.05 -32.33
N ALA B 146 -23.84 -7.05 -32.10
CA ALA B 146 -24.81 -6.67 -33.12
C ALA B 146 -24.14 -6.24 -34.42
N PRO B 147 -23.14 -5.35 -34.42
CA PRO B 147 -22.40 -5.09 -35.66
C PRO B 147 -21.79 -6.35 -36.26
N LEU B 148 -21.39 -7.31 -35.44
CA LEU B 148 -20.90 -8.59 -35.97
C LEU B 148 -22.00 -9.28 -36.77
N LEU B 149 -23.22 -9.31 -36.21
CA LEU B 149 -24.33 -9.91 -36.94
C LEU B 149 -24.55 -9.20 -38.27
N ASP B 150 -24.42 -7.87 -38.30
CA ASP B 150 -24.58 -7.15 -39.56
C ASP B 150 -23.48 -7.52 -40.56
N LYS B 151 -22.22 -7.46 -40.13
CA LYS B 151 -21.11 -7.78 -41.03
C LYS B 151 -21.22 -9.21 -41.56
N LEU B 152 -21.74 -10.12 -40.74
CA LEU B 152 -21.92 -11.50 -41.18
C LEU B 152 -23.04 -11.61 -42.22
N ARG B 153 -24.19 -10.98 -41.96
CA ARG B 153 -25.26 -10.99 -42.94
C ARG B 153 -24.79 -10.39 -44.26
N GLU B 154 -24.00 -9.31 -44.19
CA GLU B 154 -23.46 -8.70 -45.40
C GLU B 154 -22.56 -9.65 -46.16
N ILE B 155 -21.62 -10.31 -45.46
CA ILE B 155 -20.71 -11.23 -46.12
C ILE B 155 -21.47 -12.41 -46.72
N LEU B 156 -22.51 -12.89 -46.04
CA LEU B 156 -23.19 -14.13 -46.40
C LEU B 156 -23.98 -14.04 -47.71
N LYS B 157 -23.93 -12.94 -48.45
CA LYS B 157 -24.60 -12.90 -49.75
C LYS B 157 -23.96 -13.89 -50.73
N ASP B 158 -22.64 -14.05 -50.64
CA ASP B 158 -21.91 -14.94 -51.53
C ASP B 158 -22.03 -16.41 -51.15
N TYR B 159 -22.65 -16.74 -50.02
CA TYR B 159 -22.75 -18.14 -49.61
C TYR B 159 -23.80 -18.83 -50.45
N LYS B 160 -23.36 -19.49 -51.52
CA LYS B 160 -24.24 -20.22 -52.42
C LYS B 160 -24.03 -21.73 -52.36
N LEU B 161 -23.28 -22.22 -51.37
CA LEU B 161 -23.14 -23.65 -51.15
C LEU B 161 -24.21 -24.11 -50.17
N GLU B 162 -24.25 -25.42 -49.90
CA GLU B 162 -25.25 -25.95 -48.98
C GLU B 162 -24.77 -25.81 -47.53
N LEU B 163 -25.72 -25.61 -46.64
CA LEU B 163 -25.46 -25.25 -45.24
C LEU B 163 -24.89 -26.45 -44.49
N THR B 164 -23.58 -26.65 -44.62
CA THR B 164 -22.86 -27.66 -43.85
C THR B 164 -21.69 -26.99 -43.13
N ARG B 165 -21.27 -27.58 -42.01
CA ARG B 165 -20.24 -26.97 -41.18
C ARG B 165 -18.91 -26.85 -41.92
N GLU B 166 -18.48 -27.94 -42.56
CA GLU B 166 -17.26 -27.90 -43.36
C GLU B 166 -17.32 -26.77 -44.40
N ASN B 167 -18.47 -26.66 -45.09
CA ASN B 167 -18.70 -25.58 -46.02
C ASN B 167 -18.50 -24.22 -45.35
N VAL B 168 -19.23 -23.98 -44.26
CA VAL B 168 -19.19 -22.68 -43.60
C VAL B 168 -17.78 -22.32 -43.17
N LYS B 169 -17.03 -23.30 -42.65
CA LYS B 169 -15.64 -23.05 -42.27
C LYS B 169 -14.81 -22.62 -43.47
N GLN B 170 -14.89 -23.39 -44.56
CA GLN B 170 -14.14 -23.04 -45.77
C GLN B 170 -14.48 -21.63 -46.25
N PHE B 171 -15.78 -21.39 -46.48
CA PHE B 171 -16.25 -20.08 -46.90
C PHE B 171 -15.74 -18.98 -45.99
N LEU B 172 -15.73 -19.22 -44.68
CA LEU B 172 -15.31 -18.18 -43.75
C LEU B 172 -13.82 -17.89 -43.86
N THR B 173 -12.99 -18.92 -44.06
CA THR B 173 -11.58 -18.65 -44.31
C THR B 173 -11.37 -17.91 -45.62
N GLU B 174 -12.28 -18.03 -46.58
CA GLU B 174 -12.11 -17.28 -47.82
C GLU B 174 -12.59 -15.82 -47.69
N LYS B 175 -13.86 -15.63 -47.32
CA LYS B 175 -14.54 -14.35 -47.44
C LYS B 175 -14.63 -13.57 -46.13
N ALA B 176 -14.12 -14.11 -45.02
CA ALA B 176 -14.13 -13.39 -43.75
C ALA B 176 -12.74 -13.33 -43.13
N LYS B 177 -11.70 -13.29 -43.98
CA LYS B 177 -10.33 -13.21 -43.48
C LYS B 177 -10.15 -12.02 -42.55
N GLU B 178 -10.51 -10.83 -43.02
CA GLU B 178 -10.38 -9.65 -42.19
C GLU B 178 -11.29 -9.72 -40.97
N LEU B 179 -12.57 -10.06 -41.17
CA LEU B 179 -13.51 -10.16 -40.05
C LEU B 179 -12.92 -10.98 -38.91
N LEU B 180 -12.33 -12.13 -39.26
CA LEU B 180 -11.64 -12.96 -38.27
C LEU B 180 -10.48 -12.21 -37.63
N SER B 181 -9.65 -11.53 -38.43
CA SER B 181 -8.52 -10.79 -37.86
C SER B 181 -9.00 -9.76 -36.83
N ALA B 182 -9.94 -8.91 -37.23
CA ALA B 182 -10.50 -7.90 -36.33
C ALA B 182 -11.06 -8.52 -35.07
N LEU B 183 -11.76 -9.66 -35.20
CA LEU B 183 -12.33 -10.30 -34.02
C LEU B 183 -11.26 -10.85 -33.10
N LYS B 184 -10.17 -11.38 -33.66
CA LYS B 184 -9.06 -11.81 -32.82
C LYS B 184 -8.51 -10.64 -32.01
N LYS B 185 -8.35 -9.48 -32.64
CA LYS B 185 -7.92 -8.30 -31.90
C LYS B 185 -8.91 -7.95 -30.79
N LYS B 186 -10.22 -7.98 -31.11
CA LYS B 186 -11.22 -7.59 -30.12
C LYS B 186 -11.28 -8.56 -28.94
N ILE B 187 -11.04 -9.84 -29.20
CA ILE B 187 -11.12 -10.84 -28.13
C ILE B 187 -9.88 -10.77 -27.25
N SER B 188 -8.69 -10.68 -27.85
CA SER B 188 -7.49 -10.58 -27.01
C SER B 188 -7.40 -9.25 -26.26
N SER B 189 -8.25 -8.28 -26.59
CA SER B 189 -8.28 -7.00 -25.89
C SER B 189 -9.49 -6.83 -24.99
N ASP B 190 -10.40 -7.81 -24.96
CA ASP B 190 -11.60 -7.79 -24.14
C ASP B 190 -11.27 -7.39 -22.72
N PRO B 191 -11.74 -6.23 -22.25
CA PRO B 191 -11.44 -5.80 -20.88
C PRO B 191 -12.11 -6.66 -19.82
N HIS B 192 -13.04 -7.54 -20.19
CA HIS B 192 -13.74 -8.38 -19.22
C HIS B 192 -13.62 -9.86 -19.60
N ALA B 193 -12.51 -10.23 -20.25
CA ALA B 193 -12.35 -11.61 -20.69
C ALA B 193 -12.28 -12.58 -19.52
N PHE B 194 -11.86 -12.11 -18.35
CA PHE B 194 -11.79 -12.99 -17.18
C PHE B 194 -13.17 -13.42 -16.70
N GLN B 195 -14.25 -12.80 -17.21
CA GLN B 195 -15.59 -13.09 -16.73
C GLN B 195 -16.36 -14.06 -17.60
N ARG B 196 -15.96 -14.24 -18.87
CA ARG B 196 -16.50 -15.35 -19.64
C ARG B 196 -16.17 -16.66 -18.95
N GLY B 197 -16.94 -17.70 -19.28
CA GLY B 197 -16.70 -18.99 -18.69
C GLY B 197 -15.36 -19.57 -19.10
N TYR B 198 -14.91 -20.56 -18.31
CA TYR B 198 -13.65 -21.24 -18.59
C TYR B 198 -13.77 -22.71 -18.24
N SER B 199 -13.30 -23.56 -19.13
CA SER B 199 -13.12 -24.98 -18.84
C SER B 199 -11.69 -25.24 -18.37
N CYS B 200 -11.51 -26.38 -17.71
CA CYS B 200 -10.19 -26.71 -17.15
C CYS B 200 -9.11 -26.69 -18.22
N ASP B 201 -9.39 -27.29 -19.39
CA ASP B 201 -8.35 -27.47 -20.38
C ASP B 201 -7.85 -26.16 -20.98
N GLU B 202 -8.65 -25.09 -20.92
CA GLU B 202 -8.16 -23.77 -21.34
C GLU B 202 -6.97 -23.31 -20.51
N LEU B 203 -6.69 -23.94 -19.38
CA LEU B 203 -5.53 -23.62 -18.55
C LEU B 203 -4.43 -24.66 -18.68
N LYS B 204 -4.62 -25.67 -19.54
CA LYS B 204 -3.75 -26.84 -19.54
C LYS B 204 -2.28 -26.48 -19.67
N GLY B 205 -1.94 -25.69 -20.70
CA GLY B 205 -0.54 -25.33 -20.93
C GLY B 205 0.15 -24.80 -19.70
N MSE B 206 -0.58 -24.05 -18.88
CA MSE B 206 0.00 -23.50 -17.67
C MSE B 206 0.04 -24.57 -16.57
O MSE B 206 1.07 -24.74 -15.92
CB MSE B 206 -0.78 -22.27 -17.23
CG MSE B 206 -0.49 -21.72 -15.87
SE MSE B 206 -1.85 -20.38 -15.53
CE MSE B 206 -1.02 -19.49 -14.05
N THR B 207 -1.07 -25.30 -16.37
CA THR B 207 -1.08 -26.34 -15.35
C THR B 207 0.02 -27.35 -15.59
N ASP B 208 0.18 -27.79 -16.85
CA ASP B 208 1.28 -28.67 -17.19
C ASP B 208 2.62 -28.04 -16.81
N ALA B 209 2.80 -26.76 -17.13
CA ALA B 209 4.05 -26.09 -16.79
C ALA B 209 4.23 -25.93 -15.29
N LEU B 210 3.16 -26.07 -14.51
CA LEU B 210 3.22 -25.97 -13.06
C LEU B 210 3.24 -27.32 -12.37
N ALA B 211 3.30 -28.41 -13.13
CA ALA B 211 3.31 -29.78 -12.59
C ALA B 211 2.09 -30.03 -11.72
N ILE B 212 0.91 -29.78 -12.28
CA ILE B 212 -0.34 -29.86 -11.56
C ILE B 212 -1.42 -30.40 -12.49
N SER B 213 -2.25 -31.31 -11.98
CA SER B 213 -3.38 -31.85 -12.71
C SER B 213 -4.67 -31.31 -12.11
N LEU B 214 -5.51 -30.74 -12.97
CA LEU B 214 -6.83 -30.27 -12.57
C LEU B 214 -7.81 -31.44 -12.66
N VAL B 215 -8.33 -31.87 -11.52
CA VAL B 215 -9.24 -33.00 -11.47
C VAL B 215 -10.65 -32.46 -11.30
N GLU B 216 -11.52 -32.70 -12.28
CA GLU B 216 -12.84 -32.11 -12.31
C GLU B 216 -13.88 -33.15 -11.85
N ASN B 217 -14.66 -32.79 -10.84
CA ASN B 217 -15.80 -33.58 -10.37
C ASN B 217 -15.40 -35.05 -10.12
N ARG B 218 -14.26 -35.23 -9.44
CA ARG B 218 -13.76 -36.52 -8.97
C ARG B 218 -13.33 -37.46 -10.07
N GLU B 219 -13.33 -37.01 -11.33
CA GLU B 219 -13.00 -37.89 -12.46
C GLU B 219 -11.48 -37.99 -12.56
N GLU B 220 -10.91 -38.92 -11.79
CA GLU B 220 -9.47 -39.02 -11.64
C GLU B 220 -8.86 -39.95 -12.70
N ASP B 221 -7.56 -39.78 -12.90
CA ASP B 221 -6.74 -40.63 -13.77
C ASP B 221 -5.58 -41.09 -12.90
N ILE B 222 -5.75 -42.23 -12.23
CA ILE B 222 -4.76 -42.74 -11.28
C ILE B 222 -3.39 -42.89 -11.93
N THR B 223 -3.34 -43.05 -13.26
CA THR B 223 -2.06 -43.05 -13.95
C THR B 223 -1.33 -41.73 -13.78
N ASP B 224 -2.06 -40.61 -13.72
CA ASP B 224 -1.47 -39.31 -13.49
C ASP B 224 -1.03 -39.20 -12.03
N ASN B 225 0.25 -38.93 -11.81
CA ASN B 225 0.80 -38.91 -10.46
C ASN B 225 1.30 -37.54 -10.03
N ARG B 226 1.03 -36.50 -10.82
CA ARG B 226 1.35 -35.15 -10.39
C ARG B 226 0.42 -34.73 -9.25
N ILE B 227 0.81 -33.66 -8.56
CA ILE B 227 -0.06 -33.13 -7.53
C ILE B 227 -1.32 -32.59 -8.18
N LYS B 228 -2.45 -32.82 -7.52
CA LYS B 228 -3.75 -32.58 -8.10
C LYS B 228 -4.48 -31.48 -7.35
N ILE B 229 -5.13 -30.60 -8.10
CA ILE B 229 -6.08 -29.65 -7.55
C ILE B 229 -7.47 -30.14 -7.92
N ARG B 230 -8.25 -30.49 -6.90
CA ARG B 230 -9.57 -31.07 -7.09
C ARG B 230 -10.60 -29.95 -7.16
N LEU B 231 -11.26 -29.86 -8.31
CA LEU B 231 -12.26 -28.84 -8.58
C LEU B 231 -13.63 -29.50 -8.62
N GLU B 232 -14.66 -28.72 -8.26
CA GLU B 232 -16.03 -29.18 -8.25
C GLU B 232 -16.88 -28.17 -9.01
N ASN B 233 -17.65 -28.66 -9.98
CA ASN B 233 -18.49 -27.81 -10.81
C ASN B 233 -19.93 -28.27 -10.68
N GLN B 234 -20.75 -27.44 -10.03
CA GLN B 234 -22.20 -27.61 -10.00
C GLN B 234 -22.82 -26.26 -10.37
N GLU B 235 -23.73 -26.30 -11.34
CA GLU B 235 -24.42 -25.09 -11.81
C GLU B 235 -23.43 -24.07 -12.37
N GLU B 236 -22.51 -24.54 -13.21
CA GLU B 236 -21.60 -23.68 -13.97
C GLU B 236 -20.76 -22.79 -13.04
N HIS B 237 -20.15 -23.42 -12.03
CA HIS B 237 -19.35 -22.70 -11.06
C HIS B 237 -18.28 -23.61 -10.50
N TRP B 238 -17.07 -23.08 -10.34
CA TRP B 238 -15.92 -23.85 -9.88
C TRP B 238 -15.64 -23.57 -8.41
N ASN B 239 -15.47 -24.64 -7.63
CA ASN B 239 -15.06 -24.58 -6.22
C ASN B 239 -13.90 -25.55 -6.01
N VAL B 240 -13.22 -25.44 -4.87
CA VAL B 240 -12.03 -26.26 -4.61
C VAL B 240 -12.31 -27.25 -3.49
N LEU B 241 -11.98 -28.51 -3.72
CA LEU B 241 -11.80 -29.44 -2.63
C LEU B 241 -10.40 -29.28 -2.07
N CYS B 242 -10.25 -29.45 -0.76
CA CYS B 242 -8.93 -29.59 -0.18
C CYS B 242 -9.05 -30.40 1.10
N ASN B 243 -8.08 -31.29 1.29
CA ASN B 243 -8.09 -32.24 2.40
C ASN B 243 -7.80 -31.54 3.72
N GLU B 245 -7.17 -31.31 6.77
CA GLU B 245 -5.84 -31.13 7.37
C GLU B 245 -5.10 -30.00 6.67
N ASP B 246 -5.22 -29.92 5.34
CA ASP B 246 -4.63 -28.82 4.59
C ASP B 246 -5.51 -27.57 4.65
N SER B 247 -6.79 -27.72 4.31
CA SER B 247 -7.70 -26.58 4.21
C SER B 247 -7.72 -25.77 5.50
N GLU B 248 -7.77 -26.45 6.65
CA GLU B 248 -7.73 -25.74 7.92
C GLU B 248 -6.33 -25.17 8.18
N ARG B 249 -5.30 -25.79 7.62
CA ARG B 249 -3.94 -25.37 7.94
C ARG B 249 -3.55 -24.09 7.25
N PHE B 250 -4.05 -23.84 6.03
CA PHE B 250 -3.51 -22.74 5.25
C PHE B 250 -4.52 -21.72 4.74
N LEU B 251 -5.79 -21.79 5.14
CA LEU B 251 -6.78 -20.89 4.57
C LEU B 251 -7.71 -20.33 5.63
N ASP B 252 -8.13 -19.08 5.41
CA ASP B 252 -9.14 -18.40 6.22
C ASP B 252 -8.77 -18.34 7.70
N SER B 253 -7.46 -18.36 8.00
CA SER B 253 -7.04 -18.18 9.38
C SER B 253 -7.14 -16.73 9.82
N THR B 254 -7.04 -15.79 8.89
CA THR B 254 -7.19 -14.36 9.18
C THR B 254 -8.37 -13.79 8.40
N PRO B 255 -8.89 -12.63 8.78
CA PRO B 255 -10.00 -12.03 8.04
C PRO B 255 -9.54 -11.37 6.74
N SER B 256 -10.52 -10.91 5.96
CA SER B 256 -10.28 -10.30 4.67
C SER B 256 -9.73 -8.90 4.84
N ARG B 257 -8.53 -8.65 4.30
CA ARG B 257 -7.84 -7.38 4.50
C ARG B 257 -7.95 -6.42 3.32
N LEU B 258 -8.38 -6.90 2.15
CA LEU B 258 -8.40 -6.08 0.95
C LEU B 258 -9.82 -5.66 0.60
N LYS B 259 -9.96 -4.39 0.24
CA LYS B 259 -11.21 -3.83 -0.27
C LYS B 259 -10.95 -3.54 -1.74
N MSE B 260 -11.31 -4.48 -2.59
CA MSE B 260 -10.99 -4.42 -4.01
C MSE B 260 -12.05 -5.19 -4.80
O MSE B 260 -12.44 -6.29 -4.41
CB MSE B 260 -9.61 -5.02 -4.28
CG MSE B 260 -8.62 -4.10 -4.95
SE MSE B 260 -6.88 -4.97 -5.11
CE MSE B 260 -6.05 -4.31 -3.47
N THR B 261 -12.53 -4.61 -5.90
CA THR B 261 -13.38 -5.36 -6.79
C THR B 261 -12.51 -6.23 -7.71
N SER B 262 -13.09 -7.33 -8.18
CA SER B 262 -12.41 -8.20 -9.13
C SER B 262 -11.77 -7.39 -10.25
N LEU B 263 -12.56 -6.53 -10.90
CA LEU B 263 -12.05 -5.72 -12.01
C LEU B 263 -10.85 -4.90 -11.58
N GLU B 264 -10.95 -4.22 -10.43
CA GLU B 264 -9.83 -3.42 -9.94
C GLU B 264 -8.60 -4.28 -9.70
N ALA B 265 -8.78 -5.52 -9.24
CA ALA B 265 -7.65 -6.41 -9.04
C ALA B 265 -6.98 -6.75 -10.36
N TYR B 266 -7.77 -7.17 -11.35
CA TYR B 266 -7.17 -7.54 -12.63
C TYR B 266 -6.51 -6.34 -13.30
N ARG B 267 -7.05 -5.14 -13.10
CA ARG B 267 -6.39 -3.94 -13.59
C ARG B 267 -5.22 -3.52 -12.72
N GLY B 268 -5.11 -4.06 -11.50
CA GLY B 268 -4.09 -3.64 -10.57
C GLY B 268 -4.21 -2.17 -10.25
N ASP B 269 -5.40 -1.74 -9.85
CA ASP B 269 -5.67 -0.31 -9.68
C ASP B 269 -5.02 0.25 -8.43
N LYS B 270 -5.02 -0.51 -7.34
CA LYS B 270 -4.38 -0.09 -6.09
C LYS B 270 -3.39 -1.16 -5.66
N GLN B 271 -2.20 -0.73 -5.26
CA GLN B 271 -1.15 -1.66 -4.85
C GLN B 271 -1.58 -2.43 -3.62
N VAL B 272 -1.42 -3.76 -3.67
CA VAL B 272 -1.50 -4.56 -2.47
C VAL B 272 -0.27 -4.31 -1.63
N SER B 273 -0.47 -3.99 -0.36
CA SER B 273 0.64 -3.62 0.51
C SER B 273 1.30 -4.88 1.07
N ALA B 274 2.62 -4.87 1.09
CA ALA B 274 3.38 -6.06 1.46
C ALA B 274 3.24 -6.36 2.95
N PRO B 275 3.37 -7.62 3.34
CA PRO B 275 3.37 -7.95 4.77
C PRO B 275 4.46 -7.21 5.51
N THR B 276 4.19 -6.88 6.78
CA THR B 276 5.01 -5.94 7.52
C THR B 276 6.45 -6.42 7.71
N SER B 277 6.73 -7.70 7.49
CA SER B 277 8.10 -8.20 7.67
C SER B 277 9.03 -7.78 6.54
N GLU B 278 8.49 -7.36 5.40
CA GLU B 278 9.28 -7.03 4.23
C GLU B 278 9.39 -5.52 4.07
N GLN B 279 10.37 -5.10 3.26
CA GLN B 279 10.63 -3.70 3.01
C GLN B 279 10.45 -3.39 1.53
N LEU B 280 10.21 -2.12 1.22
CA LEU B 280 10.03 -1.70 -0.17
C LEU B 280 11.38 -1.51 -0.84
N ASP B 281 11.48 -1.95 -2.10
CA ASP B 281 12.70 -1.67 -2.84
C ASP B 281 12.68 -0.29 -3.46
N LEU B 282 11.55 0.11 -4.04
CA LEU B 282 11.35 1.39 -4.73
C LEU B 282 12.23 1.54 -5.97
N ILE B 283 13.05 0.53 -6.27
CA ILE B 283 13.80 0.48 -7.53
C ILE B 283 12.86 0.64 -8.71
N GLU B 284 11.71 -0.02 -8.65
CA GLU B 284 10.80 -0.15 -9.78
C GLU B 284 9.58 0.74 -9.66
N GLU B 285 9.56 1.68 -8.71
CA GLU B 285 8.44 2.60 -8.66
C GLU B 285 8.35 3.37 -9.97
N PRO B 286 7.15 3.62 -10.49
CA PRO B 286 7.05 4.30 -11.79
C PRO B 286 7.74 5.64 -11.75
N GLY B 287 8.48 5.94 -12.81
CA GLY B 287 9.30 7.13 -12.85
C GLY B 287 9.21 7.84 -14.19
N VAL B 288 9.28 9.16 -14.12
CA VAL B 288 9.38 10.02 -15.30
C VAL B 288 10.78 10.61 -15.33
N PHE B 289 11.48 10.42 -16.43
CA PHE B 289 12.87 10.86 -16.56
C PHE B 289 12.93 11.98 -17.60
N LEU B 290 13.30 13.17 -17.15
CA LEU B 290 13.32 14.36 -17.98
C LEU B 290 14.74 14.92 -18.07
N ARG B 291 14.94 15.81 -19.05
CA ARG B 291 16.22 16.44 -19.29
C ARG B 291 16.00 17.92 -19.53
N GLU B 292 16.53 18.75 -18.63
CA GLU B 292 16.45 20.19 -18.84
C GLU B 292 17.28 20.60 -20.05
N ARG B 293 16.68 21.36 -20.94
CA ARG B 293 17.43 22.20 -21.85
C ARG B 293 17.17 23.65 -21.49
N THR B 294 18.10 24.52 -21.84
CA THR B 294 18.02 25.89 -21.37
C THR B 294 17.20 26.75 -22.34
N ILE B 295 16.79 27.92 -21.85
CA ILE B 295 16.03 28.82 -22.71
C ILE B 295 16.91 29.35 -23.84
N ASP B 296 18.22 29.50 -23.60
CA ASP B 296 19.15 29.90 -24.64
C ASP B 296 19.21 28.82 -25.69
N ASN B 297 19.68 27.63 -25.32
CA ASN B 297 19.71 26.49 -26.22
C ASN B 297 18.59 25.52 -25.84
N PRO B 298 17.43 25.57 -26.49
CA PRO B 298 16.28 24.75 -26.09
C PRO B 298 16.19 23.39 -26.76
N GLY B 299 17.11 23.06 -27.65
CA GLY B 299 16.97 21.81 -28.39
C GLY B 299 15.69 21.86 -29.21
N LEU B 300 14.84 20.85 -29.03
CA LEU B 300 13.55 20.85 -29.70
C LEU B 300 12.50 21.67 -28.95
N GLY B 301 12.86 22.28 -27.84
CA GLY B 301 12.03 23.30 -27.21
C GLY B 301 10.65 22.86 -26.76
N ASN B 302 10.54 21.67 -26.18
CA ASN B 302 9.27 21.22 -25.63
C ASN B 302 9.00 21.90 -24.30
N CYS B 303 7.72 22.06 -23.98
CA CYS B 303 7.33 22.57 -22.67
C CYS B 303 7.25 21.44 -21.66
N ALA B 304 7.32 21.81 -20.38
CA ALA B 304 7.39 20.82 -19.31
C ALA B 304 6.19 19.87 -19.34
N PHE B 305 5.00 20.41 -19.64
CA PHE B 305 3.80 19.58 -19.64
C PHE B 305 3.84 18.56 -20.77
N TYR B 306 4.37 18.93 -21.93
CA TYR B 306 4.51 17.98 -23.02
C TYR B 306 5.42 16.82 -22.60
N ALA B 307 6.60 17.14 -22.07
CA ALA B 307 7.54 16.11 -21.65
C ALA B 307 6.93 15.18 -20.61
N PHE B 308 6.31 15.76 -19.57
CA PHE B 308 5.70 14.95 -18.52
C PHE B 308 4.61 14.05 -19.09
N ALA B 309 3.74 14.62 -19.93
CA ALA B 309 2.65 13.83 -20.52
C ALA B 309 3.20 12.66 -21.32
N ILE B 310 4.29 12.88 -22.06
CA ILE B 310 4.92 11.76 -22.78
C ILE B 310 5.37 10.69 -21.80
N GLY B 311 6.03 11.10 -20.71
CA GLY B 311 6.44 10.13 -19.70
C GLY B 311 5.28 9.30 -19.18
N LEU B 312 4.18 9.97 -18.82
CA LEU B 312 3.00 9.26 -18.37
C LEU B 312 2.53 8.25 -19.41
N VAL B 313 2.36 8.69 -20.65
CA VAL B 313 1.89 7.81 -21.72
C VAL B 313 2.78 6.56 -21.82
N ASN B 314 4.09 6.75 -21.72
CA ASN B 314 4.99 5.61 -21.76
C ASN B 314 4.72 4.64 -20.62
N ILE B 315 4.56 5.17 -19.41
CA ILE B 315 4.19 4.32 -18.28
C ILE B 315 2.90 3.56 -18.58
N ILE B 316 1.95 4.22 -19.25
CA ILE B 316 0.66 3.61 -19.56
C ILE B 316 0.84 2.39 -20.45
N GLN B 317 1.57 2.56 -21.55
CA GLN B 317 1.76 1.46 -22.49
C GLN B 317 2.55 0.32 -21.86
N GLU B 318 3.68 0.66 -21.24
CA GLU B 318 4.48 -0.36 -20.55
C GLU B 318 3.64 -1.14 -19.56
N GLU B 319 2.72 -0.47 -18.86
CA GLU B 319 1.85 -1.17 -17.92
C GLU B 319 0.83 -2.04 -18.65
N ALA B 320 0.34 -1.58 -19.80
CA ALA B 320 -0.57 -2.40 -20.58
C ALA B 320 0.08 -3.70 -21.00
N LYS B 321 1.41 -3.71 -21.12
CA LYS B 321 2.10 -4.96 -21.45
C LYS B 321 1.76 -6.10 -20.49
N TYR B 322 1.64 -5.82 -19.19
CA TYR B 322 1.23 -6.84 -18.23
C TYR B 322 -0.16 -6.57 -17.65
N ASN B 323 -1.08 -6.09 -18.49
CA ASN B 323 -2.51 -6.03 -18.22
C ASN B 323 -2.88 -5.13 -17.06
N ARG B 324 -2.00 -4.23 -16.64
CA ARG B 324 -2.32 -3.26 -15.61
C ARG B 324 -2.65 -1.92 -16.25
N ARG B 325 -3.76 -1.32 -15.81
CA ARG B 325 -4.19 0.02 -16.19
C ARG B 325 -4.07 1.00 -15.04
N THR B 326 -3.01 0.85 -14.24
CA THR B 326 -2.88 1.59 -12.98
C THR B 326 -2.79 3.10 -13.23
N MSE B 327 -1.75 3.52 -13.95
CA MSE B 327 -1.50 4.94 -14.20
C MSE B 327 -2.70 5.60 -14.87
O MSE B 327 -3.08 6.72 -14.49
CB MSE B 327 -0.25 5.10 -15.07
CG MSE B 327 0.26 6.53 -15.14
SE MSE B 327 0.44 7.36 -13.37
CE MSE B 327 2.06 6.46 -12.75
N PHE B 328 -3.29 4.91 -15.85
CA PHE B 328 -4.42 5.49 -16.57
C PHE B 328 -5.63 5.67 -15.67
N ASP B 329 -5.94 4.67 -14.84
CA ASP B 329 -7.10 4.79 -13.97
C ASP B 329 -6.86 5.84 -12.90
N ARG B 330 -5.61 6.05 -12.49
CA ARG B 330 -5.30 7.20 -11.64
C ARG B 330 -5.57 8.51 -12.36
N TRP B 331 -5.14 8.61 -13.62
CA TRP B 331 -5.36 9.82 -14.40
C TRP B 331 -6.85 10.14 -14.51
N VAL B 332 -7.66 9.14 -14.86
CA VAL B 332 -9.11 9.33 -14.92
C VAL B 332 -9.64 9.71 -13.54
N GLY B 333 -9.04 9.16 -12.50
CA GLY B 333 -9.36 9.60 -11.15
C GLY B 333 -9.13 11.08 -10.95
N LEU B 334 -8.10 11.65 -11.60
CA LEU B 334 -7.79 13.06 -11.46
C LEU B 334 -8.54 13.94 -12.45
N ASP B 335 -9.03 13.39 -13.55
CA ASP B 335 -9.67 14.21 -14.60
C ASP B 335 -10.59 13.28 -15.40
N ARG B 336 -11.89 13.33 -15.09
CA ARG B 336 -12.86 12.45 -15.72
C ARG B 336 -12.85 12.54 -17.25
N SER B 337 -12.45 13.68 -17.79
CA SER B 337 -12.51 13.87 -19.25
C SER B 337 -11.54 12.96 -19.99
N ILE B 338 -10.56 12.37 -19.30
CA ILE B 338 -9.67 11.37 -19.89
C ILE B 338 -10.34 10.01 -20.04
N SER B 339 -11.59 9.88 -19.59
CA SER B 339 -12.21 8.57 -19.34
C SER B 339 -12.12 7.61 -20.52
N GLY B 340 -12.15 8.10 -21.76
CA GLY B 340 -12.32 7.21 -22.88
C GLY B 340 -11.16 7.13 -23.86
N GLN B 341 -9.95 7.43 -23.40
CA GLN B 341 -8.80 7.54 -24.30
C GLN B 341 -7.78 6.42 -24.10
N TYR B 342 -8.14 5.33 -23.40
CA TYR B 342 -7.18 4.27 -23.15
C TYR B 342 -6.63 3.69 -24.45
N ASP B 343 -7.52 3.35 -25.39
CA ASP B 343 -7.07 2.86 -26.68
C ASP B 343 -6.31 3.93 -27.44
N GLU B 344 -6.78 5.18 -27.39
CA GLU B 344 -6.08 6.26 -28.08
C GLU B 344 -4.71 6.52 -27.48
N ILE B 345 -4.53 6.25 -26.18
CA ILE B 345 -3.22 6.42 -25.55
C ILE B 345 -2.31 5.25 -25.91
N LEU B 346 -2.84 4.03 -25.90
CA LEU B 346 -2.03 2.88 -26.30
C LEU B 346 -1.63 2.95 -27.76
N LYS B 347 -2.41 3.68 -28.57
CA LYS B 347 -2.12 3.76 -30.00
C LYS B 347 -1.03 4.79 -30.30
N LEU B 348 -0.80 5.74 -29.40
CA LEU B 348 0.14 6.83 -29.62
C LEU B 348 1.51 6.33 -30.03
N ASN B 349 1.97 6.77 -31.20
CA ASN B 349 3.34 6.50 -31.63
C ASN B 349 4.26 7.50 -30.96
N LEU B 350 5.18 7.00 -30.13
CA LEU B 350 6.07 7.89 -29.40
C LEU B 350 7.12 8.55 -30.29
N GLU B 351 7.32 8.09 -31.51
CA GLU B 351 8.24 8.74 -32.44
C GLU B 351 7.61 9.89 -33.19
N ASP B 352 6.30 9.83 -33.44
CA ASP B 352 5.55 10.96 -33.99
C ASP B 352 4.20 10.99 -33.30
N PRO B 353 4.13 11.53 -32.08
CA PRO B 353 2.90 11.46 -31.32
C PRO B 353 1.82 12.37 -31.87
N ASP B 354 0.61 11.86 -31.85
CA ASP B 354 -0.60 12.53 -32.28
C ASP B 354 -0.78 13.87 -31.57
N LYS B 355 -0.62 14.99 -32.30
CA LYS B 355 -0.51 16.29 -31.66
C LYS B 355 -1.78 16.71 -30.91
N GLU B 356 -2.97 16.36 -31.43
CA GLU B 356 -4.21 16.83 -30.79
C GLU B 356 -4.46 16.11 -29.47
N LEU B 357 -4.33 14.78 -29.45
CA LEU B 357 -4.51 14.08 -28.18
C LEU B 357 -3.48 14.54 -27.16
N LEU B 358 -2.24 14.77 -27.60
CA LEU B 358 -1.23 15.28 -26.68
C LEU B 358 -1.61 16.66 -26.14
N ASP B 359 -2.21 17.49 -26.98
CA ASP B 359 -2.74 18.77 -26.49
C ASP B 359 -3.79 18.53 -25.41
N ARG B 360 -4.67 17.55 -25.61
CA ARG B 360 -5.65 17.22 -24.58
C ARG B 360 -4.97 16.82 -23.28
N LEU B 361 -3.96 15.93 -23.34
CA LEU B 361 -3.31 15.48 -22.11
C LEU B 361 -2.58 16.62 -21.42
N GLN B 362 -1.91 17.49 -22.19
CA GLN B 362 -1.26 18.66 -21.62
C GLN B 362 -2.26 19.54 -20.89
N SER B 363 -3.42 19.81 -21.52
CA SER B 363 -4.44 20.59 -20.85
C SER B 363 -4.85 19.94 -19.53
N SER B 364 -5.05 18.62 -19.56
CA SER B 364 -5.37 17.90 -18.34
C SER B 364 -4.32 18.15 -17.26
N LEU B 365 -3.03 18.02 -17.63
CA LEU B 365 -1.95 18.20 -16.67
C LEU B 365 -1.94 19.62 -16.09
N ARG B 366 -2.19 20.62 -16.95
CA ARG B 366 -2.21 22.00 -16.46
C ARG B 366 -3.33 22.20 -15.46
N ILE B 367 -4.50 21.62 -15.71
CA ILE B 367 -5.60 21.72 -14.75
C ILE B 367 -5.25 21.02 -13.44
N VAL B 368 -4.70 19.81 -13.52
CA VAL B 368 -4.37 19.05 -12.31
C VAL B 368 -3.39 19.84 -11.45
N THR B 369 -2.31 20.36 -12.08
CA THR B 369 -1.28 21.07 -11.31
C THR B 369 -1.80 22.42 -10.81
N TYR B 370 -2.72 23.03 -11.55
CA TYR B 370 -3.35 24.25 -11.03
C TYR B 370 -4.08 23.95 -9.72
N GLN B 371 -4.96 22.94 -9.74
CA GLN B 371 -5.69 22.56 -8.53
C GLN B 371 -4.74 22.26 -7.38
N TYR B 372 -3.78 21.37 -7.61
CA TYR B 372 -2.88 20.96 -6.52
C TYR B 372 -2.08 22.14 -6.00
N GLN B 373 -1.63 23.02 -6.91
CA GLN B 373 -0.81 24.16 -6.51
C GLN B 373 -1.61 25.14 -5.66
N ILE B 374 -2.88 25.38 -5.99
CA ILE B 374 -3.61 26.32 -5.15
C ILE B 374 -4.03 25.67 -3.83
N ARG B 375 -4.31 24.36 -3.82
CA ARG B 375 -4.53 23.70 -2.54
C ARG B 375 -3.31 23.85 -1.65
N GLU B 376 -2.12 23.63 -2.22
CA GLU B 376 -0.88 23.81 -1.48
C GLU B 376 -0.70 25.26 -1.03
N LEU B 377 -1.18 26.21 -1.83
CA LEU B 377 -1.12 27.61 -1.45
C LEU B 377 -1.94 27.86 -0.17
N ARG B 378 -3.24 27.54 -0.22
CA ARG B 378 -4.09 27.72 0.95
C ARG B 378 -3.52 27.02 2.17
N ASN B 379 -3.10 25.76 2.00
CA ASN B 379 -2.52 25.01 3.11
C ASN B 379 -1.31 25.73 3.68
N VAL B 380 -0.43 26.21 2.81
CA VAL B 380 0.81 26.81 3.26
C VAL B 380 0.58 28.18 3.89
N CYS B 381 -0.58 28.79 3.63
CA CYS B 381 -0.91 30.08 4.23
C CYS B 381 -1.56 29.97 5.60
N VAL B 382 -1.85 28.75 6.10
CA VAL B 382 -2.42 28.64 7.45
C VAL B 382 -1.35 29.07 8.44
N PHE B 383 -1.73 29.89 9.41
CA PHE B 383 -0.73 30.45 10.30
C PHE B 383 -0.14 29.38 11.19
N ARG B 384 1.16 29.15 11.06
CA ARG B 384 1.90 28.36 12.02
C ARG B 384 2.75 29.29 12.88
N ASN B 385 3.85 29.77 12.30
CA ASN B 385 4.87 30.52 13.02
C ASN B 385 5.01 31.91 12.43
N GLY B 386 5.53 32.82 13.25
CA GLY B 386 5.91 34.13 12.74
C GLY B 386 7.05 34.06 11.75
N ASN B 387 7.76 32.94 11.70
CA ASN B 387 8.76 32.73 10.66
C ASN B 387 8.16 32.49 9.30
N TYR B 388 6.87 32.11 9.24
CA TYR B 388 6.21 31.72 7.99
C TYR B 388 7.09 30.75 7.19
N ASN B 389 7.56 29.71 7.86
CA ASN B 389 8.57 28.84 7.27
C ASN B 389 8.01 28.06 6.08
N ARG B 390 6.71 27.77 6.07
CA ARG B 390 6.14 27.05 4.94
C ARG B 390 5.75 28.00 3.81
N LEU B 391 5.35 29.23 4.14
CA LEU B 391 4.98 30.19 3.11
C LEU B 391 6.18 30.61 2.27
N THR B 392 7.24 31.07 2.93
CA THR B 392 8.40 31.58 2.22
C THR B 392 9.16 30.51 1.44
N GLY B 393 8.75 29.26 1.53
CA GLY B 393 9.36 28.21 0.72
C GLY B 393 8.42 27.74 -0.37
N ASN B 394 7.19 28.22 -0.35
CA ASN B 394 6.18 27.81 -1.32
C ASN B 394 6.54 28.34 -2.70
N SER B 395 6.70 27.42 -3.66
CA SER B 395 7.13 27.75 -5.01
C SER B 395 6.41 28.96 -5.59
N ASN B 396 5.09 29.00 -5.40
CA ASN B 396 4.32 30.10 -5.97
C ASN B 396 4.58 31.40 -5.24
N PHE B 397 4.80 31.35 -3.93
CA PHE B 397 5.19 32.55 -3.21
C PHE B 397 6.54 33.05 -3.70
N VAL B 398 7.48 32.14 -3.96
CA VAL B 398 8.78 32.54 -4.47
C VAL B 398 8.63 33.18 -5.85
N ASN B 399 7.72 32.65 -6.67
CA ASN B 399 7.44 33.28 -7.96
C ASN B 399 6.89 34.69 -7.78
N PHE B 400 5.97 34.86 -6.83
CA PHE B 400 5.46 36.19 -6.49
C PHE B 400 6.60 37.13 -6.10
N ALA B 401 7.51 36.64 -5.25
CA ALA B 401 8.62 37.45 -4.76
C ALA B 401 9.65 37.75 -5.84
N ALA B 402 9.72 36.92 -6.88
CA ALA B 402 10.68 37.17 -7.95
C ALA B 402 10.40 38.50 -8.66
N LEU B 403 9.14 38.95 -8.63
CA LEU B 403 8.80 40.24 -9.19
C LEU B 403 9.51 41.37 -8.45
N TYR B 404 9.83 41.17 -7.17
CA TYR B 404 10.47 42.22 -6.38
C TYR B 404 11.90 42.48 -6.85
N TYR B 405 12.65 41.40 -7.13
CA TYR B 405 14.05 41.53 -7.52
C TYR B 405 14.23 41.92 -8.98
N GLY B 406 13.15 41.98 -9.75
CA GLY B 406 13.19 42.52 -11.11
C GLY B 406 14.03 41.76 -12.10
N ASP B 407 14.66 40.66 -11.66
CA ASP B 407 15.45 39.82 -12.53
C ASP B 407 14.59 39.32 -13.69
N PRO B 408 14.99 39.58 -14.94
CA PRO B 408 14.16 39.14 -16.07
C PRO B 408 14.16 37.63 -16.27
N LEU B 409 15.13 36.91 -15.70
CA LEU B 409 15.14 35.46 -15.84
C LEU B 409 14.11 34.79 -14.94
N ASP B 410 13.79 35.41 -13.81
CA ASP B 410 12.81 34.87 -12.87
C ASP B 410 11.42 35.44 -13.07
N THR B 411 11.22 36.31 -14.07
CA THR B 411 9.92 36.90 -14.33
C THR B 411 9.49 36.68 -15.79
N ASP B 412 9.98 35.61 -16.41
CA ASP B 412 9.55 35.28 -17.76
C ASP B 412 8.09 34.85 -17.74
N SER B 413 7.30 35.41 -18.67
CA SER B 413 5.89 35.07 -18.74
C SER B 413 5.67 33.58 -19.01
N ARG B 414 6.63 32.94 -19.69
CA ARG B 414 6.53 31.52 -19.96
C ARG B 414 6.60 30.67 -18.69
N PHE B 415 7.25 31.18 -17.65
CA PHE B 415 7.65 30.37 -16.50
C PHE B 415 7.11 30.85 -15.16
N ASN B 416 6.76 32.11 -15.02
CA ASN B 416 6.28 32.66 -13.76
C ASN B 416 4.85 33.13 -13.96
N PRO B 417 3.86 32.45 -13.30
CA PRO B 417 2.51 32.94 -13.59
C PRO B 417 2.18 34.36 -13.16
N PHE B 418 2.98 34.96 -12.31
CA PHE B 418 2.68 36.29 -11.80
C PHE B 418 3.39 37.32 -12.62
N ALA B 419 4.22 36.89 -13.56
CA ALA B 419 5.03 37.79 -14.36
C ALA B 419 4.67 39.24 -14.54
N ASP B 420 3.59 39.51 -15.24
CA ASP B 420 3.27 40.88 -15.49
C ASP B 420 1.97 41.25 -14.82
N SER B 421 1.85 40.89 -13.55
CA SER B 421 0.67 41.26 -12.78
C SER B 421 0.70 42.76 -12.51
N VAL B 422 -0.06 43.52 -13.30
CA VAL B 422 -0.11 44.97 -13.12
C VAL B 422 -0.47 45.36 -11.69
N PRO B 423 -1.52 44.83 -11.06
CA PRO B 423 -1.81 45.25 -9.68
C PRO B 423 -0.68 44.94 -8.71
N ILE B 424 -0.10 43.75 -8.82
CA ILE B 424 0.99 43.35 -7.92
C ILE B 424 2.18 44.29 -8.08
N LEU B 425 2.54 44.60 -9.33
CA LEU B 425 3.70 45.47 -9.56
C LEU B 425 3.43 46.90 -9.12
N ILE B 426 2.19 47.37 -9.21
CA ILE B 426 1.83 48.66 -8.60
C ILE B 426 2.11 48.62 -7.11
N LYS B 427 1.53 47.62 -6.42
CA LYS B 427 1.72 47.47 -4.99
C LYS B 427 3.20 47.47 -4.61
N MSE B 428 4.03 46.85 -5.44
CA MSE B 428 5.45 46.77 -5.11
C MSE B 428 6.22 48.02 -5.55
O MSE B 428 7.34 48.25 -5.08
CB MSE B 428 6.06 45.54 -5.72
CG MSE B 428 5.83 44.31 -4.86
SE MSE B 428 5.85 42.73 -5.94
CE MSE B 428 7.25 43.31 -7.14
N ALA B 429 5.64 48.80 -6.45
CA ALA B 429 6.17 50.13 -6.71
C ALA B 429 5.96 51.05 -5.51
N ASN B 430 5.02 50.73 -4.63
CA ASN B 430 4.74 51.59 -3.49
C ASN B 430 5.48 51.13 -2.24
N ILE B 431 6.67 50.58 -2.40
CA ILE B 431 7.41 50.05 -1.26
C ILE B 431 8.73 50.78 -1.09
N ASP B 432 8.98 51.31 0.09
CA ASP B 432 10.25 51.97 0.35
C ASP B 432 11.30 50.93 0.42
N ARG B 433 12.08 50.81 -0.64
CA ARG B 433 13.07 49.75 -0.68
C ARG B 433 14.31 50.08 0.09
N ASP B 434 14.39 51.30 0.59
CA ASP B 434 15.51 51.66 1.41
C ASP B 434 15.15 51.12 2.77
N SER B 435 13.89 51.29 3.15
CA SER B 435 13.43 50.71 4.40
C SER B 435 13.54 49.19 4.43
N VAL B 436 13.76 48.56 3.27
CA VAL B 436 13.90 47.11 3.18
C VAL B 436 15.39 46.80 3.11
N HIS B 437 15.90 46.13 4.15
CA HIS B 437 17.27 45.68 4.25
C HIS B 437 17.42 44.30 3.62
N PRO B 438 18.57 44.02 2.99
CA PRO B 438 18.74 42.71 2.36
C PRO B 438 18.65 41.58 3.37
N GLY B 439 18.11 40.45 2.92
CA GLY B 439 17.84 39.34 3.81
C GLY B 439 16.59 39.48 4.65
N HIS B 440 15.82 40.55 4.47
CA HIS B 440 14.57 40.72 5.19
C HIS B 440 13.45 41.20 4.28
N GLU B 441 13.57 40.99 2.97
CA GLU B 441 12.52 41.41 2.05
C GLU B 441 11.18 40.79 2.44
N ASN B 442 11.18 39.54 2.89
CA ASN B 442 9.96 38.86 3.27
C ASN B 442 9.26 39.51 4.46
N ASP B 443 9.92 40.44 5.17
CA ASP B 443 9.22 41.20 6.19
C ASP B 443 8.09 42.03 5.58
N VAL B 444 8.26 42.48 4.34
CA VAL B 444 7.22 43.22 3.63
C VAL B 444 6.46 42.34 2.65
N LEU B 445 7.14 41.39 2.02
CA LEU B 445 6.53 40.60 0.95
C LEU B 445 5.48 39.65 1.50
N VAL B 446 5.73 39.03 2.65
CA VAL B 446 4.75 38.12 3.24
C VAL B 446 3.44 38.81 3.60
N PRO B 447 3.44 39.93 4.33
CA PRO B 447 2.15 40.60 4.59
C PRO B 447 1.51 41.18 3.34
N LEU B 448 2.30 41.53 2.33
CA LEU B 448 1.73 41.98 1.06
C LEU B 448 0.99 40.83 0.38
N PHE B 449 1.70 39.72 0.16
CA PHE B 449 1.11 38.52 -0.44
C PHE B 449 -0.22 38.17 0.23
N LEU B 450 -0.18 37.91 1.53
CA LEU B 450 -1.41 37.60 2.27
C LEU B 450 -2.47 38.66 2.04
N ASP B 451 -2.07 39.93 2.08
CA ASP B 451 -2.99 41.03 1.78
C ASP B 451 -3.68 40.81 0.45
N LEU B 452 -2.90 40.57 -0.61
CA LEU B 452 -3.48 40.37 -1.92
C LEU B 452 -4.29 39.08 -1.99
N LEU B 453 -3.98 38.11 -1.14
CA LEU B 453 -4.63 36.81 -1.25
C LEU B 453 -5.98 36.79 -0.54
N TYR B 454 -6.00 37.27 0.70
CA TYR B 454 -7.20 37.18 1.52
C TYR B 454 -7.85 38.53 1.81
N GLY B 455 -7.18 39.63 1.55
CA GLY B 455 -7.75 40.94 1.78
C GLY B 455 -7.14 41.63 2.98
N ASP B 456 -7.27 42.96 3.00
CA ASP B 456 -6.72 43.74 4.10
C ASP B 456 -7.39 43.41 5.43
N THR B 457 -8.65 42.97 5.38
CA THR B 457 -9.46 42.84 6.59
C THR B 457 -8.88 41.81 7.54
N THR B 458 -8.51 40.64 7.02
CA THR B 458 -8.18 39.49 7.86
C THR B 458 -6.71 39.52 8.28
N ASN B 459 -6.46 39.03 9.49
CA ASN B 459 -5.14 39.08 10.13
C ASN B 459 -4.37 37.80 9.80
N PRO B 460 -3.10 37.93 9.39
CA PRO B 460 -2.31 36.73 9.05
C PRO B 460 -2.28 35.66 10.13
N ALA B 461 -2.35 36.06 11.40
CA ALA B 461 -2.35 35.09 12.48
C ALA B 461 -3.64 34.30 12.58
N ASP B 462 -4.69 34.71 11.89
CA ASP B 462 -6.00 34.07 11.98
C ASP B 462 -6.36 33.24 10.76
N ILE B 463 -5.46 33.12 9.79
CA ILE B 463 -5.75 32.37 8.57
C ILE B 463 -5.73 30.88 8.89
N THR B 464 -6.89 30.24 8.83
CA THR B 464 -7.02 28.80 8.99
C THR B 464 -7.22 28.16 7.61
N LEU B 465 -7.59 26.88 7.60
CA LEU B 465 -7.91 26.19 6.36
C LEU B 465 -9.27 26.60 5.80
N GLU B 466 -10.10 27.27 6.58
CA GLU B 466 -11.44 27.65 6.16
C GLU B 466 -11.53 29.05 5.58
N THR B 467 -10.59 29.94 5.93
CA THR B 467 -10.58 31.29 5.37
C THR B 467 -10.42 31.22 3.85
N GLU B 468 -11.44 31.68 3.14
CA GLU B 468 -11.48 31.64 1.69
C GLU B 468 -10.68 32.80 1.09
N PRO B 469 -9.94 32.56 0.00
CA PRO B 469 -9.28 33.67 -0.69
C PRO B 469 -10.27 34.70 -1.18
N LYS B 470 -9.80 35.94 -1.27
CA LYS B 470 -10.57 37.01 -1.89
C LYS B 470 -11.08 36.58 -3.25
N SER B 471 -12.39 36.76 -3.48
CA SER B 471 -12.96 36.40 -4.78
C SER B 471 -12.30 37.19 -5.91
N ASP B 472 -11.78 38.38 -5.60
CA ASP B 472 -11.15 39.24 -6.58
C ASP B 472 -9.63 39.13 -6.59
N SER B 473 -9.06 38.26 -5.76
CA SER B 473 -7.63 38.24 -5.46
C SER B 473 -6.81 38.21 -6.74
N PRO B 474 -5.96 39.21 -6.99
CA PRO B 474 -5.05 39.15 -8.15
C PRO B 474 -4.06 38.00 -8.07
N ILE B 475 -3.83 37.44 -6.88
CA ILE B 475 -2.97 36.25 -6.77
C ILE B 475 -3.59 35.07 -7.49
N ILE B 476 -4.90 34.85 -7.27
CA ILE B 476 -5.58 33.74 -7.91
C ILE B 476 -5.64 33.92 -9.43
N THR B 477 -5.83 35.17 -9.88
CA THR B 477 -5.94 35.40 -11.31
C THR B 477 -4.58 35.32 -12.00
N ALA B 478 -3.50 35.72 -11.32
CA ALA B 478 -2.18 35.40 -11.84
C ALA B 478 -1.92 33.91 -11.83
N MSE B 479 -2.52 33.20 -10.87
CA MSE B 479 -2.43 31.74 -10.77
C MSE B 479 -3.11 31.05 -11.94
O MSE B 479 -2.71 29.96 -12.34
CB MSE B 479 -3.05 31.27 -9.45
CG MSE B 479 -2.56 29.95 -8.91
SE MSE B 479 -0.97 30.27 -7.85
CE MSE B 479 0.28 30.14 -9.33
N ASN B 480 -4.15 31.70 -12.47
CA ASN B 480 -4.92 31.11 -13.56
C ASN B 480 -4.14 30.97 -14.85
N ASN B 481 -2.99 31.64 -14.98
CA ASN B 481 -2.19 31.51 -16.21
C ASN B 481 -1.56 30.14 -16.35
N ILE B 482 -1.49 29.36 -15.26
CA ILE B 482 -0.94 28.00 -15.32
C ILE B 482 -1.66 27.17 -16.37
N THR B 483 -2.94 27.45 -16.60
CA THR B 483 -3.75 26.70 -17.56
C THR B 483 -3.72 27.31 -18.96
N GLN B 484 -2.81 28.24 -19.23
CA GLN B 484 -2.77 28.92 -20.51
C GLN B 484 -1.68 28.34 -21.39
N ASP B 485 -1.94 28.30 -22.70
CA ASP B 485 -0.97 27.77 -23.66
C ASP B 485 0.39 28.42 -23.51
N PHE B 486 0.43 29.75 -23.37
CA PHE B 486 1.71 30.45 -23.34
C PHE B 486 2.53 30.15 -22.09
N PHE B 487 1.94 29.47 -21.11
CA PHE B 487 2.67 29.09 -19.91
C PHE B 487 3.35 27.74 -20.17
N TRP B 488 4.68 27.78 -20.32
CA TRP B 488 5.43 26.56 -20.61
C TRP B 488 5.55 25.66 -19.38
N GLY B 489 5.61 26.26 -18.19
CA GLY B 489 5.84 25.51 -16.98
C GLY B 489 7.30 25.23 -16.73
N THR B 490 7.60 24.87 -15.49
CA THR B 490 8.94 24.50 -15.05
C THR B 490 8.86 23.20 -14.28
N HIS B 491 10.02 22.72 -13.81
CA HIS B 491 10.03 21.55 -12.95
C HIS B 491 9.23 21.79 -11.67
N LEU B 492 9.11 23.07 -11.26
CA LEU B 492 8.25 23.42 -10.14
C LEU B 492 6.84 22.89 -10.36
N ASP B 493 6.23 23.23 -11.50
CA ASP B 493 4.89 22.75 -11.80
C ASP B 493 4.84 21.22 -11.89
N LEU B 494 5.93 20.60 -12.36
CA LEU B 494 5.95 19.15 -12.51
C LEU B 494 6.06 18.43 -11.17
N ASN B 495 6.56 19.08 -10.12
CA ASN B 495 6.62 18.45 -8.82
C ASN B 495 5.22 18.08 -8.32
N TYR B 496 4.29 19.03 -8.39
CA TYR B 496 2.91 18.75 -8.00
C TYR B 496 2.34 17.60 -8.81
N LEU B 497 2.68 17.53 -10.10
CA LEU B 497 2.20 16.41 -10.92
C LEU B 497 2.81 15.11 -10.45
N ALA B 498 4.09 15.12 -10.07
CA ALA B 498 4.73 13.92 -9.53
C ALA B 498 4.01 13.45 -8.28
N GLU B 499 3.57 14.38 -7.45
CA GLU B 499 2.78 14.00 -6.28
C GLU B 499 1.40 13.48 -6.67
N ALA B 500 0.79 14.04 -7.72
CA ALA B 500 -0.58 13.68 -8.05
C ALA B 500 -0.68 12.32 -8.74
N PHE B 501 0.21 12.05 -9.69
CA PHE B 501 0.21 10.76 -10.37
C PHE B 501 1.03 9.71 -9.64
N GLU B 502 1.56 10.05 -8.46
CA GLU B 502 2.33 9.12 -7.64
C GLU B 502 3.45 8.48 -8.43
N VAL B 503 4.22 9.33 -9.10
CA VAL B 503 5.33 8.95 -9.96
C VAL B 503 6.58 9.65 -9.43
N ASN B 504 7.74 9.05 -9.68
CA ASN B 504 9.00 9.65 -9.27
C ASN B 504 9.58 10.45 -10.43
N LEU B 505 9.72 11.75 -10.22
CA LEU B 505 10.27 12.63 -11.24
C LEU B 505 11.79 12.72 -11.10
N HIS B 506 12.49 12.40 -12.19
CA HIS B 506 13.94 12.53 -12.26
C HIS B 506 14.27 13.55 -13.34
N VAL B 507 15.15 14.49 -13.01
CA VAL B 507 15.45 15.61 -13.89
C VAL B 507 16.95 15.60 -14.16
N LEU B 508 17.34 15.14 -15.35
CA LEU B 508 18.72 15.28 -15.78
C LEU B 508 19.01 16.74 -16.06
N ARG B 509 20.23 17.17 -15.76
CA ARG B 509 20.71 18.41 -16.36
C ARG B 509 21.10 18.13 -17.81
N ASN B 510 21.22 19.21 -18.58
CA ASN B 510 21.48 19.04 -20.01
C ASN B 510 22.76 18.28 -20.28
N ASN B 511 23.71 18.32 -19.35
CA ASN B 511 25.00 17.65 -19.50
C ASN B 511 25.19 16.48 -18.53
N SER B 512 24.12 16.05 -17.86
CA SER B 512 24.25 14.96 -16.90
C SER B 512 24.60 13.66 -17.62
N PRO B 513 25.65 12.96 -17.19
CA PRO B 513 25.98 11.67 -17.79
C PRO B 513 25.27 10.51 -17.11
N ILE B 514 25.09 9.44 -17.87
CA ILE B 514 24.47 8.21 -17.40
C ILE B 514 25.45 7.06 -17.58
N GLN B 515 25.70 6.32 -16.51
CA GLN B 515 26.62 5.18 -16.53
C GLN B 515 25.82 3.89 -16.48
N GLU B 516 26.08 3.01 -17.44
CA GLU B 516 25.43 1.71 -17.46
C GLU B 516 26.10 0.77 -16.45
N PHE B 517 25.32 -0.19 -15.96
CA PHE B 517 25.85 -1.21 -15.08
C PHE B 517 24.87 -2.38 -15.03
N VAL B 518 25.40 -3.56 -14.71
CA VAL B 518 24.61 -4.77 -14.63
C VAL B 518 24.00 -4.89 -13.24
N ASP B 519 22.73 -5.26 -13.17
CA ASP B 519 21.98 -5.23 -11.93
C ASP B 519 21.04 -6.42 -11.87
N ILE B 520 20.62 -6.77 -10.65
CA ILE B 520 19.59 -7.79 -10.47
C ILE B 520 18.31 -7.12 -10.02
N MET C 1 -8.62 2.71 58.49
CA MET C 1 -9.67 3.68 58.82
C MET C 1 -10.68 3.79 57.67
N GLN C 2 -11.13 5.03 57.42
CA GLN C 2 -12.14 5.27 56.40
C GLN C 2 -12.04 6.71 55.94
N ILE C 3 -11.96 6.91 54.62
CA ILE C 3 -11.93 8.24 54.02
C ILE C 3 -12.98 8.32 52.93
N PHE C 4 -13.28 9.55 52.52
CA PHE C 4 -14.31 9.85 51.55
C PHE C 4 -13.72 10.56 50.34
N VAL C 5 -14.29 10.32 49.18
CA VAL C 5 -13.83 10.93 47.94
C VAL C 5 -15.04 11.51 47.20
N LYS C 6 -15.09 12.84 47.07
CA LYS C 6 -16.17 13.51 46.37
C LYS C 6 -15.69 14.01 45.02
N THR C 7 -16.50 13.81 43.99
CA THR C 7 -16.21 14.29 42.64
C THR C 7 -17.40 15.12 42.13
N LEU C 8 -17.25 15.64 40.91
CA LEU C 8 -18.24 16.57 40.37
C LEU C 8 -19.58 15.91 40.07
N THR C 9 -19.67 14.59 40.11
CA THR C 9 -20.94 13.92 39.91
C THR C 9 -21.84 13.98 41.13
N GLY C 10 -21.37 14.54 42.24
CA GLY C 10 -22.10 14.50 43.49
C GLY C 10 -22.03 13.18 44.23
N LYS C 11 -21.58 12.12 43.57
CA LYS C 11 -21.40 10.83 44.24
C LYS C 11 -20.17 10.87 45.12
N THR C 12 -20.24 10.18 46.26
CA THR C 12 -19.14 10.11 47.21
C THR C 12 -18.72 8.66 47.40
N ILE C 13 -17.42 8.41 47.33
CA ILE C 13 -16.84 7.08 47.44
C ILE C 13 -16.32 6.88 48.86
N THR C 14 -16.57 5.69 49.40
CA THR C 14 -16.12 5.30 50.74
C THR C 14 -14.95 4.35 50.60
N LEU C 15 -13.80 4.72 51.15
CA LEU C 15 -12.58 3.92 51.01
C LEU C 15 -12.07 3.50 52.38
N GLU C 16 -11.77 2.21 52.52
CA GLU C 16 -11.11 1.69 53.72
C GLU C 16 -9.61 1.70 53.48
N VAL C 17 -8.88 2.33 54.39
CA VAL C 17 -7.53 2.81 54.13
C VAL C 17 -6.75 2.89 55.43
N GLU C 18 -5.42 2.81 55.34
CA GLU C 18 -4.55 3.07 56.48
C GLU C 18 -3.58 4.21 56.16
N PRO C 19 -3.17 5.00 57.16
CA PRO C 19 -2.36 6.20 56.86
C PRO C 19 -1.03 5.92 56.16
N SER C 20 -0.55 4.68 56.18
CA SER C 20 0.66 4.35 55.45
C SER C 20 0.40 4.05 53.98
N ASP C 21 -0.86 3.91 53.58
CA ASP C 21 -1.19 3.75 52.17
C ASP C 21 -0.70 4.94 51.37
N THR C 22 -0.22 4.68 50.15
CA THR C 22 0.23 5.73 49.27
C THR C 22 -0.93 6.25 48.42
N ILE C 23 -0.70 7.39 47.77
CA ILE C 23 -1.70 7.93 46.85
C ILE C 23 -1.95 6.96 45.71
N GLU C 24 -0.89 6.29 45.24
CA GLU C 24 -1.05 5.24 44.25
C GLU C 24 -1.99 4.14 44.76
N ASN C 25 -1.86 3.78 46.04
CA ASN C 25 -2.75 2.79 46.64
C ASN C 25 -4.20 3.27 46.63
N VAL C 26 -4.41 4.54 47.03
CA VAL C 26 -5.77 5.08 47.06
C VAL C 26 -6.37 5.09 45.66
N LYS C 27 -5.59 5.54 44.67
CA LYS C 27 -6.05 5.51 43.29
C LYS C 27 -6.44 4.10 42.86
N ALA C 28 -5.62 3.11 43.22
CA ALA C 28 -5.94 1.73 42.88
C ALA C 28 -7.23 1.28 43.55
N LYS C 29 -7.45 1.70 44.80
CA LYS C 29 -8.68 1.33 45.50
C LYS C 29 -9.90 1.97 44.85
N ILE C 30 -9.77 3.23 44.39
CA ILE C 30 -10.84 3.85 43.62
C ILE C 30 -11.11 3.06 42.36
N GLN C 31 -10.05 2.65 41.65
CA GLN C 31 -10.22 1.83 40.46
C GLN C 31 -10.85 0.47 40.78
N ASP C 32 -10.76 0.01 42.03
CA ASP C 32 -11.46 -1.21 42.38
C ASP C 32 -12.94 -0.94 42.63
N LYS C 33 -13.25 0.14 43.36
CA LYS C 33 -14.65 0.47 43.62
C LYS C 33 -15.34 0.96 42.36
N GLU C 34 -14.85 2.05 41.78
CA GLU C 34 -15.33 2.55 40.50
C GLU C 34 -14.45 1.97 39.39
N GLY C 35 -14.78 2.26 38.14
CA GLY C 35 -13.97 1.70 37.08
C GLY C 35 -12.80 2.55 36.62
N ILE C 36 -12.61 3.72 37.21
CA ILE C 36 -11.78 4.75 36.59
C ILE C 36 -10.31 4.40 36.77
N PRO C 37 -9.51 4.42 35.70
CA PRO C 37 -8.09 4.03 35.82
C PRO C 37 -7.26 5.13 36.45
N PRO C 38 -6.23 4.77 37.22
CA PRO C 38 -5.45 5.79 37.93
C PRO C 38 -4.76 6.80 37.03
N ASP C 39 -4.48 6.47 35.77
CA ASP C 39 -3.81 7.43 34.90
C ASP C 39 -4.71 8.62 34.55
N GLN C 40 -6.01 8.52 34.81
CA GLN C 40 -6.95 9.61 34.57
C GLN C 40 -7.42 10.26 35.87
N GLN C 41 -6.72 10.01 36.98
CA GLN C 41 -7.17 10.39 38.31
C GLN C 41 -6.29 11.52 38.85
N ARG C 42 -6.92 12.57 39.36
CA ARG C 42 -6.25 13.56 40.19
C ARG C 42 -6.95 13.63 41.54
N LEU C 43 -6.19 13.44 42.61
CA LEU C 43 -6.72 13.51 43.97
C LEU C 43 -6.21 14.78 44.64
N ILE C 44 -7.13 15.56 45.19
CA ILE C 44 -6.82 16.83 45.81
C ILE C 44 -7.21 16.78 47.28
N PHE C 45 -6.35 17.35 48.13
CA PHE C 45 -6.64 17.54 49.53
C PHE C 45 -6.09 18.90 49.96
N ALA C 46 -6.97 19.73 50.51
CA ALA C 46 -6.60 21.06 51.00
C ALA C 46 -5.89 21.87 49.91
N GLY C 47 -6.50 21.90 48.72
CA GLY C 47 -5.96 22.66 47.62
C GLY C 47 -4.58 22.26 47.15
N LYS C 48 -4.18 21.01 47.41
CA LYS C 48 -2.89 20.50 47.00
C LYS C 48 -3.08 19.21 46.22
N GLN C 49 -2.45 19.13 45.05
CA GLN C 49 -2.49 17.89 44.27
C GLN C 49 -1.60 16.85 44.93
N LEU C 50 -2.18 15.68 45.24
CA LEU C 50 -1.44 14.64 45.94
C LEU C 50 -0.66 13.79 44.95
N GLU C 51 0.65 13.66 45.19
CA GLU C 51 1.50 12.88 44.31
C GLU C 51 1.58 11.43 44.78
N ASP C 52 1.68 10.52 43.81
CA ASP C 52 1.87 9.11 44.13
C ASP C 52 3.19 8.93 44.89
N GLY C 53 3.26 7.84 45.67
CA GLY C 53 4.44 7.51 46.42
C GLY C 53 4.49 8.09 47.81
N ARG C 54 3.93 9.28 48.02
CA ARG C 54 3.81 9.82 49.36
C ARG C 54 2.55 9.27 50.02
N THR C 55 2.60 9.12 51.34
CA THR C 55 1.55 8.45 52.08
C THR C 55 0.43 9.42 52.43
N LEU C 56 -0.64 8.86 53.00
CA LEU C 56 -1.73 9.69 53.50
C LEU C 56 -1.33 10.44 54.76
N SER C 57 -0.51 9.82 55.61
CA SER C 57 0.03 10.51 56.77
C SER C 57 0.88 11.70 56.38
N ASP C 58 1.51 11.64 55.20
CA ASP C 58 2.33 12.74 54.72
C ASP C 58 1.52 14.00 54.48
N TYR C 59 0.20 13.87 54.29
CA TYR C 59 -0.68 15.01 54.06
C TYR C 59 -1.70 15.22 55.17
N ASN C 60 -1.56 14.50 56.28
CA ASN C 60 -2.50 14.56 57.41
C ASN C 60 -3.89 14.09 57.05
N ILE C 61 -4.04 13.24 56.03
CA ILE C 61 -5.34 12.63 55.78
C ILE C 61 -5.64 11.69 56.95
N GLN C 62 -6.67 12.01 57.72
CA GLN C 62 -7.02 11.24 58.89
C GLN C 62 -8.45 10.72 58.75
N LYS C 63 -8.85 9.92 59.73
CA LYS C 63 -10.13 9.20 59.68
C LYS C 63 -11.28 10.13 59.35
N GLU C 64 -12.11 9.70 58.38
CA GLU C 64 -13.35 10.36 57.99
C GLU C 64 -13.11 11.71 57.29
N SER C 65 -11.92 11.96 56.79
CA SER C 65 -11.71 13.16 55.98
C SER C 65 -12.11 12.88 54.53
N THR C 66 -12.06 13.91 53.69
CA THR C 66 -12.56 13.81 52.32
C THR C 66 -11.60 14.47 51.36
N LEU C 67 -11.45 13.85 50.18
CA LEU C 67 -10.61 14.32 49.10
C LEU C 67 -11.46 14.58 47.86
N HIS C 68 -10.99 15.47 47.00
CA HIS C 68 -11.67 15.73 45.73
C HIS C 68 -11.05 14.87 44.63
N LEU C 69 -11.89 14.15 43.89
CA LEU C 69 -11.43 13.42 42.72
C LEU C 69 -11.80 14.21 41.47
N VAL C 70 -10.82 14.44 40.61
CA VAL C 70 -11.00 15.25 39.40
C VAL C 70 -10.41 14.49 38.22
N LEU C 71 -11.15 14.44 37.13
CA LEU C 71 -10.73 13.71 35.94
C LEU C 71 -9.52 14.38 35.30
N ARG C 72 -8.51 13.57 35.00
CA ARG C 72 -7.39 14.00 34.17
C ARG C 72 -7.69 13.65 32.72
N LEU C 73 -7.61 14.65 31.84
CA LEU C 73 -8.03 14.46 30.46
C LEU C 73 -7.05 13.57 29.70
N ARG C 74 -7.57 12.93 28.65
CA ARG C 74 -6.76 12.31 27.63
C ARG C 74 -7.04 12.97 26.29
N GLY C 75 -6.11 12.78 25.34
CA GLY C 75 -6.26 13.38 24.02
C GLY C 75 -5.49 12.63 22.94
N MET D 1 -3.77 10.12 0.17
CA MET D 1 -3.73 11.20 1.14
C MET D 1 -4.31 10.76 2.48
N GLN D 2 -3.60 11.05 3.57
CA GLN D 2 -4.01 10.61 4.89
C GLN D 2 -4.86 11.69 5.57
N ILE D 3 -6.02 11.27 6.07
CA ILE D 3 -6.90 12.07 6.91
C ILE D 3 -6.99 11.35 8.25
N PHE D 4 -7.18 12.13 9.33
CA PHE D 4 -7.40 11.54 10.64
C PHE D 4 -8.83 11.80 11.08
N VAL D 5 -9.37 10.91 11.91
CA VAL D 5 -10.66 11.14 12.53
C VAL D 5 -10.60 10.69 13.99
N LYS D 6 -11.05 11.58 14.88
CA LYS D 6 -10.87 11.49 16.32
C LYS D 6 -12.21 11.20 16.98
N THR D 7 -12.22 10.30 17.96
CA THR D 7 -13.42 9.99 18.70
C THR D 7 -13.43 10.74 20.03
N LEU D 8 -14.48 10.52 20.82
CA LEU D 8 -14.63 11.27 22.06
C LEU D 8 -13.56 10.90 23.09
N THR D 9 -13.11 9.64 23.10
CA THR D 9 -12.07 9.24 24.02
C THR D 9 -10.68 9.69 23.58
N GLY D 10 -10.57 10.33 22.41
CA GLY D 10 -9.28 10.74 21.88
C GLY D 10 -8.64 9.76 20.94
N LYS D 11 -9.14 8.52 20.85
CA LYS D 11 -8.62 7.57 19.88
C LYS D 11 -8.77 8.12 18.47
N THR D 12 -7.74 7.95 17.66
CA THR D 12 -7.72 8.52 16.32
C THR D 12 -7.46 7.42 15.29
N ILE D 13 -8.15 7.54 14.16
CA ILE D 13 -8.11 6.56 13.08
C ILE D 13 -7.57 7.23 11.83
N THR D 14 -6.73 6.51 11.09
CA THR D 14 -6.12 7.00 9.86
C THR D 14 -6.91 6.49 8.66
N LEU D 15 -7.39 7.40 7.83
CA LEU D 15 -8.10 7.11 6.60
C LEU D 15 -7.24 7.52 5.42
N GLU D 16 -7.33 6.75 4.34
CA GLU D 16 -6.68 7.10 3.07
C GLU D 16 -7.77 7.55 2.11
N VAL D 17 -7.64 8.77 1.60
CA VAL D 17 -8.67 9.42 0.80
C VAL D 17 -8.00 10.27 -0.27
N GLU D 18 -8.83 10.85 -1.13
CA GLU D 18 -8.43 11.85 -2.11
C GLU D 18 -9.28 13.09 -1.93
N PRO D 19 -8.78 14.26 -2.32
CA PRO D 19 -9.58 15.50 -2.18
C PRO D 19 -10.98 15.42 -2.77
N SER D 20 -11.18 14.61 -3.80
CA SER D 20 -12.46 14.52 -4.49
C SER D 20 -13.46 13.59 -3.82
N ASP D 21 -13.13 13.02 -2.66
CA ASP D 21 -14.05 12.11 -2.00
C ASP D 21 -15.19 12.88 -1.35
N THR D 22 -16.40 12.31 -1.44
CA THR D 22 -17.54 12.87 -0.76
C THR D 22 -17.51 12.51 0.72
N ILE D 23 -18.30 13.25 1.50
CA ILE D 23 -18.42 12.92 2.93
C ILE D 23 -19.04 11.54 3.10
N GLU D 24 -19.97 11.17 2.20
CA GLU D 24 -20.53 9.82 2.24
C GLU D 24 -19.44 8.77 2.10
N ASN D 25 -18.45 9.02 1.24
CA ASN D 25 -17.33 8.09 1.09
C ASN D 25 -16.58 7.92 2.40
N VAL D 26 -16.21 9.05 3.02
CA VAL D 26 -15.45 9.01 4.27
C VAL D 26 -16.24 8.27 5.35
N LYS D 27 -17.56 8.51 5.40
CA LYS D 27 -18.39 7.80 6.37
C LYS D 27 -18.43 6.30 6.07
N ALA D 28 -18.34 5.91 4.80
CA ALA D 28 -18.28 4.49 4.47
C ALA D 28 -16.95 3.87 4.91
N LYS D 29 -15.85 4.61 4.73
CA LYS D 29 -14.57 4.13 5.25
C LYS D 29 -14.63 3.95 6.77
N ILE D 30 -15.20 4.93 7.47
CA ILE D 30 -15.34 4.83 8.91
C ILE D 30 -16.20 3.62 9.28
N GLN D 31 -17.24 3.34 8.49
CA GLN D 31 -18.03 2.13 8.72
C GLN D 31 -17.14 0.89 8.58
N ASP D 32 -16.29 0.86 7.56
CA ASP D 32 -15.41 -0.30 7.37
C ASP D 32 -14.48 -0.49 8.57
N LYS D 33 -14.00 0.60 9.16
CA LYS D 33 -13.02 0.46 10.23
C LYS D 33 -13.64 0.24 11.61
N GLU D 34 -14.80 0.83 11.89
CA GLU D 34 -15.38 0.81 13.24
C GLU D 34 -16.80 0.28 13.32
N GLY D 35 -17.46 -0.01 12.21
CA GLY D 35 -18.76 -0.64 12.24
C GLY D 35 -19.94 0.28 12.41
N ILE D 36 -19.72 1.59 12.42
CA ILE D 36 -20.83 2.53 12.61
C ILE D 36 -21.57 2.68 11.28
N PRO D 37 -22.89 2.48 11.25
CA PRO D 37 -23.66 2.82 10.05
C PRO D 37 -23.58 4.31 9.79
N PRO D 38 -23.42 4.71 8.53
CA PRO D 38 -23.24 6.15 8.22
C PRO D 38 -24.34 7.04 8.74
N ASP D 39 -25.56 6.53 8.91
CA ASP D 39 -26.65 7.35 9.44
C ASP D 39 -26.44 7.70 10.90
N GLN D 40 -25.53 7.02 11.58
CA GLN D 40 -25.22 7.33 12.98
C GLN D 40 -23.89 8.07 13.13
N GLN D 41 -23.20 8.33 12.02
CA GLN D 41 -21.95 9.08 12.05
C GLN D 41 -22.22 10.56 11.86
N ARG D 42 -21.53 11.38 12.63
CA ARG D 42 -21.60 12.83 12.53
C ARG D 42 -20.17 13.35 12.49
N LEU D 43 -19.77 13.91 11.38
CA LEU D 43 -18.41 14.38 11.23
C LEU D 43 -18.34 15.87 11.29
N ILE D 44 -17.34 16.40 11.99
CA ILE D 44 -17.18 17.82 12.15
C ILE D 44 -15.72 18.17 11.88
N PHE D 45 -15.45 19.19 11.07
CA PHE D 45 -14.08 19.61 10.81
C PHE D 45 -13.61 20.61 11.85
N ALA D 46 -13.94 21.88 11.65
CA ALA D 46 -13.57 22.86 12.65
C ALA D 46 -14.80 23.58 13.11
N GLY D 47 -15.69 22.87 13.78
CA GLY D 47 -16.91 23.46 14.24
C GLY D 47 -18.01 23.29 13.23
N LYS D 48 -17.62 23.05 12.00
CA LYS D 48 -18.60 22.93 10.94
C LYS D 48 -19.01 21.51 10.72
N GLN D 49 -20.29 21.22 10.82
CA GLN D 49 -20.75 19.88 10.49
C GLN D 49 -20.59 19.61 9.00
N LEU D 50 -20.29 18.36 8.66
CA LEU D 50 -20.02 17.97 7.29
C LEU D 50 -21.25 17.34 6.67
N GLU D 51 -21.53 17.70 5.42
CA GLU D 51 -22.74 17.28 4.73
C GLU D 51 -22.40 16.23 3.67
N ASP D 52 -23.23 15.17 3.63
CA ASP D 52 -23.06 14.14 2.60
C ASP D 52 -23.29 14.74 1.22
N GLY D 53 -22.54 14.23 0.24
CA GLY D 53 -22.59 14.74 -1.11
C GLY D 53 -21.58 15.82 -1.40
N ARG D 54 -21.23 16.64 -0.41
CA ARG D 54 -20.14 17.59 -0.57
C ARG D 54 -18.81 16.87 -0.46
N THR D 55 -17.79 17.45 -1.07
CA THR D 55 -16.50 16.78 -1.22
C THR D 55 -15.49 17.25 -0.16
N LEU D 56 -14.43 16.45 0.01
CA LEU D 56 -13.42 16.76 1.01
C LEU D 56 -12.73 18.10 0.72
N SER D 57 -12.56 18.44 -0.55
CA SER D 57 -11.95 19.72 -0.91
C SER D 57 -12.96 20.86 -0.88
N ASP D 58 -14.25 20.58 -0.77
CA ASP D 58 -15.23 21.65 -0.56
C ASP D 58 -15.07 22.27 0.82
N TYR D 59 -14.64 21.50 1.80
CA TYR D 59 -14.30 22.00 3.12
C TYR D 59 -12.83 22.34 3.26
N ASN D 60 -12.05 22.19 2.18
CA ASN D 60 -10.59 22.38 2.18
C ASN D 60 -9.92 21.52 3.24
N ILE D 61 -10.35 20.26 3.31
CA ILE D 61 -9.72 19.29 4.21
C ILE D 61 -8.51 18.71 3.50
N GLN D 62 -7.32 19.00 4.02
CA GLN D 62 -6.06 18.67 3.37
C GLN D 62 -5.36 17.54 4.12
N LYS D 63 -4.22 17.12 3.58
CA LYS D 63 -3.51 15.97 4.13
C LYS D 63 -3.19 16.18 5.60
N GLU D 64 -3.50 15.16 6.41
CA GLU D 64 -3.24 15.11 7.84
C GLU D 64 -4.09 16.11 8.63
N SER D 65 -5.17 16.60 8.06
CA SER D 65 -6.19 17.28 8.85
C SER D 65 -6.98 16.25 9.64
N THR D 66 -7.60 16.71 10.72
CA THR D 66 -8.31 15.83 11.65
C THR D 66 -9.77 16.23 11.73
N LEU D 67 -10.66 15.27 11.46
CA LEU D 67 -12.09 15.41 11.66
C LEU D 67 -12.47 14.82 13.01
N HIS D 68 -13.60 15.28 13.53
CA HIS D 68 -14.15 14.82 14.80
C HIS D 68 -15.41 14.00 14.52
N LEU D 69 -15.43 12.77 15.03
CA LEU D 69 -16.55 11.85 14.85
C LEU D 69 -17.38 11.80 16.13
N VAL D 70 -18.71 11.88 15.98
CA VAL D 70 -19.62 11.73 17.11
C VAL D 70 -20.80 10.87 16.68
N LEU D 71 -21.37 10.14 17.65
CA LEU D 71 -22.51 9.27 17.40
C LEU D 71 -23.81 10.06 17.51
N ARG D 72 -24.83 9.60 16.78
CA ARG D 72 -26.08 10.35 16.66
C ARG D 72 -27.25 9.39 16.91
N LEU D 73 -28.46 9.87 16.62
CA LEU D 73 -29.67 9.07 16.71
C LEU D 73 -29.87 8.23 15.44
N MET E 1 -7.83 -45.94 -40.76
CA MET E 1 -8.98 -46.77 -40.41
C MET E 1 -10.18 -45.92 -40.01
N GLN E 2 -11.33 -46.57 -39.87
CA GLN E 2 -12.58 -45.91 -39.52
C GLN E 2 -12.97 -46.33 -38.11
N ILE E 3 -13.05 -45.36 -37.20
CA ILE E 3 -13.38 -45.59 -35.81
C ILE E 3 -14.69 -44.88 -35.49
N PHE E 4 -15.20 -45.09 -34.27
CA PHE E 4 -16.39 -44.42 -33.81
C PHE E 4 -16.12 -43.76 -32.47
N VAL E 5 -16.84 -42.66 -32.20
CA VAL E 5 -16.91 -42.09 -30.87
C VAL E 5 -18.38 -42.01 -30.47
N LYS E 6 -18.67 -42.51 -29.28
CA LYS E 6 -20.03 -42.61 -28.76
C LYS E 6 -20.26 -41.57 -27.68
N THR E 7 -21.52 -41.19 -27.53
CA THR E 7 -21.94 -40.12 -26.65
C THR E 7 -22.90 -40.71 -25.61
N LEU E 8 -22.96 -40.09 -24.43
CA LEU E 8 -23.89 -40.54 -23.42
C LEU E 8 -25.36 -40.36 -23.84
N THR E 9 -25.62 -39.71 -24.98
CA THR E 9 -26.90 -39.79 -25.68
C THR E 9 -26.92 -40.93 -26.70
N GLY E 10 -25.96 -41.85 -26.63
CA GLY E 10 -25.95 -42.97 -27.54
C GLY E 10 -25.52 -42.61 -28.95
N LYS E 11 -25.51 -41.32 -29.27
CA LYS E 11 -25.13 -40.88 -30.61
C LYS E 11 -23.69 -41.26 -30.90
N THR E 12 -23.44 -41.76 -32.11
CA THR E 12 -22.11 -42.15 -32.53
C THR E 12 -21.69 -41.34 -33.75
N ILE E 13 -20.41 -40.96 -33.77
CA ILE E 13 -19.76 -40.36 -34.92
C ILE E 13 -18.80 -41.41 -35.50
N THR E 14 -18.69 -41.41 -36.82
CA THR E 14 -17.69 -42.19 -37.53
C THR E 14 -16.56 -41.25 -37.97
N LEU E 15 -15.32 -41.66 -37.73
CA LEU E 15 -14.15 -40.83 -37.99
C LEU E 15 -13.13 -41.62 -38.79
N GLU E 16 -12.71 -41.08 -39.92
CA GLU E 16 -11.58 -41.60 -40.70
C GLU E 16 -10.29 -41.12 -40.04
N VAL E 17 -9.52 -42.03 -39.45
CA VAL E 17 -8.30 -41.68 -38.75
C VAL E 17 -7.22 -42.71 -39.08
N GLU E 18 -5.97 -42.33 -38.86
CA GLU E 18 -4.85 -43.24 -39.02
C GLU E 18 -4.12 -43.44 -37.70
N PRO E 19 -3.54 -44.62 -37.44
CA PRO E 19 -2.96 -44.89 -36.12
C PRO E 19 -1.88 -43.91 -35.71
N SER E 20 -1.20 -43.28 -36.66
CA SER E 20 -0.15 -42.32 -36.32
C SER E 20 -0.70 -41.02 -35.76
N ASP E 21 -2.01 -40.81 -35.81
CA ASP E 21 -2.60 -39.54 -35.40
C ASP E 21 -2.49 -39.36 -33.89
N THR E 22 -2.78 -38.14 -33.43
CA THR E 22 -2.76 -37.82 -32.01
C THR E 22 -4.18 -37.69 -31.49
N ILE E 23 -4.31 -37.77 -30.16
CA ILE E 23 -5.62 -37.55 -29.55
C ILE E 23 -6.07 -36.10 -29.74
N GLU E 24 -5.11 -35.17 -29.70
CA GLU E 24 -5.39 -33.79 -30.13
C GLU E 24 -5.93 -33.77 -31.56
N ASN E 25 -5.35 -34.58 -32.45
CA ASN E 25 -5.82 -34.64 -33.83
C ASN E 25 -7.24 -35.20 -33.90
N VAL E 26 -7.53 -36.26 -33.15
CA VAL E 26 -8.88 -36.83 -33.16
C VAL E 26 -9.88 -35.81 -32.62
N LYS E 27 -9.48 -35.03 -31.62
CA LYS E 27 -10.37 -33.98 -31.13
C LYS E 27 -10.61 -32.92 -32.19
N ALA E 28 -9.57 -32.58 -32.96
CA ALA E 28 -9.78 -31.64 -34.07
C ALA E 28 -10.75 -32.21 -35.10
N LYS E 29 -10.66 -33.52 -35.37
CA LYS E 29 -11.59 -34.13 -36.32
C LYS E 29 -13.01 -34.12 -35.78
N ILE E 30 -13.18 -34.40 -34.49
CA ILE E 30 -14.50 -34.33 -33.86
C ILE E 30 -15.05 -32.91 -33.96
N GLN E 31 -14.18 -31.91 -33.81
CA GLN E 31 -14.62 -30.53 -33.96
C GLN E 31 -15.05 -30.23 -35.39
N ASP E 32 -14.28 -30.73 -36.37
CA ASP E 32 -14.63 -30.50 -37.77
C ASP E 32 -15.96 -31.15 -38.14
N LYS E 33 -16.30 -32.27 -37.50
CA LYS E 33 -17.56 -32.94 -37.84
C LYS E 33 -18.74 -32.38 -37.05
N GLU E 34 -18.59 -32.23 -35.74
CA GLU E 34 -19.72 -31.95 -34.86
C GLU E 34 -19.73 -30.56 -34.26
N GLY E 35 -18.57 -29.91 -34.12
CA GLY E 35 -18.52 -28.56 -33.59
C GLY E 35 -18.10 -28.44 -32.15
N ILE E 36 -17.88 -29.56 -31.45
CA ILE E 36 -17.44 -29.50 -30.05
C ILE E 36 -16.04 -28.92 -30.01
N PRO E 37 -15.82 -27.81 -29.31
CA PRO E 37 -14.45 -27.31 -29.13
C PRO E 37 -13.63 -28.30 -28.32
N PRO E 38 -12.39 -28.57 -28.74
CA PRO E 38 -11.57 -29.57 -28.02
C PRO E 38 -11.38 -29.24 -26.55
N ASP E 39 -11.52 -27.98 -26.16
CA ASP E 39 -11.40 -27.62 -24.75
C ASP E 39 -12.53 -28.22 -23.90
N GLN E 40 -13.66 -28.57 -24.51
CA GLN E 40 -14.79 -29.18 -23.81
C GLN E 40 -14.95 -30.66 -24.16
N GLN E 41 -13.87 -31.31 -24.58
CA GLN E 41 -13.91 -32.67 -25.08
C GLN E 41 -13.05 -33.54 -24.19
N ARG E 42 -13.60 -34.68 -23.76
CA ARG E 42 -12.83 -35.72 -23.09
C ARG E 42 -13.07 -37.03 -23.79
N LEU E 43 -11.99 -37.76 -24.08
CA LEU E 43 -12.06 -39.02 -24.79
C LEU E 43 -11.59 -40.15 -23.88
N ILE E 44 -12.41 -41.18 -23.74
CA ILE E 44 -12.13 -42.35 -22.92
C ILE E 44 -12.17 -43.59 -23.80
N PHE E 45 -11.10 -44.38 -23.76
CA PHE E 45 -11.04 -45.67 -24.43
C PHE E 45 -10.67 -46.73 -23.42
N ALA E 46 -11.52 -47.76 -23.31
CA ALA E 46 -11.31 -48.86 -22.36
C ALA E 46 -11.05 -48.33 -20.95
N GLY E 47 -11.89 -47.38 -20.53
CA GLY E 47 -11.83 -46.85 -19.18
C GLY E 47 -10.62 -46.01 -18.85
N LYS E 48 -9.99 -45.39 -19.86
CA LYS E 48 -8.80 -44.59 -19.64
C LYS E 48 -8.98 -43.21 -20.24
N GLN E 49 -8.52 -42.18 -19.52
CA GLN E 49 -8.53 -40.82 -20.03
C GLN E 49 -7.38 -40.64 -21.01
N LEU E 50 -7.70 -40.16 -22.21
CA LEU E 50 -6.73 -40.09 -23.30
C LEU E 50 -6.02 -38.73 -23.31
N GLU E 51 -4.69 -38.77 -23.34
CA GLU E 51 -3.88 -37.56 -23.29
C GLU E 51 -3.70 -36.97 -24.68
N ASP E 52 -3.73 -35.67 -24.78
CA ASP E 52 -3.64 -35.01 -26.06
C ASP E 52 -2.46 -35.40 -26.92
N GLY E 53 -1.29 -35.51 -26.31
CA GLY E 53 -0.08 -35.80 -27.03
C GLY E 53 0.26 -37.21 -27.45
N ARG E 54 -0.41 -38.19 -26.88
CA ARG E 54 -0.15 -39.56 -27.23
C ARG E 54 -0.88 -39.96 -28.51
N THR E 55 -0.63 -41.17 -28.99
CA THR E 55 -1.22 -41.59 -30.23
C THR E 55 -2.08 -42.82 -30.20
N LEU E 56 -3.09 -42.84 -31.05
CA LEU E 56 -4.02 -43.96 -31.08
C LEU E 56 -3.29 -45.29 -30.99
N SER E 57 -2.10 -45.38 -31.59
CA SER E 57 -1.30 -46.59 -31.45
C SER E 57 -0.81 -46.78 -30.02
N ASP E 58 -0.56 -45.69 -29.29
CA ASP E 58 -0.10 -45.80 -27.91
C ASP E 58 -1.13 -46.52 -27.04
N TYR E 59 -2.42 -46.28 -27.28
CA TYR E 59 -3.47 -46.94 -26.53
C TYR E 59 -4.06 -48.14 -27.27
N ASN E 60 -3.45 -48.55 -28.38
CA ASN E 60 -3.90 -49.72 -29.13
C ASN E 60 -5.33 -49.58 -29.64
N ILE E 61 -5.69 -48.37 -30.08
CA ILE E 61 -6.98 -48.21 -30.74
C ILE E 61 -6.88 -48.82 -32.13
N GLN E 62 -7.76 -49.76 -32.43
CA GLN E 62 -7.75 -50.46 -33.70
C GLN E 62 -8.94 -50.04 -34.54
N LYS E 63 -9.00 -50.58 -35.75
CA LYS E 63 -10.11 -50.31 -36.64
C LYS E 63 -11.43 -50.68 -35.98
N GLU E 64 -12.40 -49.78 -36.07
CA GLU E 64 -13.73 -49.95 -35.46
C GLU E 64 -13.66 -50.09 -33.95
N SER E 65 -12.62 -49.54 -33.33
CA SER E 65 -12.66 -49.34 -31.89
C SER E 65 -13.69 -48.26 -31.57
N THR E 66 -14.30 -48.37 -30.41
CA THR E 66 -15.25 -47.37 -29.93
C THR E 66 -14.58 -46.54 -28.85
N LEU E 67 -14.51 -45.24 -29.07
CA LEU E 67 -14.11 -44.29 -28.04
C LEU E 67 -15.37 -43.64 -27.47
N HIS E 68 -15.23 -43.01 -26.31
CA HIS E 68 -16.34 -42.34 -25.66
C HIS E 68 -15.99 -40.87 -25.47
N LEU E 69 -16.93 -39.98 -25.79
CA LEU E 69 -16.69 -38.55 -25.73
C LEU E 69 -17.64 -37.94 -24.71
N VAL E 70 -17.07 -37.32 -23.67
CA VAL E 70 -17.83 -36.71 -22.58
C VAL E 70 -17.50 -35.22 -22.54
N LEU E 71 -18.51 -34.42 -22.18
CA LEU E 71 -18.36 -32.97 -22.13
C LEU E 71 -17.57 -32.56 -20.90
N ARG E 72 -16.43 -31.89 -21.12
CA ARG E 72 -15.79 -31.13 -20.06
C ARG E 72 -16.64 -29.90 -19.74
N LEU E 73 -17.04 -29.77 -18.48
CA LEU E 73 -17.95 -28.70 -18.11
C LEU E 73 -17.24 -27.34 -18.07
N ARG E 74 -17.98 -26.30 -18.45
CA ARG E 74 -17.55 -24.92 -18.26
C ARG E 74 -18.09 -24.39 -16.93
N GLY E 75 -17.52 -23.29 -16.46
CA GLY E 75 -17.93 -22.69 -15.21
C GLY E 75 -17.66 -21.21 -15.08
N MET F 1 -22.86 -1.96 -4.40
CA MET F 1 -22.91 -3.41 -4.23
C MET F 1 -22.88 -4.11 -5.58
N GLN F 2 -21.84 -4.93 -5.79
CA GLN F 2 -21.59 -5.58 -7.07
C GLN F 2 -22.22 -6.96 -7.10
N ILE F 3 -23.18 -7.16 -7.98
CA ILE F 3 -23.79 -8.47 -8.16
C ILE F 3 -23.41 -9.02 -9.53
N PHE F 4 -23.33 -10.33 -9.63
CA PHE F 4 -22.98 -11.00 -10.87
C PHE F 4 -24.18 -11.79 -11.37
N VAL F 5 -24.42 -11.79 -12.67
CA VAL F 5 -25.39 -12.72 -13.21
C VAL F 5 -24.71 -13.59 -14.24
N LYS F 6 -25.05 -14.88 -14.21
CA LYS F 6 -24.33 -15.96 -14.85
C LYS F 6 -25.30 -16.71 -15.76
N THR F 7 -24.91 -16.86 -17.03
CA THR F 7 -25.70 -17.63 -17.98
C THR F 7 -25.33 -19.10 -17.88
N LEU F 8 -26.00 -19.95 -18.67
CA LEU F 8 -25.73 -21.38 -18.59
C LEU F 8 -24.42 -21.79 -19.26
N THR F 9 -23.72 -20.85 -19.91
CA THR F 9 -22.39 -21.11 -20.44
C THR F 9 -21.29 -20.80 -19.44
N GLY F 10 -21.65 -20.26 -18.26
CA GLY F 10 -20.68 -19.76 -17.32
C GLY F 10 -20.34 -18.30 -17.48
N LYS F 11 -20.73 -17.67 -18.59
CA LYS F 11 -20.44 -16.26 -18.80
C LYS F 11 -21.14 -15.41 -17.74
N THR F 12 -20.37 -14.53 -17.12
CA THR F 12 -20.86 -13.67 -16.05
C THR F 12 -20.71 -12.22 -16.43
N ILE F 13 -21.68 -11.40 -16.04
CA ILE F 13 -21.50 -9.96 -16.13
C ILE F 13 -21.76 -9.36 -14.77
N THR F 14 -21.22 -8.16 -14.57
CA THR F 14 -21.28 -7.44 -13.31
C THR F 14 -22.28 -6.30 -13.41
N LEU F 15 -23.04 -6.11 -12.33
CA LEU F 15 -24.07 -5.08 -12.22
C LEU F 15 -23.87 -4.36 -10.89
N GLU F 16 -23.99 -3.03 -10.91
CA GLU F 16 -23.90 -2.22 -9.71
C GLU F 16 -25.32 -1.88 -9.27
N VAL F 17 -25.73 -2.42 -8.12
CA VAL F 17 -27.10 -2.30 -7.63
C VAL F 17 -27.06 -2.05 -6.12
N GLU F 18 -28.23 -1.73 -5.57
CA GLU F 18 -28.44 -1.53 -4.14
C GLU F 18 -29.44 -2.56 -3.62
N PRO F 19 -29.38 -2.91 -2.33
CA PRO F 19 -30.34 -3.89 -1.80
C PRO F 19 -31.78 -3.45 -1.96
N SER F 20 -32.05 -2.15 -1.90
CA SER F 20 -33.41 -1.64 -2.09
C SER F 20 -33.93 -1.86 -3.50
N ASP F 21 -33.08 -2.22 -4.45
CA ASP F 21 -33.52 -2.47 -5.82
C ASP F 21 -34.41 -3.70 -5.87
N THR F 22 -35.41 -3.64 -6.75
CA THR F 22 -36.27 -4.77 -7.02
C THR F 22 -35.81 -5.48 -8.29
N ILE F 23 -36.34 -6.70 -8.48
CA ILE F 23 -35.91 -7.54 -9.59
C ILE F 23 -36.30 -6.93 -10.94
N GLU F 24 -37.30 -6.05 -10.97
CA GLU F 24 -37.59 -5.30 -12.19
C GLU F 24 -36.39 -4.46 -12.61
N ASN F 25 -35.85 -3.67 -11.68
CA ASN F 25 -34.70 -2.82 -11.99
C ASN F 25 -33.55 -3.64 -12.56
N VAL F 26 -33.21 -4.76 -11.90
CA VAL F 26 -32.16 -5.64 -12.37
C VAL F 26 -32.47 -6.12 -13.78
N LYS F 27 -33.67 -6.68 -13.99
CA LYS F 27 -34.05 -7.19 -15.30
C LYS F 27 -33.88 -6.13 -16.38
N ALA F 28 -34.18 -4.87 -16.06
CA ALA F 28 -33.94 -3.79 -17.00
C ALA F 28 -32.46 -3.61 -17.27
N LYS F 29 -31.62 -3.70 -16.23
CA LYS F 29 -30.17 -3.60 -16.45
C LYS F 29 -29.68 -4.71 -17.38
N ILE F 30 -30.04 -5.96 -17.08
CA ILE F 30 -29.71 -7.09 -17.95
C ILE F 30 -30.16 -6.81 -19.37
N GLN F 31 -31.36 -6.25 -19.53
CA GLN F 31 -31.80 -5.90 -20.87
C GLN F 31 -30.89 -4.86 -21.52
N ASP F 32 -30.34 -3.94 -20.73
CA ASP F 32 -29.47 -2.93 -21.29
C ASP F 32 -28.16 -3.54 -21.80
N LYS F 33 -27.58 -4.48 -21.04
CA LYS F 33 -26.28 -5.01 -21.45
C LYS F 33 -26.37 -6.20 -22.41
N GLU F 34 -27.45 -6.99 -22.34
CA GLU F 34 -27.56 -8.20 -23.14
C GLU F 34 -28.79 -8.24 -24.05
N GLY F 35 -29.70 -7.28 -23.94
CA GLY F 35 -30.78 -7.14 -24.89
C GLY F 35 -32.03 -7.95 -24.59
N ILE F 36 -31.96 -8.95 -23.71
CA ILE F 36 -33.11 -9.80 -23.44
C ILE F 36 -34.17 -9.02 -22.68
N PRO F 37 -35.41 -8.93 -23.17
CA PRO F 37 -36.43 -8.20 -22.43
C PRO F 37 -36.86 -8.97 -21.19
N PRO F 38 -37.28 -8.25 -20.14
CA PRO F 38 -37.59 -8.93 -18.87
C PRO F 38 -38.61 -10.05 -18.99
N ASP F 39 -39.43 -10.07 -20.04
CA ASP F 39 -40.40 -11.16 -20.18
C ASP F 39 -39.70 -12.51 -20.26
N GLN F 40 -38.60 -12.58 -21.01
CA GLN F 40 -37.90 -13.83 -21.26
C GLN F 40 -36.73 -14.05 -20.31
N GLN F 41 -36.52 -13.13 -19.37
CA GLN F 41 -35.53 -13.32 -18.31
C GLN F 41 -36.18 -14.03 -17.13
N ARG F 42 -35.51 -15.05 -16.64
CA ARG F 42 -35.92 -15.76 -15.42
C ARG F 42 -34.68 -15.91 -14.56
N LEU F 43 -34.70 -15.27 -13.39
CA LEU F 43 -33.55 -15.21 -12.50
C LEU F 43 -33.76 -16.15 -11.33
N ILE F 44 -32.68 -16.79 -10.89
CA ILE F 44 -32.74 -17.75 -9.79
C ILE F 44 -31.57 -17.50 -8.86
N PHE F 45 -31.85 -17.44 -7.55
CA PHE F 45 -30.81 -17.43 -6.53
C PHE F 45 -31.09 -18.53 -5.52
N ALA F 46 -30.04 -19.29 -5.19
CA ALA F 46 -30.12 -20.34 -4.18
C ALA F 46 -31.26 -21.31 -4.44
N GLY F 47 -31.45 -21.66 -5.72
CA GLY F 47 -32.50 -22.59 -6.11
C GLY F 47 -33.91 -22.07 -5.95
N LYS F 48 -34.08 -20.83 -5.51
CA LYS F 48 -35.38 -20.19 -5.49
C LYS F 48 -35.57 -19.40 -6.78
N GLN F 49 -36.73 -19.55 -7.40
CA GLN F 49 -37.09 -18.64 -8.46
C GLN F 49 -37.38 -17.26 -7.88
N LEU F 50 -36.96 -16.23 -8.60
CA LEU F 50 -37.00 -14.85 -8.15
C LEU F 50 -38.01 -14.06 -8.99
N GLU F 51 -38.94 -13.41 -8.29
CA GLU F 51 -40.01 -12.69 -8.96
C GLU F 51 -39.94 -11.20 -8.88
N ASP F 52 -40.16 -10.54 -10.00
CA ASP F 52 -40.11 -9.10 -10.03
C ASP F 52 -41.09 -8.53 -9.05
N GLY F 53 -40.60 -7.77 -8.08
CA GLY F 53 -41.48 -7.24 -7.08
C GLY F 53 -40.85 -7.19 -5.72
N ARG F 54 -40.38 -8.33 -5.23
CA ARG F 54 -39.67 -8.33 -3.97
C ARG F 54 -38.26 -7.87 -4.26
N THR F 55 -37.53 -7.49 -3.23
CA THR F 55 -36.22 -6.94 -3.47
C THR F 55 -35.03 -7.84 -3.17
N LEU F 56 -33.84 -7.39 -3.58
CA LEU F 56 -32.62 -8.13 -3.32
C LEU F 56 -32.47 -8.46 -1.84
N SER F 57 -32.74 -7.49 -0.98
CA SER F 57 -32.58 -7.70 0.47
C SER F 57 -33.56 -8.73 1.00
N ASP F 58 -34.71 -8.89 0.35
CA ASP F 58 -35.68 -9.88 0.80
C ASP F 58 -35.23 -11.29 0.42
N TYR F 59 -34.71 -11.47 -0.80
CA TYR F 59 -34.06 -12.72 -1.17
C TYR F 59 -32.66 -12.85 -0.60
N ASN F 60 -32.19 -11.83 0.14
CA ASN F 60 -30.90 -11.85 0.84
C ASN F 60 -29.72 -11.82 -0.13
N ILE F 61 -29.80 -10.98 -1.16
CA ILE F 61 -28.69 -10.80 -2.09
C ILE F 61 -27.65 -9.90 -1.43
N GLN F 62 -26.47 -10.46 -1.18
CA GLN F 62 -25.43 -9.81 -0.40
C GLN F 62 -24.38 -9.17 -1.31
N LYS F 63 -23.17 -8.95 -0.79
CA LYS F 63 -22.20 -8.06 -1.44
C LYS F 63 -21.88 -8.53 -2.85
N GLU F 64 -21.31 -9.73 -2.99
CA GLU F 64 -20.86 -10.22 -4.30
C GLU F 64 -21.58 -11.50 -4.69
N SER F 65 -22.90 -11.53 -4.55
CA SER F 65 -23.67 -12.73 -4.84
C SER F 65 -23.81 -12.93 -6.35
N THR F 66 -24.09 -14.18 -6.74
CA THR F 66 -24.21 -14.55 -8.14
C THR F 66 -25.60 -15.14 -8.38
N LEU F 67 -26.27 -14.63 -9.42
CA LEU F 67 -27.61 -15.06 -9.80
C LEU F 67 -27.55 -15.79 -11.13
N HIS F 68 -28.52 -16.67 -11.36
CA HIS F 68 -28.59 -17.44 -12.59
C HIS F 68 -29.62 -16.83 -13.53
N LEU F 69 -29.23 -16.65 -14.78
CA LEU F 69 -30.10 -16.12 -15.83
C LEU F 69 -30.45 -17.24 -16.80
N VAL F 70 -31.75 -17.45 -17.03
CA VAL F 70 -32.22 -18.44 -17.99
C VAL F 70 -33.44 -17.89 -18.70
N LEU F 71 -33.73 -18.48 -19.86
CA LEU F 71 -34.84 -17.99 -20.68
C LEU F 71 -36.05 -18.93 -20.62
C2 AYE G . -5.41 14.02 20.19
C3 AYE G . -5.03 13.84 18.95
C1 AYE G . -6.47 13.12 20.80
N1 AYE G . -5.95 12.51 22.02
C2 AYE H . -17.65 -18.88 -12.85
C3 AYE H . -16.93 -17.81 -12.61
C1 AYE H . -18.77 -18.82 -13.88
N1 AYE H . -18.57 -19.87 -14.88
#